data_3KYH
#
_entry.id   3KYH
#
_cell.length_a   165.993
_cell.length_b   165.993
_cell.length_c   172.355
_cell.angle_alpha   90.00
_cell.angle_beta   90.00
_cell.angle_gamma   120.00
#
_symmetry.space_group_name_H-M   'P 63'
#
loop_
_entity.id
_entity.type
_entity.pdbx_description
1 polymer 'mRNA-capping enzyme subunit beta'
2 polymer 'mRNA-capping enzyme subunit alpha'
#
loop_
_entity_poly.entity_id
_entity_poly.type
_entity_poly.pdbx_seq_one_letter_code
_entity_poly.pdbx_strand_id
1 'polypeptide(L)'
;MYKNVPIWAQKWKPTIKALQSINVKDLKIDPSFLNIIPDDDLTKSVQDWVYATIYSIAPELRSFIELEMKFGVIIDAKGP
DRVNPPVSSQCVFTELDAHLTPNIDASLFKELSKYIRGISEVTENTGKFSIIESQTRDSVYRVGLSTQRPRFLRMSTDIK
TGRVGQFIEKRHVAQLLLYSPKDSYDVKISLNLELPVPDNDPPEKYKSQSPISERTKDRVSYIHNDSCTRIDITKVENHN
QNSKSRQSETTHEVELEINTPALLNAFDNITNDSKEYASLIRTFLNNGTIIRRKLSSLSYEIFEGSKKVM
;
A,B
2 'polypeptide(L)'
;SLMVLAMESRVAPEIPGLIQPGNVTQDLKMMVCKLLNSPKPTKTFPGSQPVSFQHSDVEEKLLAHDYYVCEKTDGLRVLM
FIVINPVTGEQGCFMIDRENNYYLVNGFRFPRLPQKKKEELLETLQDGTLLDGELVIQTNPMTKLQELRYLMFDCLAING
RCLTQSPTSSRLAHLGKEFFKPYFDLRAAYPNRCTTFPFKISMKHMDFSYQLVKVAKSLDKLPHLSDGLIFTPVKAPYTA
GGKDSLLLKWKPEQENTVDFKLILDIPMVEDPSLPKDDRNRWYYNYDVKPVFSLYVWQGGADVNSRLKHFDQPFDRKEFE
ILERTYRKFAELSVSDEEWQNLKNLEQPLNGRIVECAKNQETGAWEMLRFRDDKLNGNHTSVVQKVLESINDSVSLEDLE
EIVGDIKRCWDERRANMAGGSGRPLPSQSQNATLSTSKPVHSQPPSNDKEPKYVDEDDWSD
;
C,D
#
# COMPACT_ATOMS: atom_id res chain seq x y z
N PRO A 6 23.30 42.46 -17.26
CA PRO A 6 22.09 42.69 -16.46
C PRO A 6 20.89 41.73 -16.74
N ILE A 7 19.67 42.26 -16.70
CA ILE A 7 18.40 41.51 -16.80
C ILE A 7 18.00 40.89 -18.15
N TRP A 8 18.14 41.62 -19.26
CA TRP A 8 17.95 41.04 -20.61
C TRP A 8 18.96 39.91 -20.86
N ALA A 9 20.10 40.01 -20.17
CA ALA A 9 21.12 38.97 -20.22
C ALA A 9 20.70 37.81 -19.33
N GLN A 10 20.28 38.10 -18.10
CA GLN A 10 19.92 37.09 -17.08
C GLN A 10 19.03 35.96 -17.59
N LYS A 11 19.37 34.73 -17.20
CA LYS A 11 18.57 33.55 -17.55
C LYS A 11 17.16 33.62 -16.97
N TRP A 12 16.13 33.56 -17.82
CA TRP A 12 14.74 33.50 -17.35
C TRP A 12 14.67 32.45 -16.25
N LYS A 13 14.55 32.97 -15.03
CA LYS A 13 14.34 32.19 -13.82
C LYS A 13 12.85 31.97 -13.49
N PRO A 14 11.92 32.69 -14.17
CA PRO A 14 10.52 32.27 -13.97
C PRO A 14 10.16 30.96 -14.70
N THR A 15 11.13 30.04 -14.78
CA THR A 15 10.97 28.74 -15.44
C THR A 15 10.37 27.76 -14.43
N ILE A 16 9.38 28.25 -13.68
CA ILE A 16 8.85 27.57 -12.50
C ILE A 16 7.35 27.82 -12.32
N LYS A 17 6.85 28.97 -12.78
CA LYS A 17 5.42 29.31 -12.64
C LYS A 17 4.55 28.51 -13.59
N ALA A 18 5.22 27.90 -14.58
CA ALA A 18 4.66 26.89 -15.45
C ALA A 18 5.68 25.77 -15.60
N LEU A 19 6.33 25.42 -14.48
CA LEU A 19 7.30 24.33 -14.43
C LEU A 19 6.59 23.01 -14.12
N GLN A 20 5.45 23.12 -13.43
CA GLN A 20 4.62 21.96 -13.06
C GLN A 20 4.31 20.98 -14.19
N SER A 21 4.21 21.48 -15.43
CA SER A 21 4.10 20.61 -16.59
C SER A 21 5.48 20.18 -17.15
N ILE A 22 5.92 19.00 -16.68
CA ILE A 22 7.13 18.34 -17.20
C ILE A 22 6.74 17.51 -18.42
N ILE A 29 7.38 9.97 -9.60
CA ILE A 29 6.10 10.16 -8.84
C ILE A 29 6.22 9.79 -7.35
N ASP A 30 7.30 10.24 -6.71
CA ASP A 30 7.49 10.16 -5.27
C ASP A 30 6.18 10.12 -4.48
N PRO A 31 5.94 9.08 -3.63
CA PRO A 31 4.64 8.88 -2.95
C PRO A 31 4.38 9.88 -1.81
N SER A 32 4.90 11.10 -2.02
CA SER A 32 4.81 12.28 -1.14
C SER A 32 5.93 13.31 -1.47
N PHE A 33 5.85 14.53 -0.92
CA PHE A 33 6.96 15.50 -0.92
C PHE A 33 7.97 15.14 0.18
N LEU A 34 8.05 13.83 0.42
CA LEU A 34 8.89 13.26 1.46
C LEU A 34 9.54 11.97 1.04
N ASN A 35 8.78 11.24 0.24
CA ASN A 35 9.21 9.97 -0.34
C ASN A 35 8.90 8.78 0.62
N ILE A 36 8.54 9.13 1.88
CA ILE A 36 7.92 8.26 2.95
C ILE A 36 6.35 8.03 2.75
N ILE A 37 5.79 6.91 3.21
CA ILE A 37 4.34 6.67 2.96
C ILE A 37 3.60 6.80 4.27
N PRO A 38 2.93 7.95 4.52
CA PRO A 38 2.47 8.15 5.90
C PRO A 38 1.38 7.16 6.20
N ASP A 39 1.44 6.55 7.38
CA ASP A 39 0.38 5.64 7.80
C ASP A 39 -0.95 6.38 7.77
N ASP A 40 -1.82 5.92 6.88
CA ASP A 40 -3.26 6.24 6.92
C ASP A 40 -3.83 6.59 8.30
N ASP A 41 -5.01 7.21 8.33
CA ASP A 41 -5.51 7.59 9.66
C ASP A 41 -5.92 6.42 10.55
N LEU A 42 -6.80 5.56 10.00
CA LEU A 42 -7.34 4.41 10.72
C LEU A 42 -6.27 3.41 11.11
N THR A 43 -5.44 3.01 10.15
CA THR A 43 -4.34 2.08 10.34
C THR A 43 -3.59 2.51 11.55
N LYS A 44 -2.94 3.66 11.52
CA LYS A 44 -2.09 4.09 12.64
C LYS A 44 -2.78 3.88 14.06
N SER A 45 -4.14 3.91 14.11
CA SER A 45 -4.87 3.65 15.37
C SER A 45 -4.69 2.21 15.71
N VAL A 46 -5.51 1.36 15.08
CA VAL A 46 -5.45 -0.09 15.21
C VAL A 46 -4.07 -0.51 15.73
N GLN A 47 -2.96 -0.10 15.07
CA GLN A 47 -1.61 -0.16 15.63
C GLN A 47 -1.60 0.40 17.06
N ASP A 48 -1.42 1.73 17.25
CA ASP A 48 -1.46 2.44 18.54
C ASP A 48 -2.36 1.69 19.51
N TRP A 49 -3.59 1.40 19.09
CA TRP A 49 -4.59 0.76 19.93
C TRP A 49 -4.11 -0.62 20.44
N VAL A 50 -4.25 -1.64 19.55
CA VAL A 50 -3.63 -2.96 19.67
C VAL A 50 -2.42 -2.82 20.57
N TYR A 51 -1.53 -1.89 20.24
CA TYR A 51 -0.33 -1.77 21.07
C TYR A 51 -0.63 -1.50 22.54
N ALA A 52 -1.02 -0.25 22.85
CA ALA A 52 -1.49 0.16 24.16
C ALA A 52 -2.18 -1.01 24.93
N THR A 53 -3.27 -1.56 24.36
CA THR A 53 -3.92 -2.77 24.86
C THR A 53 -2.99 -3.94 25.31
N ILE A 54 -2.19 -4.55 24.38
CA ILE A 54 -1.15 -5.56 24.75
C ILE A 54 -0.46 -5.10 26.06
N TYR A 55 0.14 -3.92 26.06
CA TYR A 55 0.91 -3.41 27.21
C TYR A 55 0.33 -3.75 28.58
N SER A 56 -0.94 -3.39 28.73
CA SER A 56 -1.69 -3.35 29.99
C SER A 56 -2.27 -4.71 30.44
N ILE A 57 -2.16 -5.68 29.53
CA ILE A 57 -2.31 -7.11 29.83
C ILE A 57 -0.91 -7.41 30.39
N ALA A 58 -0.83 -8.10 31.53
CA ALA A 58 0.44 -8.40 32.17
C ALA A 58 1.29 -9.22 31.18
N PRO A 59 2.64 -9.16 31.34
CA PRO A 59 3.61 -9.87 30.52
C PRO A 59 3.33 -11.36 30.42
N GLU A 60 3.13 -12.00 31.58
CA GLU A 60 3.06 -13.45 31.65
C GLU A 60 1.94 -13.94 30.78
N LEU A 61 0.73 -13.45 31.08
CA LEU A 61 -0.52 -13.80 30.39
C LEU A 61 -0.35 -13.58 28.87
N ARG A 62 0.69 -12.80 28.46
CA ARG A 62 0.81 -12.30 27.07
C ARG A 62 0.71 -13.37 25.98
N SER A 63 0.83 -14.64 26.35
CA SER A 63 0.85 -15.65 25.30
C SER A 63 -0.52 -16.05 24.70
N PHE A 64 -1.59 -15.60 25.34
CA PHE A 64 -2.92 -16.01 24.95
C PHE A 64 -3.66 -14.86 24.21
N ILE A 65 -2.90 -14.10 23.41
CA ILE A 65 -3.49 -12.98 22.65
C ILE A 65 -4.30 -13.44 21.44
N GLU A 66 -5.61 -13.33 21.59
CA GLU A 66 -6.45 -13.60 20.45
C GLU A 66 -6.59 -12.21 19.97
N LEU A 67 -6.14 -11.89 18.75
CA LEU A 67 -6.59 -10.65 18.11
C LEU A 67 -7.56 -11.06 17.03
N GLU A 68 -8.83 -10.71 17.21
CA GLU A 68 -9.87 -11.19 16.32
C GLU A 68 -10.51 -10.02 15.58
N MET A 69 -11.30 -10.33 14.52
CA MET A 69 -12.00 -9.35 13.68
C MET A 69 -13.28 -9.97 13.17
N LYS A 70 -14.45 -9.40 13.51
CA LYS A 70 -15.77 -9.96 13.06
C LYS A 70 -16.63 -9.00 12.20
N PHE A 71 -17.77 -9.50 11.69
CA PHE A 71 -18.71 -8.74 10.83
C PHE A 71 -20.17 -8.91 11.25
N GLY A 72 -20.68 -7.86 11.88
CA GLY A 72 -22.12 -7.66 12.10
C GLY A 72 -22.50 -6.28 11.56
N VAL A 73 -23.72 -5.85 11.87
CA VAL A 73 -24.11 -4.45 11.72
C VAL A 73 -24.07 -3.65 13.07
N ILE A 74 -23.16 -2.67 13.19
CA ILE A 74 -23.08 -1.80 14.41
C ILE A 74 -24.48 -1.27 14.68
N ILE A 75 -24.99 -1.54 15.88
CA ILE A 75 -26.34 -1.11 16.28
C ILE A 75 -26.38 -0.50 17.67
N ASP A 76 -26.59 0.82 17.73
CA ASP A 76 -26.75 1.69 18.91
C ASP A 76 -27.85 1.25 19.91
N ALA A 77 -27.75 1.86 21.09
CA ALA A 77 -28.69 1.86 22.23
C ALA A 77 -30.05 2.41 21.94
N LYS A 78 -30.07 3.34 20.96
CA LYS A 78 -31.24 4.19 20.61
C LYS A 78 -31.98 3.87 19.26
N GLY A 79 -31.91 2.63 18.82
CA GLY A 79 -32.47 2.22 17.52
C GLY A 79 -32.43 0.69 17.29
N PRO A 80 -33.35 0.16 16.46
CA PRO A 80 -33.18 -1.21 15.96
C PRO A 80 -32.36 -1.19 14.66
N ASP A 81 -32.73 -0.25 13.80
CA ASP A 81 -31.97 0.02 12.58
C ASP A 81 -30.45 0.13 12.82
N ARG A 82 -29.70 -0.25 11.77
CA ARG A 82 -28.25 -0.11 11.77
C ARG A 82 -27.95 1.38 11.93
N VAL A 83 -27.01 1.66 12.82
CA VAL A 83 -26.31 2.92 12.99
C VAL A 83 -26.13 3.73 11.69
N ASN A 84 -26.14 5.09 11.79
CA ASN A 84 -25.76 5.94 10.62
C ASN A 84 -25.20 7.33 10.98
N PRO A 85 -23.88 7.45 11.29
CA PRO A 85 -23.32 8.83 11.47
C PRO A 85 -23.47 9.74 10.25
N PRO A 86 -22.76 10.91 10.22
CA PRO A 86 -22.77 11.52 8.91
C PRO A 86 -21.41 11.34 8.25
N VAL A 87 -20.99 10.09 8.10
CA VAL A 87 -19.71 9.85 7.43
C VAL A 87 -19.87 8.76 6.31
N SER A 88 -18.95 8.77 5.32
CA SER A 88 -19.11 7.98 4.08
C SER A 88 -18.01 7.03 3.66
N SER A 89 -17.02 6.95 4.53
CA SER A 89 -15.82 6.16 4.37
C SER A 89 -15.50 5.63 5.77
N GLN A 90 -15.05 4.38 5.81
CA GLN A 90 -14.67 3.69 7.06
C GLN A 90 -13.99 4.62 7.98
N CYS A 91 -14.58 4.69 9.20
CA CYS A 91 -13.89 5.30 10.37
C CYS A 91 -14.26 4.54 11.65
N VAL A 92 -13.39 4.66 12.66
CA VAL A 92 -13.51 4.07 14.03
C VAL A 92 -14.62 4.84 14.74
N PHE A 93 -15.62 4.10 15.15
CA PHE A 93 -16.84 4.61 15.82
C PHE A 93 -16.84 4.48 17.36
N THR A 94 -16.25 5.50 18.01
CA THR A 94 -16.42 5.75 19.46
C THR A 94 -17.90 6.00 19.81
N GLU A 95 -18.64 4.94 20.20
CA GLU A 95 -19.86 5.08 21.03
C GLU A 95 -20.03 3.91 21.98
N LEU A 96 -19.81 4.18 23.28
CA LEU A 96 -19.99 3.16 24.35
C LEU A 96 -21.47 3.05 24.59
N ASP A 97 -22.08 2.09 23.91
CA ASP A 97 -23.54 1.84 23.87
C ASP A 97 -23.71 1.04 22.60
N ALA A 98 -22.69 1.14 21.76
CA ALA A 98 -22.72 0.60 20.40
C ALA A 98 -22.44 -0.86 20.57
N HIS A 99 -23.06 -1.67 19.72
CA HIS A 99 -22.96 -3.09 19.89
C HIS A 99 -23.17 -3.73 18.52
N LEU A 100 -22.21 -4.57 18.14
CA LEU A 100 -22.13 -5.21 16.84
C LEU A 100 -22.21 -6.69 17.23
N THR A 101 -23.26 -7.37 16.76
CA THR A 101 -23.42 -8.82 16.94
C THR A 101 -23.07 -9.51 15.62
N PRO A 102 -21.97 -10.30 15.60
CA PRO A 102 -21.55 -10.96 14.34
C PRO A 102 -22.70 -11.81 13.80
N ASN A 103 -22.95 -11.72 12.49
CA ASN A 103 -24.00 -12.47 11.73
C ASN A 103 -24.12 -11.91 10.32
N ILE A 104 -23.35 -12.49 9.42
CA ILE A 104 -23.48 -12.19 7.98
C ILE A 104 -24.56 -13.13 7.43
N ASP A 105 -25.04 -12.82 6.24
CA ASP A 105 -26.12 -13.58 5.63
C ASP A 105 -25.61 -14.93 5.09
N ALA A 106 -26.45 -15.97 5.24
CA ALA A 106 -26.30 -17.26 4.52
C ALA A 106 -25.96 -17.14 3.03
N SER A 107 -26.87 -16.60 2.21
CA SER A 107 -26.75 -16.55 0.73
C SER A 107 -25.35 -16.08 0.33
N LEU A 108 -24.79 -15.13 1.11
CA LEU A 108 -23.41 -14.68 0.99
C LEU A 108 -22.50 -15.78 1.53
N PHE A 109 -22.61 -16.07 2.84
CA PHE A 109 -21.84 -17.11 3.59
C PHE A 109 -21.47 -18.32 2.71
N LYS A 110 -22.53 -18.87 2.07
CA LYS A 110 -22.47 -19.88 1.03
C LYS A 110 -21.47 -19.53 -0.10
N GLU A 111 -21.81 -18.53 -0.93
CA GLU A 111 -20.94 -17.89 -1.93
C GLU A 111 -19.55 -17.49 -1.45
N LEU A 112 -19.42 -17.04 -0.21
CA LEU A 112 -18.14 -16.55 0.31
C LEU A 112 -17.12 -17.67 0.44
N SER A 113 -17.50 -18.76 1.12
CA SER A 113 -16.62 -19.89 1.41
C SER A 113 -16.01 -20.40 0.09
N LYS A 114 -16.87 -20.54 -0.93
CA LYS A 114 -16.51 -21.06 -2.25
C LYS A 114 -15.33 -20.26 -2.77
N TYR A 115 -15.53 -18.95 -2.97
CA TYR A 115 -14.50 -17.97 -3.40
C TYR A 115 -13.19 -18.21 -2.66
N ILE A 116 -13.17 -18.02 -1.34
CA ILE A 116 -11.98 -18.30 -0.52
C ILE A 116 -11.30 -19.64 -0.88
N ARG A 117 -12.11 -20.70 -1.05
CA ARG A 117 -11.63 -22.05 -1.28
C ARG A 117 -11.07 -22.21 -2.70
N GLY A 118 -11.86 -21.80 -3.69
CA GLY A 118 -11.40 -21.75 -5.09
C GLY A 118 -10.12 -20.96 -5.12
N ILE A 119 -10.20 -19.73 -4.62
CA ILE A 119 -9.05 -18.83 -4.50
C ILE A 119 -7.84 -19.43 -3.73
N SER A 120 -8.12 -20.38 -2.83
CA SER A 120 -7.09 -21.08 -2.01
C SER A 120 -6.38 -22.29 -2.67
N GLU A 121 -6.92 -22.73 -3.81
CA GLU A 121 -6.36 -23.85 -4.59
C GLU A 121 -5.96 -23.35 -6.00
N VAL A 122 -5.63 -22.07 -6.11
CA VAL A 122 -5.16 -21.50 -7.38
C VAL A 122 -3.74 -22.00 -7.65
N THR A 123 -3.45 -22.22 -8.93
CA THR A 123 -2.12 -22.61 -9.42
C THR A 123 -0.92 -21.96 -8.70
N GLU A 124 -1.05 -20.69 -8.36
CA GLU A 124 0.02 -19.94 -7.70
C GLU A 124 0.01 -20.00 -6.17
N ASN A 125 -1.19 -20.16 -5.59
CA ASN A 125 -1.40 -20.33 -4.15
C ASN A 125 -1.54 -21.81 -3.80
N THR A 126 -0.57 -22.61 -4.24
CA THR A 126 -0.54 -24.03 -3.90
C THR A 126 -0.19 -24.20 -2.41
N GLY A 127 1.10 -24.14 -2.04
CA GLY A 127 1.49 -24.36 -0.66
C GLY A 127 1.28 -23.16 0.26
N LYS A 128 0.15 -22.48 0.14
CA LYS A 128 -0.06 -21.20 0.82
C LYS A 128 -1.33 -21.16 1.68
N PHE A 129 -2.25 -22.10 1.45
CA PHE A 129 -3.49 -22.16 2.20
C PHE A 129 -3.77 -23.54 2.73
N SER A 130 -4.17 -23.61 4.00
CA SER A 130 -4.47 -24.87 4.63
C SER A 130 -5.86 -24.85 5.23
N ILE A 131 -6.74 -25.65 4.63
CA ILE A 131 -8.19 -25.71 4.89
C ILE A 131 -8.44 -26.90 5.82
N ILE A 132 -9.31 -26.68 6.82
CA ILE A 132 -9.69 -27.64 7.87
C ILE A 132 -11.17 -27.41 8.14
N GLU A 133 -11.94 -28.50 8.15
CA GLU A 133 -13.31 -28.52 8.66
C GLU A 133 -13.22 -28.95 10.15
N SER A 134 -14.02 -28.36 11.04
CA SER A 134 -14.23 -28.96 12.37
C SER A 134 -15.68 -28.82 12.80
N GLN A 135 -16.25 -29.84 13.47
CA GLN A 135 -17.60 -29.68 14.01
C GLN A 135 -17.57 -29.90 15.53
N THR A 136 -17.60 -28.83 16.32
CA THR A 136 -17.49 -28.96 17.76
C THR A 136 -18.76 -28.58 18.49
N ARG A 137 -18.61 -28.53 19.82
CA ARG A 137 -19.62 -28.18 20.83
C ARG A 137 -18.82 -27.36 21.85
N ASP A 138 -19.27 -26.12 22.02
CA ASP A 138 -18.71 -25.15 22.95
C ASP A 138 -19.75 -25.12 24.06
N SER A 139 -19.28 -25.28 25.29
CA SER A 139 -20.18 -25.38 26.43
C SER A 139 -19.78 -24.38 27.51
N VAL A 140 -20.75 -23.75 28.15
CA VAL A 140 -20.43 -22.83 29.26
C VAL A 140 -20.84 -23.36 30.65
N TYR A 141 -20.08 -22.91 31.65
CA TYR A 141 -19.91 -23.55 32.92
C TYR A 141 -19.58 -22.46 33.94
N ARG A 142 -20.14 -22.59 35.15
CA ARG A 142 -20.19 -21.53 36.15
C ARG A 142 -19.90 -22.03 37.57
N VAL A 143 -19.47 -21.11 38.44
CA VAL A 143 -19.18 -21.41 39.85
C VAL A 143 -20.38 -21.17 40.83
N GLY A 144 -20.41 -20.04 41.52
CA GLY A 144 -21.41 -19.81 42.57
C GLY A 144 -22.03 -18.43 42.65
N PRO A 150 -18.42 -14.18 39.31
CA PRO A 150 -18.80 -15.37 38.48
C PRO A 150 -17.85 -15.63 37.31
N ARG A 151 -17.50 -16.90 37.11
CA ARG A 151 -16.54 -17.31 36.06
C ARG A 151 -17.20 -18.19 35.03
N PHE A 152 -16.76 -17.97 33.79
CA PHE A 152 -17.38 -18.57 32.64
C PHE A 152 -16.22 -19.19 31.89
N LEU A 153 -16.38 -20.51 31.75
CA LEU A 153 -15.45 -21.48 31.14
C LEU A 153 -16.08 -22.00 29.86
N ARG A 154 -15.31 -21.98 28.76
CA ARG A 154 -15.77 -22.56 27.48
C ARG A 154 -15.10 -23.90 27.61
N MET A 155 -15.60 -24.89 26.86
CA MET A 155 -14.97 -26.21 26.74
C MET A 155 -15.33 -26.78 25.37
N SER A 156 -14.31 -27.28 24.68
CA SER A 156 -14.53 -27.95 23.40
C SER A 156 -14.88 -29.43 23.61
N THR A 157 -15.94 -29.85 22.94
CA THR A 157 -16.26 -31.24 22.84
C THR A 157 -16.45 -31.43 21.34
N ASP A 158 -15.75 -32.42 20.80
CA ASP A 158 -15.94 -32.84 19.41
C ASP A 158 -17.28 -33.60 19.29
N ILE A 159 -17.86 -33.71 18.10
CA ILE A 159 -19.13 -34.47 17.93
C ILE A 159 -18.91 -35.89 17.35
N LYS A 160 -18.03 -35.99 16.36
CA LYS A 160 -17.61 -37.25 15.70
C LYS A 160 -16.75 -38.21 16.57
N THR A 161 -16.24 -37.70 17.69
CA THR A 161 -15.19 -38.35 18.51
C THR A 161 -15.29 -37.91 19.98
N GLY A 162 -15.98 -36.78 20.20
CA GLY A 162 -16.43 -36.29 21.52
C GLY A 162 -15.36 -35.89 22.53
N ARG A 163 -14.36 -35.15 22.05
CA ARG A 163 -13.10 -35.03 22.78
C ARG A 163 -12.58 -33.62 23.06
N VAL A 164 -12.55 -33.24 24.36
CA VAL A 164 -12.18 -31.88 24.77
C VAL A 164 -11.00 -31.33 23.93
N GLY A 165 -11.29 -30.30 23.15
CA GLY A 165 -10.33 -29.77 22.19
C GLY A 165 -9.65 -28.44 22.45
N GLN A 166 -10.11 -27.73 23.49
CA GLN A 166 -9.71 -26.36 23.82
C GLN A 166 -10.59 -26.00 25.04
N PHE A 167 -9.90 -25.83 26.18
CA PHE A 167 -10.50 -25.53 27.50
C PHE A 167 -10.03 -24.20 28.12
N ILE A 168 -10.84 -23.15 28.02
CA ILE A 168 -10.45 -21.78 28.45
C ILE A 168 -11.52 -20.96 29.23
N GLU A 169 -11.04 -19.94 29.95
CA GLU A 169 -11.83 -18.80 30.42
C GLU A 169 -11.54 -17.70 29.38
N LYS A 170 -12.47 -17.50 28.44
CA LYS A 170 -12.30 -16.40 27.50
C LYS A 170 -12.64 -15.09 28.20
N ARG A 171 -11.59 -14.31 28.46
CA ARG A 171 -11.81 -12.95 28.92
C ARG A 171 -11.77 -11.91 27.79
N HIS A 172 -12.04 -10.65 28.13
CA HIS A 172 -12.19 -9.63 27.10
C HIS A 172 -11.55 -8.36 27.64
N VAL A 173 -10.72 -7.72 26.78
CA VAL A 173 -9.84 -6.60 27.13
C VAL A 173 -10.46 -5.37 26.51
N ALA A 174 -9.96 -4.83 25.39
CA ALA A 174 -10.76 -3.82 24.63
C ALA A 174 -11.14 -4.32 23.23
N GLN A 175 -12.18 -3.63 22.73
CA GLN A 175 -12.70 -3.81 21.41
C GLN A 175 -12.64 -2.48 20.65
N LEU A 176 -12.55 -2.60 19.31
CA LEU A 176 -12.83 -1.51 18.34
C LEU A 176 -13.98 -1.86 17.43
N LEU A 177 -14.53 -0.81 16.83
CA LEU A 177 -15.73 -0.93 16.02
C LEU A 177 -15.38 -0.05 14.83
N LEU A 178 -15.74 -0.53 13.64
CA LEU A 178 -15.32 0.07 12.37
C LEU A 178 -16.56 0.26 11.48
N TYR A 179 -17.14 1.44 11.59
CA TYR A 179 -18.32 1.76 10.77
C TYR A 179 -17.81 1.77 9.33
N SER A 180 -18.50 1.03 8.48
CA SER A 180 -18.03 0.88 7.11
C SER A 180 -19.27 1.20 6.28
N PRO A 181 -19.55 2.50 6.12
CA PRO A 181 -20.81 2.83 5.43
C PRO A 181 -20.78 2.41 3.96
N LYS A 182 -19.61 2.48 3.33
CA LYS A 182 -19.50 2.10 1.93
C LYS A 182 -19.67 0.59 1.75
N ASP A 183 -19.64 -0.15 2.86
CA ASP A 183 -19.84 -1.59 2.86
C ASP A 183 -21.08 -2.03 3.63
N SER A 184 -21.56 -3.20 3.25
CA SER A 184 -22.77 -3.77 3.85
C SER A 184 -22.44 -4.23 5.26
N TYR A 185 -21.16 -4.16 5.66
CA TYR A 185 -20.77 -4.63 6.99
C TYR A 185 -19.63 -3.88 7.72
N ASP A 186 -19.88 -3.73 9.02
CA ASP A 186 -19.02 -3.05 9.98
C ASP A 186 -18.09 -4.03 10.65
N VAL A 187 -17.02 -3.56 11.29
CA VAL A 187 -16.09 -4.50 11.98
C VAL A 187 -15.63 -4.30 13.42
N LYS A 188 -16.04 -5.27 14.25
CA LYS A 188 -15.63 -5.29 15.63
C LYS A 188 -14.34 -6.02 15.59
N ILE A 189 -13.31 -5.38 16.14
CA ILE A 189 -11.98 -5.97 16.25
C ILE A 189 -11.86 -6.09 17.73
N SER A 190 -11.56 -7.30 18.17
CA SER A 190 -11.50 -7.63 19.57
C SER A 190 -10.14 -8.22 19.89
N LEU A 191 -9.42 -7.54 20.79
CA LEU A 191 -8.24 -8.10 21.42
C LEU A 191 -8.65 -8.60 22.80
N ASN A 192 -8.69 -9.94 22.90
CA ASN A 192 -9.16 -10.65 24.09
C ASN A 192 -8.33 -11.91 24.44
N LEU A 193 -8.44 -12.33 25.69
CA LEU A 193 -7.66 -13.41 26.30
C LEU A 193 -8.29 -14.81 26.45
N GLU A 194 -7.47 -15.82 26.18
CA GLU A 194 -7.83 -17.21 26.44
C GLU A 194 -7.02 -17.59 27.70
N LEU A 195 -7.65 -17.46 28.87
CA LEU A 195 -6.99 -17.93 30.12
C LEU A 195 -7.27 -19.38 30.37
N PRO A 196 -6.23 -20.22 30.28
CA PRO A 196 -6.50 -21.62 30.52
C PRO A 196 -6.79 -21.83 32.03
N VAL A 197 -7.49 -22.93 32.33
CA VAL A 197 -8.15 -23.12 33.60
C VAL A 197 -7.21 -23.26 34.76
N PRO A 198 -7.48 -22.50 35.85
CA PRO A 198 -6.89 -22.66 37.15
C PRO A 198 -6.54 -24.08 37.59
N ASP A 199 -7.56 -24.87 37.89
CA ASP A 199 -7.37 -26.19 38.45
C ASP A 199 -6.39 -27.02 37.63
N ASN A 200 -5.69 -27.92 38.31
CA ASN A 200 -4.95 -28.98 37.60
C ASN A 200 -5.95 -29.99 37.00
N ASP A 201 -7.12 -30.14 37.64
CA ASP A 201 -8.12 -31.19 37.36
C ASP A 201 -9.55 -30.76 36.89
N PRO A 202 -9.66 -29.81 35.93
CA PRO A 202 -11.02 -29.33 35.65
C PRO A 202 -11.74 -29.77 34.37
N PRO A 203 -11.04 -30.20 33.26
CA PRO A 203 -11.84 -30.51 32.05
C PRO A 203 -12.89 -31.59 32.34
N GLU A 204 -12.54 -32.46 33.27
CA GLU A 204 -13.43 -33.44 33.83
C GLU A 204 -14.50 -32.74 34.63
N LYS A 205 -14.09 -31.92 35.61
CA LYS A 205 -14.98 -31.27 36.60
C LYS A 205 -16.32 -30.86 36.01
N TYR A 206 -16.28 -29.82 35.19
CA TYR A 206 -17.47 -29.25 34.61
C TYR A 206 -18.26 -30.10 33.66
N LYS A 207 -17.66 -31.14 33.09
CA LYS A 207 -18.48 -32.18 32.46
C LYS A 207 -19.43 -32.78 33.53
N SER A 208 -19.60 -32.08 34.67
CA SER A 208 -20.58 -32.34 35.75
C SER A 208 -22.02 -31.88 35.53
N GLN A 209 -22.13 -30.65 35.09
CA GLN A 209 -23.42 -30.01 34.95
C GLN A 209 -23.70 -30.01 33.47
N SER A 210 -24.98 -30.20 33.13
CA SER A 210 -25.42 -30.00 31.77
C SER A 210 -25.12 -28.51 31.57
N PRO A 211 -24.35 -28.20 30.50
CA PRO A 211 -23.84 -26.85 30.24
C PRO A 211 -24.98 -25.89 30.14
N ILE A 212 -24.89 -24.79 30.89
CA ILE A 212 -25.83 -23.65 30.96
C ILE A 212 -25.82 -22.69 29.74
N SER A 213 -24.98 -23.04 28.75
CA SER A 213 -25.00 -22.53 27.38
C SER A 213 -24.33 -23.56 26.47
N GLU A 214 -24.97 -23.87 25.36
CA GLU A 214 -24.41 -24.82 24.41
C GLU A 214 -24.66 -24.36 22.99
N ARG A 215 -23.66 -24.61 22.14
CA ARG A 215 -23.64 -24.18 20.73
C ARG A 215 -23.01 -25.26 19.84
N THR A 216 -23.36 -25.28 18.55
CA THR A 216 -22.73 -26.19 17.55
C THR A 216 -21.92 -25.52 16.43
N LYS A 217 -20.60 -25.59 16.50
CA LYS A 217 -19.78 -24.93 15.48
C LYS A 217 -19.09 -25.83 14.46
N ASP A 218 -19.76 -25.96 13.31
CA ASP A 218 -19.24 -26.53 12.06
C ASP A 218 -18.45 -25.37 11.43
N ARG A 219 -17.14 -25.37 11.71
CA ARG A 219 -16.25 -24.25 11.41
C ARG A 219 -15.30 -24.66 10.28
N VAL A 220 -15.29 -23.94 9.16
CA VAL A 220 -14.19 -24.10 8.18
C VAL A 220 -13.15 -22.95 8.14
N SER A 221 -11.89 -23.35 8.30
CA SER A 221 -10.72 -22.50 8.59
C SER A 221 -9.71 -22.45 7.42
N TYR A 222 -8.93 -21.37 7.36
CA TYR A 222 -8.14 -21.08 6.17
C TYR A 222 -6.84 -20.37 6.56
N ILE A 223 -5.85 -21.13 7.00
CA ILE A 223 -4.55 -20.50 7.28
C ILE A 223 -3.84 -20.05 6.00
N HIS A 224 -2.87 -19.15 6.21
CA HIS A 224 -2.06 -18.38 5.27
C HIS A 224 -1.02 -17.81 6.23
N ASN A 225 0.24 -18.18 6.11
CA ASN A 225 1.23 -17.67 7.05
C ASN A 225 2.06 -16.51 6.48
N ASP A 226 2.15 -16.56 5.14
CA ASP A 226 2.70 -15.49 4.30
C ASP A 226 2.24 -14.06 4.67
N SER A 227 0.95 -13.88 4.97
CA SER A 227 0.48 -12.82 5.91
C SER A 227 0.06 -13.73 7.09
N CYS A 228 -0.06 -13.28 8.34
CA CYS A 228 -0.21 -14.29 9.40
C CYS A 228 -1.65 -14.35 9.80
N THR A 229 -2.43 -14.92 8.91
CA THR A 229 -3.88 -14.76 8.98
C THR A 229 -4.54 -16.11 8.81
N ARG A 230 -5.68 -16.29 9.46
CA ARG A 230 -6.37 -17.57 9.48
C ARG A 230 -7.83 -17.12 9.56
N ILE A 231 -8.69 -17.78 8.76
CA ILE A 231 -10.04 -17.29 8.36
C ILE A 231 -11.09 -18.39 8.63
N ASP A 232 -12.22 -17.97 9.20
CA ASP A 232 -13.17 -18.89 9.78
C ASP A 232 -14.58 -18.76 9.20
N ILE A 233 -15.09 -19.85 8.62
CA ILE A 233 -16.40 -19.88 7.97
C ILE A 233 -17.34 -20.81 8.77
N THR A 234 -17.80 -20.20 9.87
CA THR A 234 -18.43 -20.86 11.02
C THR A 234 -19.96 -20.88 10.86
N LYS A 235 -20.55 -22.07 10.80
CA LYS A 235 -22.00 -22.21 10.88
C LYS A 235 -22.31 -22.72 12.29
N VAL A 236 -22.83 -21.84 13.14
CA VAL A 236 -23.23 -22.23 14.49
C VAL A 236 -24.74 -22.24 14.71
N GLU A 237 -25.22 -23.40 15.17
CA GLU A 237 -26.62 -23.65 15.50
C GLU A 237 -26.69 -23.71 17.02
N ASN A 238 -27.22 -22.64 17.62
CA ASN A 238 -27.44 -22.55 19.06
C ASN A 238 -28.82 -23.14 19.43
N HIS A 239 -28.94 -23.70 20.64
CA HIS A 239 -30.18 -24.33 21.10
C HIS A 239 -30.76 -23.64 22.35
N SER A 248 -35.45 -19.97 18.69
CA SER A 248 -34.88 -20.96 17.79
C SER A 248 -34.27 -20.29 16.54
N GLU A 249 -32.94 -20.32 16.47
CA GLU A 249 -32.20 -19.83 15.29
C GLU A 249 -30.79 -20.45 15.18
N THR A 250 -30.05 -20.04 14.14
CA THR A 250 -28.82 -20.65 13.70
C THR A 250 -28.08 -19.58 12.89
N THR A 251 -26.96 -19.13 13.42
CA THR A 251 -26.24 -17.96 12.90
C THR A 251 -24.94 -18.39 12.20
N HIS A 252 -24.64 -17.67 11.10
CA HIS A 252 -23.45 -17.92 10.31
C HIS A 252 -22.66 -16.66 10.50
N GLU A 253 -21.36 -16.84 10.80
CA GLU A 253 -20.44 -15.76 11.18
C GLU A 253 -18.99 -15.90 10.64
N VAL A 254 -18.26 -14.76 10.51
CA VAL A 254 -16.97 -14.68 9.80
C VAL A 254 -15.84 -13.94 10.60
N GLU A 255 -14.70 -14.61 10.77
CA GLU A 255 -13.60 -14.17 11.64
C GLU A 255 -12.18 -14.22 11.00
N LEU A 256 -11.30 -13.24 11.32
CA LEU A 256 -9.92 -13.23 10.78
C LEU A 256 -8.89 -13.14 11.89
N GLU A 257 -8.44 -14.29 12.37
CA GLU A 257 -7.49 -14.33 13.48
C GLU A 257 -6.05 -14.23 12.97
N ILE A 258 -5.19 -13.65 13.82
CA ILE A 258 -3.83 -13.24 13.45
C ILE A 258 -2.87 -14.02 14.33
N ASN A 259 -1.93 -14.68 13.66
CA ASN A 259 -1.04 -15.63 14.31
C ASN A 259 -0.24 -14.93 15.45
N THR A 260 -0.79 -15.09 16.66
CA THR A 260 -0.24 -14.62 17.94
C THR A 260 1.26 -14.69 18.12
N PRO A 261 1.92 -15.78 17.63
CA PRO A 261 3.39 -15.83 17.56
C PRO A 261 3.91 -14.56 16.90
N ALA A 262 3.61 -14.43 15.62
CA ALA A 262 4.10 -13.30 14.85
C ALA A 262 3.68 -12.01 15.53
N LEU A 263 2.43 -11.94 16.03
CA LEU A 263 1.92 -10.64 16.57
C LEU A 263 2.72 -10.25 17.79
N LEU A 264 2.83 -11.22 18.72
CA LEU A 264 3.66 -11.10 19.91
C LEU A 264 5.12 -10.76 19.59
N ASN A 265 5.61 -11.22 18.45
CA ASN A 265 7.00 -11.01 18.02
C ASN A 265 7.32 -9.59 17.57
N ALA A 266 6.48 -9.12 16.63
CA ALA A 266 6.52 -7.75 16.08
C ALA A 266 6.24 -6.67 17.11
N PHE A 267 5.51 -7.02 18.18
CA PHE A 267 5.43 -6.23 19.42
C PHE A 267 6.71 -6.41 20.17
N ASP A 268 7.07 -7.64 20.48
CA ASP A 268 8.25 -7.96 21.32
C ASP A 268 9.49 -7.14 20.98
N ASN A 269 9.64 -6.84 19.68
CA ASN A 269 10.76 -6.10 19.08
C ASN A 269 10.37 -4.77 18.35
N ILE A 270 9.36 -4.03 18.85
CA ILE A 270 8.98 -2.69 18.33
C ILE A 270 10.19 -1.73 18.19
N THR A 271 10.67 -1.16 19.29
CA THR A 271 11.82 -0.25 19.35
C THR A 271 12.88 -0.50 18.25
N ASN A 272 13.17 -1.79 18.08
CA ASN A 272 14.33 -2.27 17.33
C ASN A 272 14.18 -2.22 15.80
N ASP A 273 13.37 -3.13 15.27
CA ASP A 273 12.85 -3.08 13.91
C ASP A 273 11.40 -2.64 14.12
N SER A 274 11.18 -1.33 13.97
CA SER A 274 9.87 -0.73 14.20
C SER A 274 8.83 -1.15 13.16
N LYS A 275 9.16 -1.01 11.86
CA LYS A 275 8.23 -1.31 10.74
C LYS A 275 7.82 -2.77 10.59
N GLU A 276 8.30 -3.70 11.43
CA GLU A 276 7.75 -5.06 11.45
C GLU A 276 6.30 -4.92 11.93
N TYR A 277 6.13 -4.27 13.10
CA TYR A 277 4.79 -4.05 13.72
C TYR A 277 3.79 -3.38 12.78
N ALA A 278 4.23 -2.26 12.17
CA ALA A 278 3.45 -1.58 11.10
C ALA A 278 3.00 -2.46 9.90
N SER A 279 3.97 -3.00 9.17
CA SER A 279 3.71 -3.89 8.02
C SER A 279 2.76 -5.04 8.34
N LEU A 280 2.95 -5.76 9.46
CA LEU A 280 2.01 -6.86 9.91
C LEU A 280 0.69 -6.30 10.36
N ILE A 281 0.65 -5.06 10.86
CA ILE A 281 -0.67 -4.55 11.29
C ILE A 281 -1.54 -4.30 10.09
N ARG A 282 -1.03 -3.50 9.13
CA ARG A 282 -1.77 -3.21 7.89
C ARG A 282 -2.16 -4.50 7.15
N THR A 283 -1.29 -5.54 7.11
CA THR A 283 -1.62 -6.78 6.36
C THR A 283 -2.91 -7.35 6.96
N PHE A 284 -2.93 -7.26 8.30
CA PHE A 284 -4.08 -7.67 9.10
C PHE A 284 -5.35 -6.97 8.66
N LEU A 285 -5.24 -5.64 8.47
CA LEU A 285 -6.30 -4.74 8.03
C LEU A 285 -6.67 -4.84 6.53
N ASN A 286 -5.63 -4.95 5.68
CA ASN A 286 -5.74 -5.30 4.26
C ASN A 286 -6.54 -6.60 4.11
N ASN A 287 -6.32 -7.54 5.02
CA ASN A 287 -7.04 -8.78 4.99
C ASN A 287 -8.46 -8.62 5.47
N GLY A 288 -8.60 -7.69 6.44
CA GLY A 288 -9.89 -7.33 7.04
C GLY A 288 -10.78 -6.97 5.88
N THR A 289 -10.30 -5.94 5.19
CA THR A 289 -10.82 -5.42 3.93
C THR A 289 -11.24 -6.38 2.79
N ILE A 290 -10.25 -6.96 2.09
CA ILE A 290 -10.50 -7.81 0.90
C ILE A 290 -11.79 -8.60 1.09
N ILE A 291 -11.90 -9.25 2.27
CA ILE A 291 -13.13 -9.95 2.72
C ILE A 291 -14.34 -9.01 2.82
N ARG A 292 -14.32 -8.06 3.79
CA ARG A 292 -15.36 -7.02 3.98
C ARG A 292 -15.81 -6.48 2.60
N ARG A 293 -14.89 -6.02 1.73
CA ARG A 293 -15.22 -5.53 0.39
C ARG A 293 -15.93 -6.61 -0.44
N LYS A 294 -15.31 -7.79 -0.56
CA LYS A 294 -15.87 -8.88 -1.38
C LYS A 294 -17.30 -9.20 -0.86
N LEU A 295 -17.36 -9.46 0.45
CA LEU A 295 -18.60 -9.68 1.22
C LEU A 295 -19.68 -8.65 0.91
N SER A 296 -19.29 -7.39 0.67
CA SER A 296 -20.14 -6.35 0.09
C SER A 296 -20.40 -6.48 -1.44
N SER A 297 -19.39 -6.91 -2.20
CA SER A 297 -19.58 -7.02 -3.64
C SER A 297 -20.65 -8.08 -3.86
N LEU A 298 -20.40 -9.33 -3.42
CA LEU A 298 -21.32 -10.49 -3.67
C LEU A 298 -22.83 -10.22 -3.61
N SER A 299 -23.21 -9.32 -2.71
CA SER A 299 -24.57 -8.80 -2.52
C SER A 299 -25.18 -8.50 -3.89
N TYR A 300 -26.37 -9.02 -4.17
CA TYR A 300 -26.98 -9.16 -5.52
C TYR A 300 -26.11 -9.90 -6.53
N PRO B 6 -13.20 -48.55 13.83
CA PRO B 6 -13.69 -47.41 14.58
C PRO B 6 -12.75 -46.19 14.51
N ILE B 7 -12.70 -45.49 15.64
CA ILE B 7 -11.78 -44.39 15.93
C ILE B 7 -10.35 -44.65 15.47
N TRP B 8 -9.76 -45.78 15.90
CA TRP B 8 -8.39 -46.11 15.53
C TRP B 8 -8.22 -45.93 14.01
N ALA B 9 -9.03 -46.66 13.24
CA ALA B 9 -9.05 -46.55 11.78
C ALA B 9 -9.06 -45.12 11.27
N GLN B 10 -9.88 -44.26 11.90
CA GLN B 10 -10.02 -42.83 11.58
C GLN B 10 -8.69 -42.06 11.71
N LYS B 11 -8.47 -41.15 10.77
CA LYS B 11 -7.22 -40.39 10.68
C LYS B 11 -7.14 -39.27 11.72
N TRP B 12 -5.96 -39.14 12.34
CA TRP B 12 -5.69 -38.15 13.41
C TRP B 12 -5.85 -36.76 12.85
N LYS B 13 -7.08 -36.27 13.04
CA LYS B 13 -7.52 -34.92 12.74
C LYS B 13 -7.02 -33.85 13.72
N PRO B 14 -6.75 -34.20 15.00
CA PRO B 14 -6.17 -33.23 15.96
C PRO B 14 -4.88 -32.53 15.49
N THR B 15 -4.57 -32.70 14.21
CA THR B 15 -3.60 -31.93 13.44
C THR B 15 -4.00 -30.45 13.37
N ILE B 16 -4.02 -29.79 14.53
CA ILE B 16 -4.36 -28.37 14.68
C ILE B 16 -3.60 -27.65 15.79
N LYS B 17 -3.07 -28.39 16.77
CA LYS B 17 -2.35 -27.79 17.90
C LYS B 17 -0.86 -27.47 17.69
N ALA B 18 -0.24 -28.13 16.72
CA ALA B 18 1.13 -27.82 16.28
C ALA B 18 1.12 -27.42 14.79
N LEU B 19 0.07 -26.70 14.43
CA LEU B 19 -0.28 -26.34 13.05
C LEU B 19 0.24 -24.97 12.59
N GLN B 20 0.66 -24.15 13.55
CA GLN B 20 1.31 -22.86 13.29
C GLN B 20 2.74 -23.08 12.77
N SER B 21 3.29 -24.25 13.07
CA SER B 21 4.59 -24.69 12.54
C SER B 21 4.41 -25.70 11.40
N ILE B 22 4.75 -25.26 10.19
CA ILE B 22 4.70 -26.08 8.97
C ILE B 22 5.85 -27.11 9.00
N ILE B 29 5.99 -11.73 4.32
CA ILE B 29 4.96 -11.07 5.21
C ILE B 29 4.00 -10.30 4.32
N ASP B 30 3.54 -11.03 3.28
CA ASP B 30 2.62 -10.59 2.24
C ASP B 30 1.66 -9.44 2.66
N PRO B 31 1.58 -8.34 1.87
CA PRO B 31 0.52 -7.34 1.97
C PRO B 31 -0.86 -7.88 2.39
N SER B 32 -1.14 -9.09 1.93
CA SER B 32 -2.44 -9.73 2.12
C SER B 32 -2.44 -11.23 1.80
N PHE B 33 -3.61 -11.84 2.03
CA PHE B 33 -3.91 -13.20 1.62
C PHE B 33 -4.40 -13.17 0.14
N LEU B 34 -3.64 -12.36 -0.64
CA LEU B 34 -3.88 -12.02 -2.06
C LEU B 34 -2.70 -11.35 -2.74
N ASN B 35 -1.79 -10.82 -1.92
CA ASN B 35 -0.63 -10.06 -2.37
C ASN B 35 -0.88 -8.73 -3.11
N ILE B 36 -2.18 -8.38 -3.30
CA ILE B 36 -2.62 -7.01 -3.71
C ILE B 36 -2.58 -6.03 -2.50
N ILE B 37 -2.65 -4.71 -2.75
CA ILE B 37 -2.83 -3.74 -1.65
C ILE B 37 -4.22 -3.06 -1.71
N PRO B 38 -5.09 -3.39 -0.73
CA PRO B 38 -6.39 -2.80 -0.96
C PRO B 38 -6.24 -1.34 -0.61
N ASP B 39 -6.60 -0.50 -1.60
CA ASP B 39 -6.68 0.95 -1.41
C ASP B 39 -7.66 1.24 -0.27
N ASP B 40 -7.12 1.78 0.81
CA ASP B 40 -7.80 2.54 1.88
C ASP B 40 -9.23 2.98 1.55
N ASP B 41 -10.12 3.07 2.57
CA ASP B 41 -11.53 3.40 2.27
C ASP B 41 -11.72 4.85 1.81
N LEU B 42 -10.99 5.77 2.43
CA LEU B 42 -10.93 7.17 2.02
C LEU B 42 -10.39 7.28 0.59
N THR B 43 -9.04 7.19 0.44
CA THR B 43 -8.37 7.02 -0.87
C THR B 43 -9.40 6.42 -1.83
N LYS B 44 -9.87 5.19 -1.60
CA LYS B 44 -10.67 4.58 -2.68
C LYS B 44 -11.70 5.55 -3.22
N SER B 45 -12.40 6.25 -2.31
CA SER B 45 -13.61 7.11 -2.56
C SER B 45 -13.25 8.42 -3.19
N VAL B 46 -12.28 9.13 -2.59
CA VAL B 46 -11.73 10.36 -3.15
C VAL B 46 -11.45 10.06 -4.62
N GLN B 47 -10.73 8.97 -4.90
CA GLN B 47 -10.51 8.46 -6.27
C GLN B 47 -11.85 8.49 -7.00
N ASP B 48 -12.86 7.76 -6.52
CA ASP B 48 -14.13 7.71 -7.27
C ASP B 48 -14.69 9.11 -7.52
N TRP B 49 -14.29 10.06 -6.67
CA TRP B 49 -14.97 11.37 -6.60
C TRP B 49 -14.30 12.16 -7.71
N VAL B 50 -13.08 12.67 -7.43
CA VAL B 50 -12.11 13.06 -8.44
C VAL B 50 -12.44 12.50 -9.85
N TYR B 51 -12.73 11.19 -10.00
CA TYR B 51 -13.13 10.66 -11.34
C TYR B 51 -14.47 11.13 -11.95
N ALA B 52 -15.58 10.46 -11.60
CA ALA B 52 -16.99 10.85 -11.83
C ALA B 52 -17.31 12.37 -11.95
N THR B 53 -16.49 13.18 -11.28
CA THR B 53 -16.63 14.63 -11.27
C THR B 53 -16.07 15.18 -12.56
N ILE B 54 -14.74 15.14 -12.72
CA ILE B 54 -14.12 15.50 -14.00
C ILE B 54 -15.03 15.04 -15.18
N TYR B 55 -15.32 13.73 -15.27
CA TYR B 55 -16.37 13.20 -16.16
C TYR B 55 -17.54 14.22 -16.45
N SER B 56 -18.38 14.57 -15.45
CA SER B 56 -19.50 15.56 -15.59
C SER B 56 -19.12 16.96 -16.05
N ILE B 57 -17.85 17.36 -15.84
CA ILE B 57 -17.28 18.59 -16.45
C ILE B 57 -17.05 18.30 -17.95
N ALA B 58 -17.58 19.14 -18.86
CA ALA B 58 -17.35 18.92 -20.31
C ALA B 58 -15.86 18.74 -20.65
N PRO B 59 -15.50 17.95 -21.70
CA PRO B 59 -14.09 17.74 -22.09
C PRO B 59 -13.32 18.99 -22.46
N GLU B 60 -14.03 20.01 -22.94
CA GLU B 60 -13.40 21.23 -23.36
C GLU B 60 -12.73 22.04 -22.25
N LEU B 61 -13.53 22.55 -21.30
CA LEU B 61 -13.03 23.36 -20.13
C LEU B 61 -12.05 22.55 -19.25
N ARG B 62 -12.35 21.24 -19.06
CA ARG B 62 -11.57 20.23 -18.36
C ARG B 62 -10.08 20.45 -18.21
N SER B 63 -9.53 21.47 -18.88
CA SER B 63 -8.11 21.88 -18.68
C SER B 63 -7.76 23.04 -17.76
N PHE B 64 -8.72 23.93 -17.48
CA PHE B 64 -8.61 24.92 -16.37
C PHE B 64 -9.17 24.27 -15.04
N ILE B 65 -8.76 23.05 -14.73
CA ILE B 65 -9.33 22.31 -13.59
C ILE B 65 -8.42 22.54 -12.42
N GLU B 66 -9.03 22.80 -11.26
CA GLU B 66 -8.25 23.02 -10.05
C GLU B 66 -8.74 22.13 -8.91
N LEU B 67 -7.87 21.23 -8.45
CA LEU B 67 -8.14 20.30 -7.33
C LEU B 67 -7.31 20.82 -6.19
N GLU B 68 -7.89 21.79 -5.47
CA GLU B 68 -7.21 22.54 -4.45
C GLU B 68 -7.55 21.79 -3.16
N MET B 69 -6.71 21.94 -2.12
CA MET B 69 -6.90 21.32 -0.77
C MET B 69 -6.62 22.28 0.36
N LYS B 70 -7.62 22.48 1.22
CA LYS B 70 -7.61 23.52 2.24
C LYS B 70 -7.75 23.19 3.74
N PHE B 71 -7.04 23.92 4.58
CA PHE B 71 -7.10 23.74 6.03
C PHE B 71 -8.02 24.68 6.85
N GLY B 72 -8.97 24.04 7.52
CA GLY B 72 -9.97 24.73 8.32
C GLY B 72 -10.61 23.85 9.40
N VAL B 73 -11.86 24.20 9.75
CA VAL B 73 -12.63 23.55 10.82
C VAL B 73 -14.11 23.29 10.44
N ILE B 74 -14.36 22.15 9.79
CA ILE B 74 -15.72 21.80 9.33
C ILE B 74 -16.77 22.18 10.39
N ILE B 75 -17.52 23.24 10.12
CA ILE B 75 -18.57 23.78 11.01
C ILE B 75 -19.95 23.61 10.35
N ASP B 76 -20.82 23.04 11.16
CA ASP B 76 -22.19 22.70 10.95
C ASP B 76 -22.98 24.00 11.17
N ALA B 77 -24.24 24.00 10.68
CA ALA B 77 -25.09 25.17 10.70
C ALA B 77 -25.80 25.32 12.04
N LYS B 78 -25.75 24.25 12.86
CA LYS B 78 -26.58 24.23 14.06
C LYS B 78 -25.81 24.77 15.20
N GLY B 79 -24.68 25.42 14.92
CA GLY B 79 -23.81 25.93 16.00
C GLY B 79 -22.35 26.37 15.83
N PRO B 80 -21.93 27.24 16.77
CA PRO B 80 -20.68 27.94 16.60
C PRO B 80 -19.56 26.95 16.45
N ASP B 81 -19.62 25.87 17.27
CA ASP B 81 -18.44 25.08 17.63
C ASP B 81 -18.02 24.32 16.41
N ARG B 82 -16.76 23.85 16.40
CA ARG B 82 -16.32 22.79 15.46
C ARG B 82 -17.30 21.71 15.58
N VAL B 83 -17.60 21.09 14.44
CA VAL B 83 -18.54 19.96 14.41
C VAL B 83 -17.96 18.77 15.25
N ASN B 84 -18.64 17.64 15.29
CA ASN B 84 -18.18 16.56 16.18
C ASN B 84 -18.98 15.24 16.20
N PRO B 85 -19.12 14.53 15.06
CA PRO B 85 -19.95 13.33 15.10
C PRO B 85 -19.33 12.29 16.11
N PRO B 86 -19.94 11.11 16.38
CA PRO B 86 -19.21 10.22 17.28
C PRO B 86 -18.20 9.30 16.58
N VAL B 87 -17.09 9.81 15.98
CA VAL B 87 -16.05 8.96 15.35
C VAL B 87 -14.62 9.49 15.57
N SER B 88 -13.61 8.61 15.45
CA SER B 88 -12.24 8.97 15.83
C SER B 88 -11.03 8.63 14.93
N SER B 89 -11.30 8.25 13.69
CA SER B 89 -10.26 8.27 12.65
C SER B 89 -10.83 9.11 11.48
N GLN B 90 -10.01 9.89 10.76
CA GLN B 90 -10.45 10.64 9.51
C GLN B 90 -11.42 9.92 8.60
N CYS B 91 -12.43 10.70 8.14
CA CYS B 91 -13.52 10.24 7.27
C CYS B 91 -14.34 11.39 6.61
N VAL B 92 -14.94 11.07 5.47
CA VAL B 92 -15.74 11.98 4.67
C VAL B 92 -17.08 12.38 5.32
N PHE B 93 -17.15 13.66 5.69
CA PHE B 93 -18.28 14.17 6.43
C PHE B 93 -19.50 14.62 5.57
N THR B 94 -20.45 13.69 5.45
CA THR B 94 -21.70 13.89 4.73
C THR B 94 -22.80 14.75 5.42
N GLU B 95 -22.75 16.09 5.26
CA GLU B 95 -23.77 17.04 5.84
C GLU B 95 -23.93 18.39 5.05
N LEU B 96 -25.16 18.68 4.63
CA LEU B 96 -25.39 19.79 3.68
C LEU B 96 -26.01 20.95 4.38
N ASP B 97 -25.19 21.50 5.28
CA ASP B 97 -25.39 22.73 6.04
C ASP B 97 -24.00 22.96 6.72
N ALA B 98 -23.15 21.93 6.62
CA ALA B 98 -21.74 21.96 7.01
C ALA B 98 -20.96 22.78 6.02
N HIS B 99 -19.93 23.44 6.52
CA HIS B 99 -19.12 24.36 5.75
C HIS B 99 -17.82 24.55 6.52
N LEU B 100 -16.72 24.65 5.76
CA LEU B 100 -15.39 24.68 6.31
C LEU B 100 -14.72 25.99 5.91
N THR B 101 -14.39 26.82 6.89
CA THR B 101 -13.81 28.12 6.61
C THR B 101 -12.30 28.10 6.93
N PRO B 102 -11.45 28.08 5.87
CA PRO B 102 -10.01 28.03 6.07
C PRO B 102 -9.54 29.31 6.69
N ASN B 103 -8.64 29.15 7.67
CA ASN B 103 -8.17 30.19 8.58
C ASN B 103 -7.33 29.33 9.53
N ILE B 104 -6.07 29.10 9.15
CA ILE B 104 -5.10 28.57 10.13
C ILE B 104 -4.65 29.60 11.21
N ASP B 105 -4.16 29.10 12.37
CA ASP B 105 -3.52 29.97 13.36
C ASP B 105 -2.24 30.61 12.82
N ALA B 106 -2.23 31.94 12.87
CA ALA B 106 -1.06 32.75 12.54
C ALA B 106 0.23 32.18 13.09
N SER B 107 0.26 31.87 14.40
CA SER B 107 1.46 31.30 15.04
C SER B 107 1.91 29.97 14.38
N LEU B 108 1.04 28.94 14.32
CA LEU B 108 1.29 27.74 13.45
C LEU B 108 1.83 28.20 12.10
N PHE B 109 1.03 28.95 11.33
CA PHE B 109 1.36 29.42 9.99
C PHE B 109 2.80 29.90 9.86
N LYS B 110 3.28 30.67 10.84
CA LYS B 110 4.71 31.08 10.86
C LYS B 110 5.66 29.89 10.89
N GLU B 111 5.41 28.99 11.85
CA GLU B 111 6.25 27.82 12.12
C GLU B 111 6.23 26.88 10.94
N LEU B 112 5.08 26.84 10.25
CA LEU B 112 4.86 25.91 9.17
C LEU B 112 5.74 26.23 7.99
N SER B 113 5.78 27.51 7.60
CA SER B 113 6.48 27.86 6.35
C SER B 113 7.96 27.53 6.39
N LYS B 114 8.56 27.69 7.58
CA LYS B 114 9.99 27.44 7.88
C LYS B 114 10.29 25.94 7.79
N TYR B 115 9.38 25.13 8.37
CA TYR B 115 9.41 23.65 8.24
C TYR B 115 9.47 23.22 6.78
N ILE B 116 8.72 23.93 5.96
CA ILE B 116 8.62 23.76 4.50
C ILE B 116 9.80 24.38 3.71
N ARG B 117 10.17 25.64 3.99
CA ARG B 117 11.36 26.34 3.42
C ARG B 117 12.66 25.63 3.78
N GLY B 118 12.62 24.94 4.93
CA GLY B 118 13.75 24.19 5.48
C GLY B 118 13.85 22.90 4.73
N ILE B 119 12.78 22.11 4.90
CA ILE B 119 12.59 20.84 4.22
C ILE B 119 12.76 20.98 2.69
N SER B 120 12.37 22.14 2.15
CA SER B 120 12.58 22.47 0.74
C SER B 120 13.95 23.14 0.44
N GLU B 121 14.96 22.79 1.23
CA GLU B 121 16.34 23.25 0.99
C GLU B 121 17.49 22.39 1.55
N VAL B 122 17.19 21.38 2.36
CA VAL B 122 18.20 20.42 2.84
C VAL B 122 19.12 19.90 1.71
N THR B 123 20.31 19.40 2.09
CA THR B 123 21.34 18.90 1.16
C THR B 123 20.86 17.81 0.19
N GLU B 124 19.95 16.95 0.63
CA GLU B 124 19.38 15.93 -0.24
C GLU B 124 18.50 16.51 -1.35
N ASN B 125 17.44 17.23 -0.95
CA ASN B 125 16.44 17.80 -1.86
C ASN B 125 16.98 19.11 -2.42
N THR B 126 17.61 18.97 -3.58
CA THR B 126 18.23 20.06 -4.32
C THR B 126 17.18 20.59 -5.28
N GLY B 127 17.38 20.41 -6.59
CA GLY B 127 16.48 20.87 -7.65
C GLY B 127 15.15 20.14 -7.78
N LYS B 128 14.52 19.83 -6.62
CA LYS B 128 13.20 19.17 -6.55
C LYS B 128 12.20 20.19 -6.05
N PHE B 129 12.69 21.13 -5.23
CA PHE B 129 11.88 22.21 -4.67
C PHE B 129 12.22 23.58 -5.19
N SER B 130 11.18 24.22 -5.74
CA SER B 130 11.27 25.59 -6.23
C SER B 130 10.25 26.48 -5.52
N ILE B 131 10.75 27.53 -4.89
CA ILE B 131 9.96 28.42 -4.02
C ILE B 131 9.68 29.73 -4.76
N ILE B 132 8.49 30.29 -4.56
CA ILE B 132 8.02 31.48 -5.29
C ILE B 132 7.13 32.50 -4.49
N GLU B 133 7.61 33.74 -4.35
CA GLU B 133 6.79 34.84 -3.80
C GLU B 133 5.88 35.57 -4.85
N SER B 134 4.59 35.70 -4.54
CA SER B 134 3.76 36.70 -5.20
C SER B 134 2.92 37.51 -4.21
N GLN B 135 3.01 38.84 -4.25
CA GLN B 135 2.15 39.70 -3.39
C GLN B 135 1.06 40.44 -4.19
N THR B 136 -0.14 39.86 -4.25
CA THR B 136 -1.12 40.32 -5.22
C THR B 136 -2.26 41.19 -4.64
N ARG B 137 -3.27 41.49 -5.46
CA ARG B 137 -4.30 42.45 -5.11
C ARG B 137 -5.50 42.10 -5.96
N ASP B 138 -6.22 41.09 -5.47
CA ASP B 138 -7.34 40.46 -6.18
C ASP B 138 -8.61 41.33 -6.13
N SER B 139 -9.12 41.63 -7.32
CA SER B 139 -10.37 42.40 -7.53
C SER B 139 -11.50 41.54 -8.13
N VAL B 140 -12.73 41.64 -7.57
CA VAL B 140 -13.93 41.00 -8.10
C VAL B 140 -14.63 42.13 -8.91
N TYR B 141 -15.56 41.86 -9.83
CA TYR B 141 -16.24 42.93 -10.63
C TYR B 141 -17.62 42.47 -11.00
N ARG B 142 -18.61 43.35 -10.95
CA ARG B 142 -19.93 43.03 -11.57
C ARG B 142 -20.28 43.57 -13.00
N VAL B 143 -21.44 43.13 -13.51
CA VAL B 143 -22.16 43.63 -14.72
C VAL B 143 -23.64 43.96 -14.35
N GLY B 144 -24.61 43.10 -14.70
CA GLY B 144 -26.05 43.33 -14.45
C GLY B 144 -26.91 42.06 -14.35
N PRO B 150 -25.92 36.95 -13.29
CA PRO B 150 -24.79 37.44 -12.51
C PRO B 150 -23.44 36.78 -12.82
N ARG B 151 -22.51 37.55 -13.41
CA ARG B 151 -21.10 37.16 -13.58
C ARG B 151 -20.11 37.96 -12.75
N PHE B 152 -19.14 37.27 -12.19
CA PHE B 152 -18.20 37.87 -11.25
C PHE B 152 -16.79 37.51 -11.71
N LEU B 153 -15.90 38.51 -11.72
CA LEU B 153 -14.57 38.31 -12.28
C LEU B 153 -13.47 38.74 -11.33
N ARG B 154 -12.70 37.71 -10.95
CA ARG B 154 -11.46 37.77 -10.22
C ARG B 154 -10.46 38.31 -11.24
N MET B 155 -9.67 39.30 -10.81
CA MET B 155 -8.54 39.90 -11.55
C MET B 155 -7.30 40.18 -10.62
N SER B 156 -6.22 39.42 -10.84
CA SER B 156 -5.00 39.51 -10.00
C SER B 156 -3.96 40.60 -10.41
N THR B 157 -4.02 41.78 -9.77
CA THR B 157 -3.04 42.87 -9.91
C THR B 157 -1.87 42.63 -8.96
N ASP B 158 -0.68 42.81 -9.53
CA ASP B 158 0.60 42.78 -8.81
C ASP B 158 0.70 43.99 -7.87
N ILE B 159 1.76 44.06 -7.03
CA ILE B 159 2.01 45.23 -6.17
C ILE B 159 3.39 45.92 -6.34
N LYS B 160 4.35 45.17 -6.88
CA LYS B 160 5.61 45.74 -7.30
C LYS B 160 5.54 46.16 -8.78
N THR B 161 5.00 45.30 -9.61
CA THR B 161 4.92 45.53 -11.06
C THR B 161 3.63 46.26 -11.47
N GLY B 162 2.57 46.01 -10.71
CA GLY B 162 1.20 46.48 -10.98
C GLY B 162 0.68 46.06 -12.33
N ARG B 163 0.55 44.74 -12.54
CA ARG B 163 0.13 44.22 -13.84
C ARG B 163 -0.69 42.93 -13.76
N VAL B 164 -1.74 42.82 -14.59
CA VAL B 164 -2.64 41.65 -14.57
C VAL B 164 -2.00 40.24 -14.76
N GLY B 165 -2.01 39.45 -13.68
CA GLY B 165 -1.45 38.08 -13.66
C GLY B 165 -2.33 36.81 -13.69
N GLN B 166 -3.67 36.97 -13.70
CA GLN B 166 -4.70 35.90 -13.75
C GLN B 166 -6.12 36.49 -13.84
N PHE B 167 -6.81 36.29 -14.98
CA PHE B 167 -8.18 36.83 -15.17
C PHE B 167 -9.27 35.76 -15.28
N ILE B 168 -10.09 35.63 -14.23
CA ILE B 168 -10.84 34.39 -14.08
C ILE B 168 -12.21 34.49 -13.40
N GLU B 169 -13.07 33.59 -13.88
CA GLU B 169 -14.33 33.30 -13.31
C GLU B 169 -14.09 31.91 -12.68
N LYS B 170 -13.60 31.97 -11.44
CA LYS B 170 -13.49 30.84 -10.51
C LYS B 170 -14.90 30.42 -10.30
N ARG B 171 -15.22 29.27 -10.88
CA ARG B 171 -16.53 28.68 -10.70
C ARG B 171 -16.36 27.32 -10.01
N HIS B 172 -17.33 26.93 -9.17
CA HIS B 172 -17.24 25.71 -8.32
C HIS B 172 -18.08 24.49 -8.81
N VAL B 173 -17.50 23.28 -8.77
CA VAL B 173 -18.22 22.01 -9.11
C VAL B 173 -18.77 21.32 -7.85
N ALA B 174 -18.04 20.37 -7.25
CA ALA B 174 -18.39 19.82 -5.92
C ALA B 174 -17.17 19.99 -5.02
N GLN B 175 -17.41 20.01 -3.71
CA GLN B 175 -16.34 19.86 -2.71
C GLN B 175 -16.49 18.52 -1.95
N LEU B 176 -15.38 18.06 -1.40
CA LEU B 176 -15.41 17.03 -0.36
C LEU B 176 -15.00 17.65 0.94
N LEU B 177 -15.66 17.17 2.00
CA LEU B 177 -15.33 17.57 3.38
C LEU B 177 -14.86 16.43 4.31
N LEU B 178 -13.61 16.58 4.78
CA LEU B 178 -12.89 15.53 5.49
C LEU B 178 -12.59 15.96 6.94
N TYR B 179 -13.41 15.38 7.82
CA TYR B 179 -13.38 15.56 9.26
C TYR B 179 -12.32 14.65 9.76
N SER B 180 -11.25 15.30 10.22
CA SER B 180 -10.02 14.70 10.73
C SER B 180 -9.91 14.83 12.28
N PRO B 181 -10.62 13.97 13.08
CA PRO B 181 -10.76 14.05 14.56
C PRO B 181 -9.45 14.01 15.31
N LYS B 182 -8.66 12.97 15.05
CA LYS B 182 -7.33 12.81 15.66
C LYS B 182 -6.34 13.95 15.40
N ASP B 183 -6.81 15.01 14.71
CA ASP B 183 -5.93 16.15 14.25
C ASP B 183 -6.61 17.40 14.60
N SER B 184 -5.81 18.48 14.80
CA SER B 184 -6.44 19.80 15.09
C SER B 184 -6.94 20.59 13.84
N TYR B 185 -6.93 19.95 12.67
CA TYR B 185 -7.45 20.50 11.43
C TYR B 185 -8.09 19.56 10.40
N ASP B 186 -9.26 19.98 9.93
CA ASP B 186 -10.15 19.31 8.98
C ASP B 186 -9.73 19.68 7.56
N VAL B 187 -10.33 19.04 6.51
CA VAL B 187 -10.01 19.42 5.11
C VAL B 187 -11.13 19.43 4.08
N LYS B 188 -11.19 20.59 3.42
CA LYS B 188 -11.98 20.74 2.23
C LYS B 188 -11.12 20.27 1.04
N ILE B 189 -11.78 19.74 0.04
CA ILE B 189 -11.09 19.46 -1.19
C ILE B 189 -12.11 20.01 -2.15
N SER B 190 -11.67 21.03 -2.89
CA SER B 190 -12.51 21.67 -3.88
C SER B 190 -11.83 21.47 -5.22
N LEU B 191 -12.56 20.75 -6.10
CA LEU B 191 -12.23 20.51 -7.51
C LEU B 191 -13.24 21.40 -8.12
N ASN B 192 -12.82 22.66 -8.27
CA ASN B 192 -13.45 23.73 -9.06
C ASN B 192 -12.75 24.16 -10.42
N LEU B 193 -13.26 25.22 -11.07
CA LEU B 193 -12.90 25.62 -12.45
C LEU B 193 -12.33 27.05 -12.64
N GLU B 194 -11.40 27.19 -13.59
CA GLU B 194 -10.69 28.45 -13.77
C GLU B 194 -10.82 29.08 -15.16
N LEU B 195 -12.01 29.62 -15.35
CA LEU B 195 -12.50 30.04 -16.63
C LEU B 195 -11.99 31.44 -16.87
N PRO B 196 -11.28 31.71 -18.00
CA PRO B 196 -10.86 33.05 -18.45
C PRO B 196 -11.95 33.82 -19.21
N VAL B 197 -11.68 35.09 -19.55
CA VAL B 197 -12.32 35.72 -20.70
C VAL B 197 -11.39 35.47 -21.93
N PRO B 198 -11.97 35.18 -23.13
CA PRO B 198 -11.11 34.82 -24.26
C PRO B 198 -10.14 35.95 -24.55
N ASP B 199 -9.07 35.68 -25.30
CA ASP B 199 -8.09 36.70 -25.65
C ASP B 199 -8.68 37.80 -26.54
N ASN B 200 -9.25 38.81 -25.86
CA ASN B 200 -9.61 40.18 -26.31
C ASN B 200 -9.52 40.95 -24.97
N ASP B 201 -9.13 42.24 -24.98
CA ASP B 201 -8.80 42.90 -23.71
C ASP B 201 -9.91 43.62 -22.95
N PRO B 202 -10.99 42.89 -22.57
CA PRO B 202 -11.67 43.29 -21.35
C PRO B 202 -10.92 43.78 -20.11
N PRO B 203 -9.76 43.19 -19.75
CA PRO B 203 -8.99 43.75 -18.62
C PRO B 203 -8.57 45.23 -18.81
N GLU B 204 -8.85 45.81 -19.96
CA GLU B 204 -8.52 47.18 -20.30
C GLU B 204 -9.88 47.90 -20.30
N LYS B 205 -10.90 47.23 -20.85
CA LYS B 205 -12.25 47.79 -20.90
C LYS B 205 -13.03 47.65 -19.58
N TYR B 206 -12.41 47.14 -18.53
CA TYR B 206 -13.09 46.89 -17.26
C TYR B 206 -13.10 48.07 -16.28
N LYS B 207 -13.43 49.26 -16.79
CA LYS B 207 -13.40 50.56 -16.07
C LYS B 207 -14.76 51.20 -16.04
N SER B 208 -15.57 50.79 -17.01
CA SER B 208 -16.99 50.99 -17.00
C SER B 208 -17.48 50.29 -15.74
N GLN B 209 -16.55 50.02 -14.80
CA GLN B 209 -16.76 49.36 -13.48
C GLN B 209 -15.55 49.32 -12.51
N SER B 210 -15.78 49.67 -11.24
CA SER B 210 -14.80 49.48 -10.12
C SER B 210 -15.10 48.21 -9.30
N PRO B 211 -14.07 47.60 -8.67
CA PRO B 211 -14.24 46.24 -8.12
C PRO B 211 -15.19 46.24 -6.94
N ILE B 212 -15.89 45.12 -6.67
CA ILE B 212 -16.74 45.04 -5.44
C ILE B 212 -16.12 44.22 -4.28
N SER B 213 -14.80 43.98 -4.38
CA SER B 213 -13.95 43.19 -3.45
C SER B 213 -12.52 43.63 -3.70
N GLU B 214 -11.74 43.63 -2.62
CA GLU B 214 -10.33 43.83 -2.64
C GLU B 214 -9.61 43.19 -1.42
N ARG B 215 -8.88 42.09 -1.74
CA ARG B 215 -7.96 41.33 -0.87
C ARG B 215 -6.52 41.73 -1.24
N THR B 216 -5.53 41.34 -0.42
CA THR B 216 -4.08 41.54 -0.63
C THR B 216 -3.40 40.20 -0.20
N LYS B 217 -2.70 39.47 -1.09
CA LYS B 217 -2.11 38.19 -0.66
C LYS B 217 -0.56 38.05 -0.65
N ASP B 218 0.03 37.97 0.54
CA ASP B 218 1.43 37.60 0.65
C ASP B 218 1.62 36.07 0.63
N ARG B 219 1.24 35.47 -0.50
CA ARG B 219 1.35 34.03 -0.80
C ARG B 219 2.78 33.66 -1.15
N VAL B 220 3.26 32.54 -0.57
CA VAL B 220 4.57 31.95 -0.88
C VAL B 220 4.37 30.45 -1.09
N SER B 221 5.12 29.94 -2.08
CA SER B 221 4.74 28.76 -2.85
C SER B 221 5.91 27.82 -3.04
N TYR B 222 5.60 26.53 -2.88
CA TYR B 222 6.57 25.44 -2.97
C TYR B 222 5.89 24.53 -3.90
N ILE B 223 6.51 24.33 -5.08
CA ILE B 223 6.08 23.29 -6.01
C ILE B 223 7.10 22.20 -5.96
N HIS B 224 6.67 21.02 -6.39
CA HIS B 224 7.37 19.76 -6.19
C HIS B 224 6.79 18.88 -7.30
N ASN B 225 7.43 18.94 -8.47
CA ASN B 225 6.98 18.19 -9.65
C ASN B 225 7.19 16.69 -9.57
N ASP B 226 7.94 16.24 -8.55
CA ASP B 226 8.27 14.83 -8.25
C ASP B 226 7.21 14.03 -7.46
N SER B 227 6.43 14.69 -6.59
CA SER B 227 5.00 14.38 -6.47
C SER B 227 4.35 15.44 -7.39
N CYS B 228 3.06 15.78 -7.32
CA CYS B 228 2.57 16.70 -8.36
C CYS B 228 1.80 17.77 -7.67
N THR B 229 2.54 18.40 -6.76
CA THR B 229 1.92 19.08 -5.65
C THR B 229 2.67 20.36 -5.36
N ARG B 230 1.87 21.42 -5.20
CA ARG B 230 2.29 22.76 -4.78
C ARG B 230 1.64 23.13 -3.43
N ILE B 231 2.42 23.76 -2.56
CA ILE B 231 2.06 24.09 -1.18
C ILE B 231 1.97 25.64 -1.03
N ASP B 232 0.76 26.17 -0.92
CA ASP B 232 0.53 27.63 -0.88
C ASP B 232 0.40 28.26 0.52
N ILE B 233 1.55 28.63 1.09
CA ILE B 233 1.59 29.24 2.41
C ILE B 233 1.13 30.67 2.11
N THR B 234 -0.10 31.01 2.51
CA THR B 234 -0.75 32.24 2.04
C THR B 234 -1.41 33.15 3.07
N LYS B 235 -0.80 34.33 3.23
CA LYS B 235 -1.34 35.44 4.02
C LYS B 235 -2.26 36.28 3.15
N VAL B 236 -3.49 36.48 3.59
CA VAL B 236 -4.46 37.37 2.93
C VAL B 236 -4.91 38.45 3.91
N GLU B 237 -4.68 39.71 3.51
CA GLU B 237 -5.11 40.88 4.27
C GLU B 237 -6.41 41.29 3.54
N ASN B 238 -7.51 41.51 4.27
CA ASN B 238 -8.80 41.99 3.66
C ASN B 238 -9.22 43.42 4.03
N HIS B 239 -9.97 44.09 3.13
CA HIS B 239 -10.21 45.57 3.17
C HIS B 239 -11.60 46.08 2.73
N SER B 248 -11.93 44.59 11.69
CA SER B 248 -11.48 43.97 10.43
C SER B 248 -10.56 42.73 10.67
N GLU B 249 -9.95 42.17 9.60
CA GLU B 249 -8.92 41.12 9.74
C GLU B 249 -8.21 40.66 8.47
N THR B 250 -6.99 40.16 8.70
CA THR B 250 -6.19 39.38 7.76
C THR B 250 -6.30 37.88 8.11
N THR B 251 -6.16 36.99 7.13
CA THR B 251 -6.29 35.53 7.37
C THR B 251 -5.10 34.71 6.85
N HIS B 252 -4.67 33.73 7.64
CA HIS B 252 -3.46 33.00 7.33
C HIS B 252 -3.98 31.63 7.01
N GLU B 253 -4.03 31.31 5.71
CA GLU B 253 -4.64 30.08 5.17
C GLU B 253 -3.56 29.25 4.47
N VAL B 254 -3.80 27.93 4.37
CA VAL B 254 -2.84 26.99 3.79
C VAL B 254 -3.47 26.03 2.81
N GLU B 255 -2.87 25.89 1.62
CA GLU B 255 -3.50 25.08 0.57
C GLU B 255 -2.51 24.18 -0.20
N LEU B 256 -3.07 23.20 -0.90
CA LEU B 256 -2.29 22.29 -1.75
C LEU B 256 -2.99 22.06 -3.09
N GLU B 257 -2.23 22.22 -4.17
CA GLU B 257 -2.74 22.21 -5.52
C GLU B 257 -2.12 20.99 -6.18
N ILE B 258 -2.86 20.41 -7.14
CA ILE B 258 -2.33 19.32 -7.91
C ILE B 258 -2.22 19.67 -9.39
N ASN B 259 -0.94 19.59 -9.83
CA ASN B 259 -0.42 19.74 -11.20
C ASN B 259 -1.40 19.10 -12.14
N THR B 260 -2.21 19.97 -12.75
CA THR B 260 -3.42 19.62 -13.52
C THR B 260 -3.14 18.84 -14.79
N PRO B 261 -2.00 19.13 -15.46
CA PRO B 261 -1.67 18.26 -16.60
C PRO B 261 -1.47 16.80 -16.19
N ALA B 262 -0.55 16.56 -15.27
CA ALA B 262 -0.39 15.25 -14.60
C ALA B 262 -1.76 14.60 -14.28
N LEU B 263 -2.61 15.35 -13.55
CA LEU B 263 -3.98 14.91 -13.29
C LEU B 263 -4.68 14.45 -14.55
N LEU B 264 -4.79 15.36 -15.54
CA LEU B 264 -5.71 15.20 -16.66
C LEU B 264 -5.22 14.06 -17.44
N ASN B 265 -3.89 13.97 -17.50
CA ASN B 265 -3.17 12.85 -18.09
C ASN B 265 -3.59 11.57 -17.37
N ALA B 266 -3.18 11.25 -16.12
CA ALA B 266 -3.68 9.96 -15.50
C ALA B 266 -5.18 9.68 -15.74
N PHE B 267 -5.97 10.76 -15.79
CA PHE B 267 -7.35 10.63 -16.19
C PHE B 267 -7.51 10.12 -17.62
N ASP B 268 -6.85 10.78 -18.56
CA ASP B 268 -6.96 10.45 -20.00
C ASP B 268 -6.73 8.96 -20.18
N ASN B 269 -5.56 8.47 -19.75
CA ASN B 269 -5.21 7.05 -19.78
C ASN B 269 -5.71 6.34 -18.52
N ILE B 270 -7.02 6.43 -18.26
CA ILE B 270 -7.65 5.64 -17.18
C ILE B 270 -7.60 4.18 -17.56
N THR B 271 -8.76 3.68 -18.00
CA THR B 271 -8.99 2.42 -18.72
C THR B 271 -7.78 1.59 -19.11
N ASN B 272 -6.79 2.23 -19.73
CA ASN B 272 -5.48 1.61 -19.99
C ASN B 272 -4.66 1.42 -18.72
N ASP B 273 -3.89 2.44 -18.31
CA ASP B 273 -3.08 2.37 -17.09
C ASP B 273 -3.91 2.94 -15.93
N SER B 274 -4.51 2.03 -15.18
CA SER B 274 -5.17 2.42 -13.97
C SER B 274 -4.11 2.86 -12.94
N LYS B 275 -3.12 1.99 -12.68
CA LYS B 275 -2.13 2.22 -11.62
C LYS B 275 -1.77 3.67 -11.49
N GLU B 276 -1.53 4.31 -12.64
CA GLU B 276 -1.10 5.72 -12.68
C GLU B 276 -2.10 6.73 -12.03
N TYR B 277 -3.42 6.64 -12.35
CA TYR B 277 -4.43 7.51 -11.72
C TYR B 277 -4.35 7.27 -10.21
N ALA B 278 -4.34 5.99 -9.83
CA ALA B 278 -4.26 5.57 -8.42
C ALA B 278 -3.05 6.17 -7.70
N SER B 279 -1.83 5.68 -7.91
CA SER B 279 -0.71 6.25 -7.17
C SER B 279 -0.67 7.77 -7.19
N LEU B 280 -1.33 8.41 -8.16
CA LEU B 280 -1.37 9.92 -8.26
C LEU B 280 -2.38 10.56 -7.31
N ILE B 281 -3.51 9.90 -7.13
CA ILE B 281 -4.41 10.25 -6.01
C ILE B 281 -3.73 10.08 -4.65
N ARG B 282 -3.39 8.86 -4.24
CA ARG B 282 -2.77 8.63 -2.91
C ARG B 282 -1.61 9.56 -2.64
N THR B 283 -0.67 9.70 -3.56
CA THR B 283 0.38 10.69 -3.31
C THR B 283 -0.19 12.10 -3.17
N PHE B 284 -1.33 12.43 -3.79
CA PHE B 284 -1.95 13.71 -3.48
C PHE B 284 -2.38 13.75 -1.99
N LEU B 285 -3.35 12.90 -1.64
CA LEU B 285 -3.73 12.57 -0.25
C LEU B 285 -2.63 12.24 0.78
N ASN B 286 -1.55 11.57 0.41
CA ASN B 286 -0.37 11.49 1.31
C ASN B 286 0.31 12.87 1.62
N ASN B 287 0.13 13.91 0.79
CA ASN B 287 0.78 15.21 1.09
C ASN B 287 -0.09 15.93 2.10
N GLY B 288 -1.40 15.73 1.96
CA GLY B 288 -2.42 16.37 2.82
C GLY B 288 -1.92 16.09 4.21
N THR B 289 -1.80 14.79 4.46
CA THR B 289 -1.36 14.15 5.70
C THR B 289 -0.09 14.79 6.31
N ILE B 290 1.09 14.53 5.74
CA ILE B 290 2.32 15.18 6.22
C ILE B 290 2.05 16.58 6.76
N ILE B 291 1.44 17.48 5.96
CA ILE B 291 1.01 18.80 6.44
C ILE B 291 -0.05 18.72 7.58
N ARG B 292 -1.17 18.02 7.33
CA ARG B 292 -2.32 17.98 8.28
C ARG B 292 -1.83 17.52 9.65
N ARG B 293 -0.95 16.51 9.60
CA ARG B 293 -0.26 15.95 10.75
C ARG B 293 0.77 16.99 11.26
N LYS B 294 1.79 17.36 10.47
CA LYS B 294 2.79 18.35 10.95
C LYS B 294 2.13 19.53 11.67
N LEU B 295 1.09 20.07 11.01
CA LEU B 295 0.28 21.18 11.50
C LEU B 295 -0.22 20.91 12.93
N SER B 296 -0.70 19.69 13.17
CA SER B 296 -1.23 19.31 14.47
C SER B 296 -0.09 19.19 15.46
N SER B 297 0.98 18.49 15.07
CA SER B 297 2.18 18.38 15.92
C SER B 297 2.91 19.68 16.38
N LEU B 298 2.58 20.84 15.76
CA LEU B 298 3.20 22.13 16.05
C LEU B 298 2.34 23.03 16.91
N SER B 299 1.12 22.57 17.20
CA SER B 299 0.44 23.11 18.38
C SER B 299 1.42 22.74 19.52
N TYR B 300 1.91 23.75 20.24
CA TYR B 300 2.81 23.62 21.42
C TYR B 300 4.22 23.03 21.17
N PRO C 13 18.19 -22.04 34.67
CA PRO C 13 17.22 -21.23 35.42
C PRO C 13 17.18 -19.82 34.86
N GLU C 14 16.53 -18.92 35.60
CA GLU C 14 16.57 -17.51 35.26
C GLU C 14 17.96 -16.98 35.54
N ILE C 15 18.45 -16.26 34.53
CA ILE C 15 19.83 -15.78 34.43
C ILE C 15 20.13 -14.68 35.46
N PRO C 16 21.24 -14.82 36.21
CA PRO C 16 21.47 -13.97 37.38
C PRO C 16 21.55 -12.44 37.13
N GLY C 17 21.93 -12.04 35.91
CA GLY C 17 21.91 -10.63 35.53
C GLY C 17 21.01 -10.28 34.36
N LEU C 18 21.63 -9.71 33.32
CA LEU C 18 21.01 -9.32 32.04
C LEU C 18 22.12 -9.09 31.01
N ILE C 19 21.75 -8.97 29.73
CA ILE C 19 22.71 -8.39 28.79
C ILE C 19 22.51 -6.88 28.93
N GLN C 20 23.66 -6.20 28.76
CA GLN C 20 23.75 -4.76 28.50
C GLN C 20 23.64 -4.47 26.98
N PRO C 21 23.82 -3.20 26.53
CA PRO C 21 23.72 -2.88 25.08
C PRO C 21 24.46 -3.79 24.06
N GLY C 22 24.27 -3.50 22.77
CA GLY C 22 24.85 -4.32 21.69
C GLY C 22 26.28 -3.92 21.37
N ASN C 23 26.53 -2.61 21.37
CA ASN C 23 27.87 -2.04 21.27
C ASN C 23 28.73 -2.46 22.48
N VAL C 24 28.19 -2.22 23.69
CA VAL C 24 28.82 -2.61 24.95
C VAL C 24 28.97 -4.14 25.08
N THR C 25 28.36 -4.91 24.18
CA THR C 25 28.67 -6.34 24.04
C THR C 25 29.88 -6.50 23.12
N GLN C 26 29.87 -5.77 21.99
CA GLN C 26 30.97 -5.76 20.99
C GLN C 26 32.35 -5.45 21.62
N ASP C 27 32.36 -4.45 22.50
CA ASP C 27 33.53 -3.99 23.23
C ASP C 27 34.24 -5.13 23.99
N LEU C 28 33.46 -5.92 24.71
CA LEU C 28 33.99 -6.99 25.52
C LEU C 28 34.41 -8.13 24.61
N LYS C 29 33.57 -8.41 23.60
CA LYS C 29 33.87 -9.40 22.56
C LYS C 29 35.29 -9.15 22.00
N MET C 30 35.68 -7.88 21.84
CA MET C 30 37.03 -7.48 21.43
C MET C 30 38.11 -7.82 22.46
N MET C 31 37.99 -7.32 23.69
CA MET C 31 38.86 -7.70 24.80
C MET C 31 39.14 -9.22 24.85
N VAL C 32 38.07 -10.01 24.66
CA VAL C 32 38.12 -11.47 24.70
C VAL C 32 38.91 -12.08 23.54
N CYS C 33 38.84 -11.45 22.35
CA CYS C 33 39.54 -11.95 21.16
C CYS C 33 41.03 -12.12 21.45
N LYS C 34 41.60 -11.03 21.97
CA LYS C 34 43.03 -10.90 22.19
C LYS C 34 43.50 -11.76 23.36
N LEU C 35 42.68 -11.79 24.43
CA LEU C 35 42.99 -12.53 25.66
C LEU C 35 43.28 -14.02 25.43
N LEU C 36 42.81 -14.56 24.31
CA LEU C 36 43.12 -15.94 23.92
C LEU C 36 43.71 -16.02 22.52
N ASN C 37 44.25 -14.89 22.05
CA ASN C 37 44.92 -14.77 20.74
C ASN C 37 44.21 -15.40 19.52
N SER C 38 42.93 -15.04 19.38
CA SER C 38 42.08 -15.35 18.22
C SER C 38 40.76 -14.60 18.33
N PRO C 39 40.35 -13.92 17.25
CA PRO C 39 39.29 -12.92 17.43
C PRO C 39 37.88 -13.51 17.43
N LYS C 40 37.81 -14.84 17.38
CA LYS C 40 36.59 -15.64 17.24
C LYS C 40 35.43 -15.15 18.12
N PRO C 41 35.70 -14.74 19.38
CA PRO C 41 34.70 -14.03 20.20
C PRO C 41 33.85 -12.96 19.52
N THR C 42 34.21 -12.59 18.30
CA THR C 42 33.34 -11.88 17.35
C THR C 42 31.94 -12.52 17.34
N LYS C 43 31.92 -13.85 17.10
CA LYS C 43 30.71 -14.66 17.02
C LYS C 43 30.73 -15.94 17.88
N THR C 44 31.52 -16.95 17.47
CA THR C 44 31.45 -18.32 18.01
C THR C 44 31.57 -18.44 19.54
N PHE C 45 31.09 -19.55 20.09
CA PHE C 45 31.16 -19.80 21.53
C PHE C 45 32.61 -20.00 21.96
N PRO C 46 33.11 -19.12 22.84
CA PRO C 46 34.50 -19.27 23.24
C PRO C 46 34.74 -20.68 23.77
N GLY C 47 33.96 -21.09 24.77
CA GLY C 47 34.16 -22.37 25.47
C GLY C 47 34.13 -23.60 24.60
N SER C 48 34.60 -24.71 25.15
CA SER C 48 34.85 -25.90 24.33
C SER C 48 33.55 -26.62 24.25
N GLN C 49 33.29 -27.21 23.09
CA GLN C 49 32.04 -27.96 22.81
C GLN C 49 32.32 -29.42 22.44
N PRO C 50 31.79 -30.36 23.26
CA PRO C 50 32.11 -31.78 23.13
C PRO C 50 31.52 -32.49 21.91
N VAL C 51 32.21 -33.56 21.52
CA VAL C 51 31.77 -34.47 20.45
C VAL C 51 31.17 -35.72 21.11
N SER C 52 30.33 -36.44 20.36
CA SER C 52 29.63 -37.62 20.82
C SER C 52 30.53 -38.87 20.90
N PHE C 53 30.45 -39.57 22.03
CA PHE C 53 31.19 -40.79 22.30
C PHE C 53 30.83 -42.02 21.46
N GLN C 54 31.85 -42.85 21.25
CA GLN C 54 31.83 -44.08 20.45
C GLN C 54 32.66 -45.22 21.06
N HIS C 55 32.24 -46.47 20.81
CA HIS C 55 33.06 -47.66 21.07
C HIS C 55 34.41 -47.54 20.34
N SER C 56 34.30 -47.15 19.07
CA SER C 56 35.43 -46.76 18.22
C SER C 56 36.47 -45.94 18.99
N ASP C 57 35.99 -44.92 19.71
CA ASP C 57 36.86 -44.13 20.60
C ASP C 57 37.64 -44.94 21.64
N VAL C 58 37.09 -46.04 22.19
CA VAL C 58 37.74 -46.70 23.34
C VAL C 58 39.22 -46.98 23.11
N GLU C 59 39.52 -47.78 22.10
CA GLU C 59 40.89 -48.01 21.65
C GLU C 59 41.59 -46.74 21.15
N GLU C 60 40.83 -45.83 20.53
CA GLU C 60 41.38 -44.64 19.89
C GLU C 60 41.93 -43.55 20.80
N LYS C 61 41.21 -43.25 21.87
CA LYS C 61 41.45 -42.06 22.68
C LYS C 61 41.47 -42.31 24.17
N LEU C 62 40.58 -43.17 24.66
CA LEU C 62 40.53 -43.52 26.07
C LEU C 62 41.58 -44.57 26.40
N LEU C 63 42.08 -45.26 25.38
CA LEU C 63 43.20 -46.21 25.54
C LEU C 63 44.58 -45.53 25.50
N ALA C 64 44.75 -44.50 24.67
CA ALA C 64 46.07 -43.87 24.42
C ALA C 64 46.45 -42.59 25.23
N HIS C 65 45.62 -42.25 26.23
CA HIS C 65 45.82 -41.05 27.05
C HIS C 65 45.47 -41.32 28.51
N ASP C 66 45.35 -40.22 29.27
CA ASP C 66 45.05 -40.23 30.70
C ASP C 66 43.84 -39.29 30.85
N TYR C 67 42.69 -39.82 31.25
CA TYR C 67 41.39 -39.16 31.13
C TYR C 67 40.59 -38.93 32.41
N TYR C 68 39.63 -38.02 32.32
CA TYR C 68 38.75 -37.57 33.39
C TYR C 68 37.28 -37.91 33.15
N VAL C 69 36.55 -38.06 34.26
CA VAL C 69 35.10 -38.12 34.24
C VAL C 69 34.40 -37.44 35.41
N CYS C 70 33.41 -36.63 35.04
CA CYS C 70 32.37 -36.17 35.95
C CYS C 70 31.08 -36.36 35.15
N GLU C 71 29.95 -36.38 35.86
CA GLU C 71 28.58 -36.27 35.30
C GLU C 71 28.31 -35.02 34.45
N LYS C 72 27.46 -35.11 33.43
CA LYS C 72 27.03 -33.92 32.64
C LYS C 72 25.92 -33.14 33.37
N THR C 73 26.28 -32.07 34.09
CA THR C 73 25.29 -31.19 34.72
C THR C 73 24.36 -30.56 33.69
N ASP C 74 23.05 -30.61 33.94
CA ASP C 74 22.04 -30.07 33.02
C ASP C 74 21.53 -28.68 33.46
N GLY C 75 22.46 -27.74 33.47
CA GLY C 75 22.11 -26.35 33.75
C GLY C 75 22.11 -25.50 32.50
N LEU C 76 22.49 -24.24 32.69
CA LEU C 76 22.54 -23.27 31.62
C LEU C 76 23.98 -22.94 31.43
N ARG C 77 24.67 -23.64 30.53
CA ARG C 77 26.08 -23.36 30.23
C ARG C 77 26.29 -21.89 29.85
N VAL C 78 27.11 -21.27 30.69
CA VAL C 78 27.30 -19.84 30.87
C VAL C 78 28.75 -19.71 31.36
N LEU C 79 29.66 -19.12 30.57
CA LEU C 79 31.05 -18.91 31.05
C LEU C 79 31.06 -17.82 32.05
N MET C 80 32.17 -17.76 32.80
CA MET C 80 32.43 -16.57 33.63
C MET C 80 33.50 -15.69 32.99
N PHE C 81 33.23 -14.39 32.94
CA PHE C 81 34.22 -13.41 32.48
C PHE C 81 34.44 -12.31 33.48
N ILE C 82 35.66 -12.22 34.02
CA ILE C 82 35.98 -11.15 34.99
C ILE C 82 37.15 -10.25 34.64
N VAL C 83 36.80 -8.98 34.42
CA VAL C 83 37.70 -7.89 34.00
C VAL C 83 37.28 -6.53 34.60
N ILE C 84 38.25 -5.61 34.74
CA ILE C 84 38.17 -4.35 35.52
C ILE C 84 38.21 -3.14 34.57
N ASN C 85 37.04 -2.59 34.27
CA ASN C 85 36.83 -1.70 33.10
C ASN C 85 37.77 -0.49 32.84
N PRO C 86 38.62 -0.57 31.78
CA PRO C 86 39.39 0.62 31.40
C PRO C 86 38.57 1.75 30.75
N VAL C 87 37.24 1.69 30.90
CA VAL C 87 36.37 2.84 30.64
C VAL C 87 36.41 3.66 31.94
N THR C 88 35.69 3.22 32.98
CA THR C 88 35.56 3.97 34.26
C THR C 88 36.12 3.33 35.55
N GLY C 89 36.91 2.26 35.42
CA GLY C 89 37.53 1.56 36.56
C GLY C 89 36.62 1.03 37.65
N GLU C 90 36.54 -0.31 37.71
CA GLU C 90 35.79 -1.14 38.67
C GLU C 90 35.67 -2.55 38.08
N GLN C 91 35.71 -3.58 38.94
CA GLN C 91 35.63 -4.99 38.50
C GLN C 91 34.24 -5.43 38.00
N GLY C 92 34.27 -6.26 36.95
CA GLY C 92 33.04 -6.70 36.30
C GLY C 92 32.80 -8.19 36.30
N CYS C 93 31.55 -8.54 36.59
CA CYS C 93 31.10 -9.92 36.70
C CYS C 93 30.19 -10.27 35.53
N PHE C 94 30.73 -11.05 34.59
CA PHE C 94 30.09 -11.28 33.28
C PHE C 94 29.87 -12.74 32.87
N MET C 95 28.81 -12.94 32.07
CA MET C 95 28.27 -14.28 31.76
C MET C 95 28.02 -14.52 30.27
N ILE C 96 28.59 -15.59 29.71
CA ILE C 96 28.50 -15.88 28.28
C ILE C 96 27.73 -17.18 27.93
N ASP C 97 26.47 -17.02 27.49
CA ASP C 97 25.56 -18.15 27.16
C ASP C 97 25.89 -18.86 25.85
N ARG C 98 25.02 -19.76 25.39
CA ARG C 98 25.28 -20.68 24.25
C ARG C 98 25.41 -19.92 22.92
N GLU C 99 24.45 -19.04 22.70
CA GLU C 99 24.63 -17.96 21.75
C GLU C 99 25.50 -16.96 22.53
N ASN C 100 26.49 -16.35 21.89
CA ASN C 100 27.41 -15.43 22.58
C ASN C 100 26.78 -14.12 23.04
N ASN C 101 26.21 -14.17 24.24
CA ASN C 101 25.43 -13.07 24.80
C ASN C 101 25.88 -12.84 26.24
N TYR C 102 26.00 -11.58 26.67
CA TYR C 102 26.76 -11.22 27.87
C TYR C 102 25.95 -10.68 29.06
N TYR C 103 26.02 -11.40 30.19
CA TYR C 103 25.21 -11.04 31.36
C TYR C 103 25.99 -10.27 32.44
N LEU C 104 25.30 -9.39 33.20
CA LEU C 104 25.97 -8.53 34.20
C LEU C 104 25.48 -8.66 35.64
N VAL C 105 26.16 -9.56 36.36
CA VAL C 105 25.89 -9.82 37.77
C VAL C 105 26.41 -8.69 38.66
N ASN C 106 25.93 -8.65 39.91
CA ASN C 106 26.28 -7.61 40.87
C ASN C 106 27.65 -7.82 41.55
N GLY C 107 27.67 -7.65 42.88
CA GLY C 107 28.92 -7.60 43.68
C GLY C 107 29.75 -8.86 43.88
N PHE C 108 30.96 -8.83 43.35
CA PHE C 108 31.93 -9.92 43.52
C PHE C 108 33.35 -9.36 43.57
N ARG C 109 34.09 -9.80 44.58
CA ARG C 109 35.46 -9.35 44.77
C ARG C 109 36.47 -10.46 44.48
N PHE C 110 36.78 -10.61 43.19
CA PHE C 110 37.74 -11.62 42.75
C PHE C 110 39.17 -11.05 42.78
N PRO C 111 40.06 -11.65 43.62
CA PRO C 111 41.36 -11.12 44.08
C PRO C 111 42.67 -11.82 43.65
N ARG C 112 43.56 -11.99 44.63
CA ARG C 112 44.66 -12.96 44.61
C ARG C 112 45.10 -13.20 46.07
N LEU C 113 46.33 -13.68 46.23
CA LEU C 113 47.08 -13.54 47.49
C LEU C 113 48.57 -13.75 47.16
N PRO C 114 49.23 -12.72 46.56
CA PRO C 114 50.67 -12.85 46.23
C PRO C 114 51.61 -12.71 47.43
N GLN C 115 51.23 -11.86 48.39
CA GLN C 115 51.94 -11.73 49.67
C GLN C 115 51.46 -12.75 50.71
N LYS C 116 50.95 -12.30 51.87
CA LYS C 116 50.47 -13.24 52.89
C LYS C 116 49.24 -12.84 53.68
N LYS C 117 49.23 -11.62 54.22
CA LYS C 117 48.25 -11.16 55.22
C LYS C 117 46.80 -11.58 54.98
N LYS C 118 46.16 -12.07 56.05
CA LYS C 118 44.79 -12.63 56.01
C LYS C 118 43.67 -11.60 55.77
N GLU C 119 44.07 -10.33 55.55
CA GLU C 119 43.25 -9.24 55.00
C GLU C 119 43.48 -9.11 53.49
N GLU C 120 44.74 -9.19 53.06
CA GLU C 120 45.22 -9.01 51.66
C GLU C 120 44.17 -8.89 50.53
N LEU C 121 43.33 -9.92 50.38
CA LEU C 121 42.18 -9.96 49.45
C LEU C 121 41.42 -8.65 49.22
N LEU C 122 41.22 -7.91 50.31
CA LEU C 122 40.34 -6.74 50.37
C LEU C 122 40.65 -5.54 49.45
N GLU C 123 41.86 -5.47 48.89
CA GLU C 123 42.21 -4.40 47.94
C GLU C 123 42.84 -4.98 46.66
N THR C 124 43.38 -6.20 46.79
CA THR C 124 43.87 -6.99 45.66
C THR C 124 42.72 -7.37 44.70
N LEU C 125 43.07 -7.87 43.51
CA LEU C 125 42.10 -8.02 42.41
C LEU C 125 42.44 -9.11 41.36
N GLN C 126 41.51 -9.36 40.43
CA GLN C 126 41.64 -10.34 39.32
C GLN C 126 41.32 -9.65 37.99
N ASP C 127 42.17 -9.87 36.98
CA ASP C 127 42.15 -9.19 35.65
C ASP C 127 42.60 -10.22 34.62
N GLY C 128 41.74 -10.40 33.61
CA GLY C 128 41.91 -11.39 32.55
C GLY C 128 41.73 -12.81 33.05
N THR C 129 40.49 -13.17 33.38
CA THR C 129 40.21 -14.51 33.90
C THR C 129 38.95 -15.17 33.31
N LEU C 130 39.17 -16.20 32.48
CA LEU C 130 38.11 -16.94 31.78
C LEU C 130 37.97 -18.44 32.16
N LEU C 131 36.81 -18.71 32.77
CA LEU C 131 36.52 -19.98 33.44
C LEU C 131 35.14 -20.49 33.06
N ASP C 132 35.12 -21.72 32.52
CA ASP C 132 33.94 -22.32 31.90
C ASP C 132 33.02 -23.08 32.82
N GLY C 133 31.77 -22.64 32.89
CA GLY C 133 30.84 -23.16 33.90
C GLY C 133 29.43 -23.66 33.63
N GLU C 134 28.88 -24.34 34.65
CA GLU C 134 27.47 -24.75 34.62
C GLU C 134 26.55 -24.26 35.73
N LEU C 135 25.63 -23.36 35.39
CA LEU C 135 24.73 -22.79 36.39
C LEU C 135 23.51 -23.69 36.72
N VAL C 136 23.68 -24.61 37.67
CA VAL C 136 22.58 -25.46 38.18
C VAL C 136 21.68 -24.77 39.23
N ILE C 137 20.68 -25.51 39.74
CA ILE C 137 19.96 -25.17 40.98
C ILE C 137 20.37 -26.26 41.96
N GLN C 138 20.19 -26.04 43.25
CA GLN C 138 20.79 -26.94 44.23
C GLN C 138 19.97 -27.16 45.46
N THR C 139 19.57 -28.41 45.66
CA THR C 139 18.81 -28.81 46.83
C THR C 139 19.77 -29.19 47.92
N ASN C 140 19.48 -28.67 49.12
CA ASN C 140 20.05 -29.12 50.38
C ASN C 140 19.39 -30.44 50.75
N PRO C 141 20.18 -31.50 51.04
CA PRO C 141 19.48 -32.73 51.40
C PRO C 141 19.02 -32.79 52.85
N MET C 142 19.80 -32.20 53.76
CA MET C 142 19.49 -32.14 55.20
C MET C 142 18.38 -31.15 55.56
N THR C 143 18.04 -30.26 54.62
CA THR C 143 17.14 -29.15 54.90
C THR C 143 16.03 -29.00 53.84
N LYS C 144 16.34 -29.30 52.57
CA LYS C 144 15.45 -29.19 51.40
C LYS C 144 15.53 -27.82 50.67
N LEU C 145 16.34 -26.89 51.19
CA LEU C 145 16.46 -25.57 50.57
C LEU C 145 17.24 -25.52 49.21
N GLN C 146 16.50 -25.16 48.16
CA GLN C 146 17.02 -24.92 46.80
C GLN C 146 17.68 -23.54 46.67
N GLU C 147 18.73 -23.47 45.85
CA GLU C 147 19.59 -22.28 45.70
C GLU C 147 20.23 -22.28 44.30
N LEU C 148 20.44 -21.08 43.77
CA LEU C 148 21.11 -20.86 42.50
C LEU C 148 22.62 -21.10 42.73
N ARG C 149 23.27 -21.80 41.79
CA ARG C 149 24.67 -22.23 41.88
C ARG C 149 25.37 -22.36 40.55
N TYR C 150 26.67 -21.98 40.57
CA TYR C 150 27.62 -22.00 39.43
C TYR C 150 28.87 -22.85 39.70
N LEU C 151 29.08 -23.84 38.82
CA LEU C 151 30.14 -24.88 38.95
C LEU C 151 31.19 -24.82 37.82
N MET C 152 32.46 -25.11 38.13
CA MET C 152 33.51 -24.85 37.17
C MET C 152 34.37 -26.08 36.86
N PHE C 153 34.60 -26.30 35.57
CA PHE C 153 35.22 -27.56 35.14
C PHE C 153 36.52 -27.41 34.39
N ASP C 154 36.64 -26.27 33.72
CA ASP C 154 37.89 -25.86 33.12
C ASP C 154 37.96 -24.33 33.09
N CYS C 155 39.17 -23.81 32.99
CA CYS C 155 39.48 -22.40 32.94
C CYS C 155 40.58 -22.24 31.91
N LEU C 156 40.45 -21.22 31.06
CA LEU C 156 41.39 -20.97 29.98
C LEU C 156 42.05 -19.59 29.99
N ALA C 157 41.72 -18.81 31.01
CA ALA C 157 42.41 -17.53 31.30
C ALA C 157 42.47 -17.26 32.79
N ILE C 158 43.68 -17.03 33.28
CA ILE C 158 43.88 -16.53 34.64
C ILE C 158 44.83 -15.35 34.64
N ASN C 159 44.37 -14.27 35.28
CA ASN C 159 45.09 -13.01 35.40
C ASN C 159 45.91 -12.62 34.17
N GLY C 160 45.16 -12.27 33.12
CA GLY C 160 45.63 -11.89 31.78
C GLY C 160 46.33 -13.00 31.00
N ARG C 161 46.88 -13.98 31.71
CA ARG C 161 47.62 -15.09 31.12
C ARG C 161 46.67 -16.10 30.44
N CYS C 162 46.77 -16.17 29.11
CA CYS C 162 46.02 -17.16 28.31
C CYS C 162 46.43 -18.58 28.69
N LEU C 163 45.58 -19.21 29.50
CA LEU C 163 45.75 -20.61 29.84
C LEU C 163 44.97 -21.53 28.87
N THR C 164 45.15 -21.35 27.56
CA THR C 164 44.57 -22.23 26.55
C THR C 164 45.59 -23.32 26.20
N GLN C 165 46.74 -22.89 25.68
CA GLN C 165 47.73 -23.76 25.04
C GLN C 165 48.39 -24.79 25.95
N SER C 166 47.94 -24.81 27.21
CA SER C 166 48.46 -25.63 28.31
C SER C 166 47.55 -26.80 28.67
N PRO C 167 48.14 -27.97 29.03
CA PRO C 167 47.42 -29.16 29.52
C PRO C 167 46.36 -28.89 30.58
N THR C 168 45.36 -29.77 30.66
CA THR C 168 44.24 -29.62 31.60
C THR C 168 44.73 -29.51 33.04
N SER C 169 45.59 -30.44 33.44
CA SER C 169 46.04 -30.56 34.83
C SER C 169 46.41 -29.20 35.37
N SER C 170 47.28 -28.53 34.62
CA SER C 170 47.74 -27.14 34.84
C SER C 170 46.68 -26.07 34.55
N ARG C 171 45.75 -26.33 33.63
CA ARG C 171 44.59 -25.44 33.46
C ARG C 171 43.70 -25.45 34.71
N LEU C 172 43.17 -26.62 35.10
CA LEU C 172 42.48 -26.80 36.38
C LEU C 172 43.27 -26.23 37.55
N ALA C 173 44.56 -26.60 37.63
CA ALA C 173 45.45 -26.31 38.79
C ALA C 173 45.41 -24.85 39.24
N HIS C 174 46.06 -23.98 38.47
CA HIS C 174 46.04 -22.53 38.64
C HIS C 174 44.68 -22.08 39.19
N LEU C 175 43.62 -22.32 38.41
CA LEU C 175 42.23 -21.96 38.77
C LEU C 175 41.85 -22.20 40.23
N GLY C 176 42.52 -23.16 40.86
CA GLY C 176 42.27 -23.53 42.23
C GLY C 176 42.75 -22.40 43.10
N LYS C 177 44.08 -22.28 43.15
CA LYS C 177 44.82 -21.26 43.92
C LYS C 177 44.37 -19.90 43.44
N GLU C 178 44.65 -19.61 42.18
CA GLU C 178 44.30 -18.34 41.57
C GLU C 178 42.90 -17.82 41.90
N PHE C 179 41.87 -18.28 41.19
CA PHE C 179 40.55 -17.74 41.41
C PHE C 179 39.77 -18.18 42.68
N PHE C 180 39.73 -19.49 42.94
CA PHE C 180 38.83 -20.06 43.96
C PHE C 180 39.27 -19.86 45.40
N LYS C 181 40.51 -20.25 45.71
CA LYS C 181 41.13 -20.02 47.03
C LYS C 181 40.77 -18.59 47.59
N PRO C 182 41.09 -17.48 46.87
CA PRO C 182 40.73 -16.12 47.28
C PRO C 182 39.24 -15.76 47.28
N TYR C 183 38.45 -16.32 46.37
CA TYR C 183 36.98 -16.30 46.59
C TYR C 183 36.75 -16.93 47.96
N PHE C 184 37.25 -18.15 48.17
CA PHE C 184 36.79 -18.94 49.32
C PHE C 184 37.23 -18.37 50.66
N ASP C 185 38.52 -18.07 50.77
CA ASP C 185 39.11 -17.36 51.90
C ASP C 185 38.35 -16.10 52.23
N LEU C 186 38.17 -15.24 51.23
CA LEU C 186 37.44 -13.97 51.34
C LEU C 186 36.04 -14.15 51.89
N ARG C 187 35.40 -15.26 51.54
CA ARG C 187 34.06 -15.52 52.01
C ARG C 187 34.13 -16.17 53.38
N ALA C 188 35.26 -16.80 53.69
CA ALA C 188 35.42 -17.56 54.94
C ALA C 188 35.90 -16.69 56.10
N ALA C 189 36.86 -15.79 55.82
CA ALA C 189 37.32 -14.79 56.77
C ALA C 189 36.25 -13.75 57.14
N TYR C 190 35.70 -13.06 56.12
CA TYR C 190 34.75 -11.98 56.34
C TYR C 190 33.40 -12.22 55.65
N PRO C 191 32.44 -12.85 56.37
CA PRO C 191 31.10 -13.14 55.87
C PRO C 191 30.29 -11.88 55.51
N ASN C 192 30.49 -10.80 56.25
CA ASN C 192 29.76 -9.56 56.08
C ASN C 192 30.10 -8.68 54.87
N ARG C 193 31.39 -8.55 54.52
CA ARG C 193 31.83 -7.68 53.41
C ARG C 193 31.17 -7.99 52.05
N CYS C 194 30.35 -9.04 52.02
CA CYS C 194 29.84 -9.57 50.77
C CYS C 194 28.52 -10.35 50.89
N THR C 195 27.40 -9.63 50.88
CA THR C 195 26.08 -10.23 50.68
C THR C 195 25.64 -9.81 49.28
N THR C 196 26.42 -8.84 48.76
CA THR C 196 26.49 -8.41 47.34
C THR C 196 26.60 -9.60 46.37
N PHE C 197 27.05 -10.75 46.88
CA PHE C 197 27.23 -12.03 46.19
C PHE C 197 25.83 -12.73 46.04
N PRO C 198 25.27 -12.79 44.82
CA PRO C 198 23.91 -13.28 44.58
C PRO C 198 23.69 -14.78 44.66
N PHE C 199 24.77 -15.56 44.63
CA PHE C 199 24.72 -17.00 44.42
C PHE C 199 26.07 -17.66 44.72
N LYS C 200 26.08 -18.95 45.08
CA LYS C 200 27.31 -19.64 45.49
C LYS C 200 28.22 -20.15 44.36
N ILE C 201 29.50 -20.38 44.67
CA ILE C 201 30.49 -20.95 43.74
C ILE C 201 31.15 -22.21 44.30
N SER C 202 31.37 -23.19 43.42
CA SER C 202 32.08 -24.42 43.81
C SER C 202 32.81 -25.01 42.65
N MET C 203 33.84 -25.80 42.96
CA MET C 203 34.61 -26.53 41.96
C MET C 203 33.83 -27.74 41.39
N LYS C 204 33.97 -28.02 40.08
CA LYS C 204 33.41 -29.28 39.55
C LYS C 204 34.23 -30.44 40.13
N HIS C 205 33.51 -31.26 40.87
CA HIS C 205 34.01 -32.44 41.56
C HIS C 205 34.74 -33.50 40.70
N MET C 206 35.97 -33.22 40.25
CA MET C 206 36.65 -34.10 39.30
C MET C 206 37.05 -35.49 39.81
N ASP C 207 36.95 -36.48 38.90
CA ASP C 207 37.39 -37.89 39.10
C ASP C 207 38.01 -38.45 37.81
N PHE C 208 39.01 -39.32 37.92
CA PHE C 208 39.69 -39.88 36.75
C PHE C 208 38.85 -40.99 36.10
N SER C 209 39.14 -41.27 34.83
CA SER C 209 38.61 -42.41 34.04
C SER C 209 38.31 -43.69 34.80
N TYR C 210 39.32 -44.27 35.45
CA TYR C 210 39.26 -45.62 36.00
C TYR C 210 38.29 -45.79 37.18
N GLN C 211 37.35 -44.86 37.30
CA GLN C 211 36.40 -44.81 38.40
C GLN C 211 34.92 -44.78 37.99
N LEU C 212 34.61 -45.01 36.71
CA LEU C 212 33.22 -45.05 36.22
C LEU C 212 32.28 -45.77 37.19
N VAL C 213 32.76 -46.91 37.71
CA VAL C 213 32.13 -47.68 38.80
C VAL C 213 31.72 -46.77 39.93
N LYS C 214 32.70 -46.11 40.57
CA LYS C 214 32.46 -45.07 41.57
C LYS C 214 31.55 -43.94 41.03
N VAL C 215 31.63 -43.65 39.72
CA VAL C 215 30.86 -42.57 39.11
C VAL C 215 29.38 -42.89 39.00
N ALA C 216 28.97 -43.69 38.02
CA ALA C 216 27.55 -44.01 37.80
C ALA C 216 26.70 -44.30 39.04
N LYS C 217 27.25 -45.04 40.01
CA LYS C 217 26.57 -45.35 41.28
C LYS C 217 26.20 -44.08 42.09
N SER C 218 26.83 -42.95 41.72
CA SER C 218 26.49 -41.58 42.15
C SER C 218 25.56 -40.83 41.18
N LEU C 219 25.79 -41.01 39.87
CA LEU C 219 25.05 -40.40 38.75
C LEU C 219 23.57 -40.05 39.02
N ASP C 220 22.78 -41.03 39.50
CA ASP C 220 21.35 -40.88 39.84
C ASP C 220 20.99 -40.28 41.22
N LYS C 221 21.98 -40.10 42.08
CA LYS C 221 21.71 -39.63 43.45
C LYS C 221 22.28 -38.24 43.78
N LEU C 222 22.47 -37.44 42.74
CA LEU C 222 22.94 -36.05 42.82
C LEU C 222 21.79 -35.01 42.86
N PRO C 223 21.88 -33.98 43.75
CA PRO C 223 20.91 -32.89 43.96
C PRO C 223 20.51 -32.03 42.75
N HIS C 224 21.45 -31.74 41.85
CA HIS C 224 21.15 -31.13 40.54
C HIS C 224 20.91 -32.19 39.46
N LEU C 225 21.00 -31.83 38.18
CA LEU C 225 20.59 -32.70 37.10
C LEU C 225 21.76 -33.19 36.30
N SER C 226 21.68 -34.43 35.81
CA SER C 226 22.77 -35.02 35.03
C SER C 226 22.38 -36.02 33.93
N ASP C 227 22.31 -35.52 32.69
CA ASP C 227 21.92 -36.32 31.52
C ASP C 227 23.07 -36.94 30.69
N GLY C 228 23.89 -37.70 31.41
CA GLY C 228 24.99 -38.48 30.88
C GLY C 228 26.27 -38.29 31.67
N LEU C 229 27.36 -38.82 31.14
CA LEU C 229 28.74 -38.59 31.61
C LEU C 229 29.47 -37.72 30.60
N ILE C 230 30.45 -36.97 31.11
CA ILE C 230 31.35 -36.16 30.30
C ILE C 230 32.79 -36.62 30.61
N PHE C 231 33.64 -36.58 29.57
CA PHE C 231 34.99 -37.19 29.57
C PHE C 231 36.02 -36.13 29.17
N THR C 232 37.07 -35.94 29.98
CA THR C 232 38.10 -34.92 29.66
C THR C 232 39.53 -35.46 29.69
N PRO C 233 40.35 -35.15 28.67
CA PRO C 233 41.71 -35.69 28.71
C PRO C 233 42.69 -34.75 29.44
N VAL C 234 43.41 -35.30 30.42
CA VAL C 234 44.38 -34.57 31.24
C VAL C 234 45.42 -33.88 30.31
N LYS C 235 46.48 -34.60 29.98
CA LYS C 235 47.54 -34.23 29.03
C LYS C 235 47.22 -33.30 27.83
N ALA C 236 45.96 -33.27 27.38
CA ALA C 236 45.51 -32.49 26.23
C ALA C 236 45.30 -30.98 26.45
N PRO C 237 45.45 -30.18 25.38
CA PRO C 237 45.14 -28.74 25.48
C PRO C 237 43.69 -28.42 25.14
N TYR C 238 43.19 -27.31 25.70
CA TYR C 238 41.81 -26.81 25.49
C TYR C 238 41.63 -26.24 24.07
N THR C 239 40.73 -25.27 23.92
CA THR C 239 40.22 -24.84 22.63
C THR C 239 39.39 -23.56 22.76
N ALA C 240 39.57 -22.70 21.76
CA ALA C 240 38.65 -21.64 21.42
C ALA C 240 37.31 -22.21 20.88
N GLY C 241 36.81 -21.64 19.77
CA GLY C 241 35.48 -21.92 19.19
C GLY C 241 35.17 -23.32 18.67
N GLY C 242 33.92 -23.76 18.88
CA GLY C 242 33.45 -25.05 18.41
C GLY C 242 34.15 -26.33 18.82
N LYS C 243 33.91 -27.37 18.02
CA LYS C 243 34.11 -28.78 18.40
C LYS C 243 35.56 -29.25 18.56
N ASP C 244 35.75 -30.31 19.34
CA ASP C 244 37.09 -30.84 19.58
C ASP C 244 37.16 -32.35 19.77
N SER C 245 37.87 -32.98 18.82
CA SER C 245 37.91 -34.43 18.59
C SER C 245 38.23 -35.35 19.79
N LEU C 246 38.70 -34.72 20.88
CA LEU C 246 39.03 -35.42 22.13
C LEU C 246 38.21 -35.05 23.40
N LEU C 247 37.22 -34.16 23.26
CA LEU C 247 36.30 -33.88 24.38
C LEU C 247 34.96 -34.59 24.17
N LEU C 248 34.59 -35.48 25.11
CA LEU C 248 33.50 -36.44 24.88
C LEU C 248 32.25 -36.32 25.74
N LYS C 249 31.07 -36.42 25.11
CA LYS C 249 29.78 -36.44 25.83
C LYS C 249 28.96 -37.73 25.73
N TRP C 250 28.80 -38.39 26.87
CA TRP C 250 28.00 -39.62 27.01
C TRP C 250 26.54 -39.26 27.27
N LYS C 251 25.64 -39.94 26.57
CA LYS C 251 24.18 -39.94 26.85
C LYS C 251 23.54 -41.34 26.80
N PRO C 252 22.33 -41.54 27.40
CA PRO C 252 21.68 -42.84 27.28
C PRO C 252 21.43 -43.24 25.83
N GLU C 253 21.72 -44.50 25.48
CA GLU C 253 21.30 -45.12 24.21
C GLU C 253 19.82 -44.87 23.96
N GLN C 254 19.11 -44.74 25.08
CA GLN C 254 17.70 -44.34 25.13
C GLN C 254 17.42 -42.87 24.89
N GLU C 255 18.36 -41.99 25.27
CA GLU C 255 18.12 -40.55 25.18
C GLU C 255 17.74 -40.12 23.77
N ASN C 256 18.66 -40.33 22.82
CA ASN C 256 18.37 -40.08 21.40
C ASN C 256 17.17 -40.92 20.99
N THR C 257 16.21 -40.26 20.36
CA THR C 257 14.97 -40.88 19.86
C THR C 257 14.26 -39.89 18.92
N VAL C 258 13.31 -40.38 18.12
CA VAL C 258 12.63 -39.53 17.12
C VAL C 258 11.11 -39.69 16.95
N ASP C 259 10.52 -38.67 16.34
CA ASP C 259 9.09 -38.65 16.12
C ASP C 259 8.77 -39.41 14.84
N PHE C 260 7.91 -40.42 14.99
CA PHE C 260 7.46 -41.23 13.88
C PHE C 260 5.96 -41.02 13.72
N LYS C 261 5.61 -40.63 12.51
CA LYS C 261 4.22 -40.54 12.09
C LYS C 261 3.78 -41.99 11.92
N LEU C 262 2.82 -42.40 12.75
CA LEU C 262 2.28 -43.76 12.70
C LEU C 262 1.10 -43.81 11.75
N ILE C 263 1.21 -44.67 10.73
CA ILE C 263 0.15 -44.92 9.73
C ILE C 263 -0.13 -46.40 9.76
N LEU C 264 -1.33 -46.77 9.33
CA LEU C 264 -1.82 -48.13 9.54
C LEU C 264 -2.19 -48.91 8.25
N ASP C 265 -1.29 -49.83 7.87
CA ASP C 265 -1.49 -50.89 6.87
C ASP C 265 -2.24 -52.04 7.55
N ILE C 266 -3.39 -52.42 6.96
CA ILE C 266 -4.41 -53.29 7.59
C ILE C 266 -5.43 -53.91 6.58
N PRO C 267 -5.90 -55.17 6.82
CA PRO C 267 -7.17 -55.59 6.18
C PRO C 267 -8.35 -55.37 7.14
N TYR C 286 -10.73 -58.26 13.19
CA TYR C 286 -10.72 -56.80 13.22
C TYR C 286 -10.68 -56.26 14.64
N ASP C 287 -10.90 -57.12 15.65
CA ASP C 287 -10.86 -56.68 17.05
C ASP C 287 -9.59 -57.03 17.84
N VAL C 288 -8.54 -57.52 17.16
CA VAL C 288 -7.23 -57.80 17.79
C VAL C 288 -6.08 -57.26 16.91
N LYS C 289 -5.05 -56.67 17.55
CA LYS C 289 -3.97 -55.85 16.91
C LYS C 289 -3.51 -56.09 15.46
N PRO C 290 -3.30 -54.99 14.72
CA PRO C 290 -2.78 -55.07 13.35
C PRO C 290 -1.42 -54.39 13.13
N VAL C 291 -1.04 -54.11 11.88
CA VAL C 291 0.32 -53.61 11.59
C VAL C 291 0.38 -52.10 11.76
N PHE C 292 1.41 -51.61 12.47
CA PHE C 292 1.65 -50.17 12.71
C PHE C 292 2.98 -49.64 12.19
N SER C 293 2.96 -49.30 10.90
CA SER C 293 4.12 -48.78 10.13
C SER C 293 4.43 -47.31 10.38
N LEU C 294 5.71 -47.01 10.59
CA LEU C 294 6.12 -45.69 11.01
C LEU C 294 6.84 -44.92 9.87
N TYR C 295 6.18 -43.88 9.35
CA TYR C 295 6.66 -43.10 8.19
C TYR C 295 7.28 -41.73 8.54
N VAL C 296 8.19 -41.28 7.68
CA VAL C 296 8.98 -40.04 7.88
C VAL C 296 8.80 -39.00 6.78
N TRP C 297 8.39 -37.79 7.18
CA TRP C 297 8.03 -36.75 6.22
C TRP C 297 9.23 -36.16 5.46
N GLN C 298 9.11 -36.15 4.14
CA GLN C 298 10.14 -35.64 3.23
C GLN C 298 9.55 -34.49 2.40
N GLY C 299 10.38 -33.50 2.10
CA GLY C 299 9.97 -32.34 1.30
C GLY C 299 9.03 -31.40 2.04
N GLY C 300 7.83 -31.23 1.50
CA GLY C 300 6.80 -30.34 2.05
C GLY C 300 5.41 -30.68 1.57
N ALA C 301 4.99 -31.91 1.84
CA ALA C 301 3.71 -32.43 1.36
C ALA C 301 2.71 -32.83 2.45
N ASP C 302 3.18 -32.83 3.70
CA ASP C 302 2.38 -33.16 4.89
C ASP C 302 1.17 -32.25 5.14
N VAL C 303 1.41 -30.95 5.12
CA VAL C 303 0.35 -29.94 5.29
C VAL C 303 -0.64 -30.07 4.13
N ASN C 304 -0.11 -30.04 2.90
CA ASN C 304 -0.88 -30.24 1.67
C ASN C 304 -1.78 -31.48 1.67
N SER C 305 -1.36 -32.49 2.44
CA SER C 305 -2.14 -33.70 2.69
C SER C 305 -3.43 -33.38 3.45
N ARG C 306 -3.29 -32.64 4.55
CA ARG C 306 -4.39 -32.31 5.47
C ARG C 306 -5.61 -31.67 4.81
N LEU C 307 -5.36 -30.87 3.77
CA LEU C 307 -6.40 -30.24 2.96
C LEU C 307 -7.45 -31.24 2.47
N LYS C 308 -6.98 -32.31 1.81
CA LYS C 308 -7.85 -33.39 1.33
C LYS C 308 -7.95 -34.60 2.28
N HIS C 309 -7.26 -34.51 3.42
CA HIS C 309 -7.38 -35.50 4.49
C HIS C 309 -8.77 -35.51 5.08
N PHE C 310 -9.39 -34.33 5.21
CA PHE C 310 -10.78 -34.23 5.68
C PHE C 310 -11.85 -34.70 4.66
N ASP C 311 -11.41 -35.09 3.47
CA ASP C 311 -12.28 -35.76 2.48
C ASP C 311 -12.09 -37.29 2.56
N GLN C 312 -11.87 -37.78 3.78
CA GLN C 312 -11.62 -39.18 4.08
C GLN C 312 -12.84 -40.01 4.54
N PRO C 313 -12.78 -41.35 4.31
CA PRO C 313 -13.40 -42.33 5.21
C PRO C 313 -12.33 -43.01 6.10
N PHE C 314 -11.21 -43.40 5.47
CA PHE C 314 -10.05 -44.08 6.06
C PHE C 314 -8.99 -44.19 4.94
N ASP C 315 -7.72 -44.29 5.34
CA ASP C 315 -6.55 -44.14 4.45
C ASP C 315 -6.45 -45.01 3.19
N ARG C 316 -7.12 -46.17 3.12
CA ARG C 316 -7.06 -47.09 1.96
C ARG C 316 -6.64 -46.47 0.60
N LYS C 317 -7.35 -45.43 0.16
CA LYS C 317 -7.05 -44.72 -1.09
C LYS C 317 -6.01 -43.61 -0.93
N GLU C 318 -6.13 -42.86 0.16
CA GLU C 318 -5.29 -41.71 0.52
C GLU C 318 -3.77 -41.96 0.45
N PHE C 319 -3.36 -43.21 0.59
CA PHE C 319 -1.99 -43.65 0.34
C PHE C 319 -1.46 -43.14 -1.02
N GLU C 320 -2.39 -42.89 -1.96
CA GLU C 320 -2.13 -42.37 -3.31
C GLU C 320 -1.33 -41.06 -3.37
N ILE C 321 -1.91 -39.95 -2.91
CA ILE C 321 -1.15 -38.68 -2.80
C ILE C 321 -0.07 -38.76 -1.71
N LEU C 322 -0.47 -39.06 -0.46
CA LEU C 322 0.36 -39.19 0.75
C LEU C 322 1.79 -39.66 0.55
N GLU C 323 1.94 -40.60 -0.40
CA GLU C 323 3.22 -41.07 -0.92
C GLU C 323 4.22 -39.93 -1.02
N ARG C 324 3.74 -38.79 -1.54
CA ARG C 324 4.48 -37.53 -1.73
C ARG C 324 5.26 -37.06 -0.50
N THR C 325 4.84 -37.52 0.68
CA THR C 325 5.48 -37.17 1.96
C THR C 325 5.83 -38.37 2.87
N TYR C 326 5.39 -39.58 2.53
CA TYR C 326 5.64 -40.72 3.44
C TYR C 326 6.15 -42.07 2.92
N ARG C 327 7.31 -42.46 3.44
CA ARG C 327 7.90 -43.79 3.27
C ARG C 327 8.30 -44.28 4.66
N LYS C 328 7.95 -45.53 4.96
CA LYS C 328 8.13 -46.13 6.29
C LYS C 328 9.36 -47.02 6.36
N PHE C 329 9.97 -47.13 7.54
CA PHE C 329 10.89 -48.25 7.77
C PHE C 329 10.55 -49.28 8.85
N ALA C 330 10.04 -48.84 9.99
CA ALA C 330 9.93 -49.80 11.08
C ALA C 330 8.53 -50.15 11.53
N GLU C 331 8.43 -51.34 12.13
CA GLU C 331 7.27 -51.79 12.88
C GLU C 331 7.57 -51.57 14.37
N LEU C 332 6.55 -51.09 15.11
CA LEU C 332 6.71 -50.80 16.53
C LEU C 332 6.72 -52.08 17.35
N SER C 333 5.92 -52.16 18.41
CA SER C 333 5.86 -53.32 19.32
C SER C 333 4.96 -53.04 20.53
N VAL C 334 3.76 -53.62 20.45
CA VAL C 334 2.78 -53.43 21.50
C VAL C 334 2.48 -54.78 22.17
N SER C 335 3.04 -54.94 23.38
CA SER C 335 2.88 -56.12 24.22
C SER C 335 1.43 -56.30 24.73
N ASP C 336 1.16 -57.43 25.37
CA ASP C 336 -0.22 -57.81 25.74
C ASP C 336 -0.90 -57.15 26.95
N GLU C 337 -0.09 -56.49 27.78
CA GLU C 337 -0.59 -55.67 28.89
C GLU C 337 -0.43 -54.23 28.44
N GLU C 338 0.14 -54.08 27.24
CA GLU C 338 0.32 -52.80 26.56
C GLU C 338 -0.71 -52.57 25.47
N TRP C 339 -1.45 -53.61 25.09
CA TRP C 339 -2.51 -53.45 24.10
C TRP C 339 -3.77 -52.98 24.80
N GLN C 340 -4.12 -53.68 25.89
CA GLN C 340 -5.19 -53.31 26.83
C GLN C 340 -5.13 -51.85 27.29
N ASN C 341 -3.92 -51.35 27.58
CA ASN C 341 -3.70 -49.98 28.03
C ASN C 341 -4.09 -48.87 27.04
N LEU C 342 -3.77 -49.05 25.76
CA LEU C 342 -4.27 -48.11 24.74
C LEU C 342 -5.72 -48.40 24.29
N LYS C 343 -6.29 -49.52 24.74
CA LYS C 343 -7.66 -49.91 24.33
C LYS C 343 -8.79 -48.97 24.80
N ASN C 344 -9.03 -48.95 26.12
CA ASN C 344 -10.15 -48.21 26.76
C ASN C 344 -10.25 -46.70 26.48
N LEU C 345 -9.09 -46.03 26.55
CA LEU C 345 -8.91 -44.64 26.18
C LEU C 345 -8.28 -44.67 24.80
N GLU C 346 -8.67 -43.75 23.92
CA GLU C 346 -8.25 -43.75 22.52
C GLU C 346 -8.63 -42.44 21.84
N GLN C 347 -8.27 -42.32 20.56
CA GLN C 347 -8.54 -41.18 19.66
C GLN C 347 -8.01 -41.53 18.25
N PRO C 348 -8.41 -40.79 17.18
CA PRO C 348 -8.11 -41.28 15.83
C PRO C 348 -6.63 -41.40 15.58
N LEU C 349 -6.22 -42.48 14.90
CA LEU C 349 -4.80 -42.89 14.85
C LEU C 349 -3.95 -42.93 13.58
N ASN C 350 -4.62 -43.22 12.45
CA ASN C 350 -3.99 -43.45 11.14
C ASN C 350 -3.38 -42.16 10.66
N GLY C 351 -2.30 -41.73 11.34
CA GLY C 351 -1.81 -40.35 11.25
C GLY C 351 -1.45 -39.57 12.53
N ARG C 352 -1.33 -40.25 13.68
CA ARG C 352 -0.74 -39.62 14.87
C ARG C 352 0.80 -39.78 14.88
N ILE C 353 1.46 -39.28 15.94
CA ILE C 353 2.93 -39.30 16.09
C ILE C 353 3.47 -39.86 17.43
N VAL C 354 4.51 -40.71 17.35
CA VAL C 354 5.02 -41.54 18.47
C VAL C 354 6.56 -41.42 18.64
N GLU C 355 7.06 -41.49 19.88
CA GLU C 355 8.49 -41.20 20.16
C GLU C 355 9.28 -42.22 21.01
N CYS C 356 10.18 -42.95 20.34
CA CYS C 356 10.67 -44.23 20.86
C CYS C 356 12.13 -44.62 20.63
N ALA C 357 12.78 -44.90 21.76
CA ALA C 357 14.10 -45.50 21.83
C ALA C 357 14.08 -46.99 21.50
N LYS C 358 15.03 -47.41 20.64
CA LYS C 358 15.26 -48.81 20.32
C LYS C 358 16.01 -49.53 21.43
N ASN C 359 15.26 -50.20 22.31
CA ASN C 359 15.85 -51.03 23.34
C ASN C 359 16.88 -51.96 22.71
N GLN C 360 18.14 -51.75 23.10
CA GLN C 360 19.30 -52.47 22.59
C GLN C 360 19.33 -53.93 23.07
N GLU C 361 18.52 -54.22 24.10
CA GLU C 361 18.34 -55.59 24.60
C GLU C 361 17.50 -56.45 23.63
N THR C 362 16.60 -55.81 22.87
CA THR C 362 15.72 -56.51 21.92
C THR C 362 15.92 -56.14 20.43
N GLY C 363 16.40 -54.94 20.18
CA GLY C 363 16.62 -54.47 18.81
C GLY C 363 15.45 -53.72 18.21
N ALA C 364 14.26 -53.94 18.78
CA ALA C 364 13.05 -53.21 18.43
C ALA C 364 13.01 -51.94 19.28
N TRP C 365 11.94 -51.17 19.15
CA TRP C 365 11.77 -49.93 19.90
C TRP C 365 10.44 -49.61 20.59
N GLU C 366 10.41 -49.84 21.90
CA GLU C 366 9.30 -49.39 22.78
C GLU C 366 9.27 -47.88 22.95
N MET C 367 8.06 -47.35 22.84
CA MET C 367 7.72 -45.94 23.02
C MET C 367 7.38 -45.56 24.48
N LEU C 368 7.58 -44.29 24.83
CA LEU C 368 7.46 -43.85 26.22
C LEU C 368 6.68 -42.54 26.40
N ARG C 369 6.08 -42.10 25.29
CA ARG C 369 5.18 -40.95 25.15
C ARG C 369 4.95 -40.71 23.65
N PHE C 370 3.77 -40.17 23.31
CA PHE C 370 3.50 -39.65 21.96
C PHE C 370 3.85 -38.17 21.99
N ARG C 371 3.75 -37.52 20.83
CA ARG C 371 3.83 -36.06 20.78
C ARG C 371 2.69 -35.50 19.90
N ASP C 372 1.60 -35.14 20.59
CA ASP C 372 0.44 -34.39 20.07
C ASP C 372 0.87 -33.00 19.62
N ASP C 373 1.73 -32.43 20.47
CA ASP C 373 2.27 -31.07 20.39
C ASP C 373 3.25 -30.88 19.23
N LYS C 374 3.32 -31.90 18.38
CA LYS C 374 4.16 -31.88 17.18
C LYS C 374 3.37 -32.36 15.96
N LEU C 375 3.43 -31.57 14.89
CA LEU C 375 2.75 -31.87 13.63
C LEU C 375 3.09 -33.26 13.04
N ASN C 376 4.25 -33.39 12.38
CA ASN C 376 4.60 -34.66 11.72
C ASN C 376 5.61 -35.46 12.51
N GLY C 377 6.59 -36.05 11.83
CA GLY C 377 7.58 -36.94 12.44
C GLY C 377 9.01 -36.45 12.46
N ASN C 378 9.55 -36.12 11.29
CA ASN C 378 10.89 -35.53 11.10
C ASN C 378 11.48 -35.88 9.75
N HIS C 379 12.15 -34.89 9.17
CA HIS C 379 12.71 -34.96 7.82
C HIS C 379 13.70 -36.11 7.69
N THR C 380 13.55 -36.89 6.62
CA THR C 380 14.35 -38.10 6.34
C THR C 380 15.81 -37.89 6.76
N SER C 381 16.44 -36.88 6.15
CA SER C 381 17.79 -36.43 6.51
C SER C 381 17.96 -36.16 8.01
N VAL C 382 17.11 -35.28 8.56
CA VAL C 382 17.13 -34.88 9.98
C VAL C 382 16.77 -36.07 10.92
N VAL C 383 16.52 -37.24 10.33
CA VAL C 383 16.28 -38.49 11.07
C VAL C 383 17.51 -39.38 10.94
N GLN C 384 17.99 -39.53 9.71
CA GLN C 384 19.17 -40.33 9.37
C GLN C 384 20.28 -40.12 10.41
N LYS C 385 20.67 -38.86 10.61
CA LYS C 385 21.68 -38.43 11.59
C LYS C 385 21.59 -39.03 13.00
N VAL C 386 20.38 -39.46 13.40
CA VAL C 386 20.14 -40.07 14.72
C VAL C 386 20.23 -41.60 14.70
N LEU C 387 19.84 -42.23 13.58
CA LEU C 387 20.02 -43.67 13.37
C LEU C 387 21.48 -44.06 13.68
N GLU C 388 22.38 -43.14 13.32
CA GLU C 388 23.82 -43.19 13.57
C GLU C 388 24.16 -43.41 15.05
N SER C 389 23.66 -42.52 15.90
CA SER C 389 24.04 -42.53 17.31
C SER C 389 23.59 -43.77 18.09
N ILE C 390 22.38 -44.23 17.83
CA ILE C 390 21.79 -45.35 18.60
C ILE C 390 22.62 -46.64 18.52
N ASN C 391 23.39 -46.78 17.44
CA ASN C 391 24.38 -47.85 17.29
C ASN C 391 25.69 -47.50 18.00
N ASP C 392 26.13 -46.23 17.88
CA ASP C 392 27.39 -45.74 18.47
C ASP C 392 27.42 -45.95 19.99
N SER C 393 26.27 -45.75 20.64
CA SER C 393 26.02 -46.15 22.03
C SER C 393 25.92 -47.69 22.06
N VAL C 394 26.54 -48.45 22.98
CA VAL C 394 27.46 -48.20 24.12
C VAL C 394 26.81 -47.99 25.49
N SER C 395 26.32 -49.11 26.03
CA SER C 395 25.65 -49.18 27.33
C SER C 395 26.57 -48.77 28.45
N LEU C 396 25.99 -48.50 29.63
CA LEU C 396 26.78 -48.17 30.82
C LEU C 396 27.82 -49.26 31.12
N GLU C 397 27.37 -50.50 31.36
CA GLU C 397 28.25 -51.69 31.43
C GLU C 397 29.25 -51.74 30.27
N ASP C 398 28.78 -51.47 29.04
CA ASP C 398 29.65 -51.36 27.83
C ASP C 398 30.77 -50.30 27.92
N LEU C 399 30.90 -49.67 29.09
CA LEU C 399 32.08 -48.89 29.47
C LEU C 399 32.67 -49.49 30.74
N GLU C 400 31.79 -49.80 31.70
CA GLU C 400 32.16 -50.30 33.04
C GLU C 400 33.13 -51.47 32.93
N GLU C 401 32.89 -52.31 31.93
CA GLU C 401 33.71 -53.46 31.59
C GLU C 401 35.19 -53.08 31.40
N ILE C 402 35.42 -51.83 31.01
CA ILE C 402 36.75 -51.31 30.67
C ILE C 402 37.47 -50.57 31.83
N VAL C 403 36.82 -50.47 33.00
CA VAL C 403 37.41 -49.88 34.22
C VAL C 403 38.87 -50.31 34.49
N GLY C 404 39.14 -51.61 34.50
CA GLY C 404 40.47 -52.12 34.80
C GLY C 404 41.45 -51.99 33.65
N ASP C 405 40.96 -51.61 32.47
CA ASP C 405 41.75 -51.62 31.22
C ASP C 405 42.32 -50.25 30.76
N ILE C 406 42.04 -49.22 31.55
CA ILE C 406 42.60 -47.88 31.34
C ILE C 406 43.58 -47.64 32.47
N LYS C 407 43.33 -48.35 33.57
CA LYS C 407 44.14 -48.37 34.79
C LYS C 407 45.38 -49.23 34.54
N ARG C 408 45.21 -50.40 33.93
CA ARG C 408 46.32 -51.28 33.48
C ARG C 408 47.13 -50.53 32.44
N CYS C 409 46.41 -49.90 31.52
CA CYS C 409 47.00 -49.15 30.44
C CYS C 409 47.55 -47.79 30.89
N TRP C 410 47.18 -47.34 32.10
CA TRP C 410 47.70 -46.14 32.77
C TRP C 410 48.98 -46.50 33.51
N ASP C 411 48.93 -47.58 34.29
CA ASP C 411 50.08 -48.16 34.99
C ASP C 411 51.26 -48.37 34.03
N GLU C 412 50.92 -48.62 32.76
CA GLU C 412 51.90 -48.83 31.70
C GLU C 412 52.58 -47.53 31.30
N ARG C 413 51.78 -46.50 30.99
CA ARG C 413 52.30 -45.15 30.71
C ARG C 413 53.11 -44.61 31.90
N ARG C 414 52.73 -44.99 33.11
CA ARG C 414 53.39 -44.54 34.35
C ARG C 414 54.87 -44.95 34.40
N ALA C 415 55.15 -46.14 33.85
CA ALA C 415 56.49 -46.73 33.84
C ALA C 415 57.23 -46.63 32.49
N ASN C 416 56.47 -46.71 31.39
CA ASN C 416 57.03 -46.62 30.03
C ASN C 416 57.75 -45.32 29.68
N MET C 417 57.34 -44.21 30.30
CA MET C 417 57.94 -42.89 30.03
C MET C 417 59.08 -42.47 30.97
N PRO D 13 -19.75 27.06 -24.53
CA PRO D 13 -20.94 27.08 -23.66
C PRO D 13 -21.21 25.78 -22.88
N GLU D 14 -21.29 25.89 -21.55
CA GLU D 14 -21.53 24.76 -20.61
C GLU D 14 -22.69 23.90 -21.11
N ILE D 15 -22.43 22.58 -21.13
CA ILE D 15 -23.25 21.58 -21.82
C ILE D 15 -24.78 21.65 -21.56
N PRO D 16 -25.62 21.41 -22.59
CA PRO D 16 -27.05 21.57 -22.49
C PRO D 16 -27.69 20.75 -21.38
N GLY D 17 -27.23 19.51 -21.21
CA GLY D 17 -27.82 18.63 -20.20
C GLY D 17 -26.87 18.05 -19.17
N LEU D 18 -26.28 16.92 -19.54
CA LEU D 18 -25.46 16.06 -18.69
C LEU D 18 -25.54 14.64 -19.24
N ILE D 19 -24.45 13.90 -19.03
CA ILE D 19 -24.46 12.46 -19.20
C ILE D 19 -24.95 11.90 -17.84
N GLN D 20 -25.62 10.75 -17.98
CA GLN D 20 -25.91 9.80 -16.90
C GLN D 20 -24.60 9.00 -16.53
N PRO D 21 -24.69 7.96 -15.67
CA PRO D 21 -23.56 7.02 -15.60
C PRO D 21 -23.12 6.46 -16.97
N GLY D 22 -21.97 5.79 -17.00
CA GLY D 22 -21.40 5.28 -18.24
C GLY D 22 -22.25 4.16 -18.78
N ASN D 23 -22.76 3.30 -17.89
CA ASN D 23 -23.60 2.14 -18.22
C ASN D 23 -24.82 2.59 -19.04
N VAL D 24 -25.61 3.49 -18.44
CA VAL D 24 -26.85 4.02 -19.00
C VAL D 24 -26.53 4.56 -20.39
N THR D 25 -25.36 5.19 -20.51
CA THR D 25 -24.85 5.68 -21.78
C THR D 25 -24.70 4.50 -22.73
N GLN D 26 -23.77 3.60 -22.41
CA GLN D 26 -23.39 2.45 -23.24
C GLN D 26 -24.49 1.99 -24.18
N ASP D 27 -25.63 1.62 -23.58
CA ASP D 27 -26.85 1.19 -24.28
C ASP D 27 -27.09 1.95 -25.58
N LEU D 28 -26.80 3.26 -25.53
CA LEU D 28 -27.06 4.13 -26.64
C LEU D 28 -26.01 4.11 -27.73
N LYS D 29 -24.72 3.94 -27.38
CA LYS D 29 -23.68 3.80 -28.41
C LYS D 29 -24.20 2.72 -29.36
N MET D 30 -24.56 1.59 -28.78
CA MET D 30 -25.25 0.47 -29.43
C MET D 30 -26.47 0.95 -30.21
N MET D 31 -27.40 1.66 -29.56
CA MET D 31 -28.64 2.19 -30.18
C MET D 31 -28.41 2.96 -31.49
N VAL D 32 -27.25 3.64 -31.57
CA VAL D 32 -26.82 4.35 -32.78
C VAL D 32 -26.26 3.37 -33.81
N CYS D 33 -25.52 2.35 -33.35
CA CYS D 33 -24.71 1.47 -34.21
C CYS D 33 -25.41 0.98 -35.48
N LYS D 34 -26.64 0.50 -35.33
CA LYS D 34 -27.37 -0.03 -36.47
C LYS D 34 -28.05 1.07 -37.27
N LEU D 35 -28.43 2.17 -36.60
CA LEU D 35 -29.02 3.29 -37.32
C LEU D 35 -28.02 3.84 -38.35
N LEU D 36 -26.75 3.59 -38.08
CA LEU D 36 -25.66 3.79 -39.03
C LEU D 36 -25.22 2.48 -39.71
N ASN D 37 -25.65 1.34 -39.17
CA ASN D 37 -25.18 0.00 -39.54
C ASN D 37 -23.65 -0.17 -39.58
N SER D 38 -23.06 0.16 -38.43
CA SER D 38 -21.64 -0.04 -38.13
C SER D 38 -21.42 0.18 -36.63
N PRO D 39 -20.66 -0.72 -35.97
CA PRO D 39 -20.29 -0.60 -34.55
C PRO D 39 -19.65 0.73 -34.15
N LYS D 40 -19.17 1.47 -35.15
CA LYS D 40 -18.38 2.70 -34.97
C LYS D 40 -18.69 3.60 -33.77
N PRO D 41 -19.98 3.93 -33.50
CA PRO D 41 -20.28 4.71 -32.28
C PRO D 41 -20.07 4.02 -30.93
N THR D 42 -19.34 2.90 -30.92
CA THR D 42 -18.87 2.25 -29.68
C THR D 42 -17.87 3.15 -28.95
N LYS D 43 -16.95 3.73 -29.72
CA LYS D 43 -15.91 4.62 -29.20
C LYS D 43 -15.49 5.71 -30.21
N THR D 44 -15.63 5.41 -31.51
CA THR D 44 -15.30 6.37 -32.58
C THR D 44 -16.42 7.40 -32.84
N PHE D 45 -16.03 8.67 -32.97
CA PHE D 45 -16.99 9.76 -33.16
C PHE D 45 -17.72 9.77 -34.51
N PRO D 46 -19.05 9.54 -34.48
CA PRO D 46 -19.88 9.39 -35.66
C PRO D 46 -20.00 10.62 -36.58
N GLY D 47 -19.57 11.79 -36.11
CA GLY D 47 -19.63 13.01 -36.92
C GLY D 47 -18.38 13.17 -37.76
N SER D 48 -18.59 13.55 -39.01
CA SER D 48 -17.53 13.68 -40.02
C SER D 48 -16.55 14.79 -39.64
N GLN D 49 -15.25 14.53 -39.79
CA GLN D 49 -14.19 15.50 -39.43
C GLN D 49 -13.60 16.20 -40.66
N PRO D 50 -13.17 17.48 -40.53
CA PRO D 50 -12.68 18.20 -41.70
C PRO D 50 -11.14 18.34 -41.81
N VAL D 51 -10.58 17.94 -42.95
CA VAL D 51 -9.13 17.88 -43.13
C VAL D 51 -8.58 19.14 -43.81
N SER D 52 -7.50 19.68 -43.25
CA SER D 52 -6.96 20.99 -43.63
C SER D 52 -6.86 21.16 -45.14
N PHE D 53 -7.48 22.26 -45.58
CA PHE D 53 -7.53 22.71 -46.96
C PHE D 53 -6.12 22.89 -47.50
N GLN D 54 -5.90 22.33 -48.69
CA GLN D 54 -4.62 22.32 -49.38
C GLN D 54 -4.73 23.11 -50.68
N HIS D 55 -3.59 23.47 -51.28
CA HIS D 55 -3.64 24.11 -52.60
C HIS D 55 -4.04 23.06 -53.63
N SER D 56 -3.39 21.89 -53.51
CA SER D 56 -3.62 20.73 -54.39
C SER D 56 -5.09 20.38 -54.48
N ASP D 57 -5.87 20.94 -53.55
CA ASP D 57 -7.31 20.70 -53.49
C ASP D 57 -8.16 21.55 -54.44
N VAL D 58 -7.58 22.54 -55.12
CA VAL D 58 -8.46 23.28 -56.03
C VAL D 58 -8.78 22.50 -57.32
N GLU D 59 -7.80 22.30 -58.19
CA GLU D 59 -8.01 21.53 -59.43
C GLU D 59 -8.45 20.05 -59.27
N GLU D 60 -8.33 19.48 -58.09
CA GLU D 60 -8.73 18.06 -57.86
C GLU D 60 -10.14 17.99 -57.29
N LYS D 61 -10.34 18.62 -56.14
CA LYS D 61 -11.63 18.68 -55.45
C LYS D 61 -12.43 19.90 -55.99
N LEU D 62 -12.09 21.11 -55.55
CA LEU D 62 -12.86 22.33 -55.88
C LEU D 62 -13.08 22.69 -57.36
N LEU D 63 -12.55 21.88 -58.28
CA LEU D 63 -12.84 22.04 -59.72
C LEU D 63 -13.76 20.96 -60.31
N ALA D 64 -13.71 19.72 -59.79
CA ALA D 64 -14.48 18.61 -60.37
C ALA D 64 -15.67 18.10 -59.55
N HIS D 65 -16.23 18.99 -58.74
CA HIS D 65 -17.40 18.72 -57.91
C HIS D 65 -18.21 20.00 -57.65
N ASP D 66 -18.98 20.00 -56.55
CA ASP D 66 -19.76 21.18 -56.16
C ASP D 66 -19.50 21.49 -54.68
N TYR D 67 -19.43 22.77 -54.32
CA TYR D 67 -19.24 23.10 -52.90
C TYR D 67 -20.20 24.07 -52.19
N TYR D 68 -20.20 23.93 -50.85
CA TYR D 68 -20.97 24.75 -49.93
C TYR D 68 -20.00 25.40 -48.96
N VAL D 69 -20.34 26.62 -48.56
CA VAL D 69 -19.53 27.46 -47.69
C VAL D 69 -20.33 28.21 -46.63
N CYS D 70 -20.06 27.81 -45.40
CA CYS D 70 -20.37 28.62 -44.22
C CYS D 70 -19.08 28.66 -43.41
N GLU D 71 -18.99 29.63 -42.51
CA GLU D 71 -17.90 29.76 -41.54
C GLU D 71 -17.77 28.63 -40.50
N LYS D 72 -16.52 28.23 -40.20
CA LYS D 72 -16.25 27.48 -38.96
C LYS D 72 -16.74 28.34 -37.81
N THR D 73 -17.85 27.87 -37.24
CA THR D 73 -18.34 28.26 -35.91
C THR D 73 -17.41 27.64 -34.87
N ASP D 74 -16.89 28.51 -34.01
CA ASP D 74 -16.17 28.09 -32.79
C ASP D 74 -17.28 28.06 -31.75
N GLY D 75 -18.05 26.97 -31.81
CA GLY D 75 -18.96 26.58 -30.74
C GLY D 75 -18.56 25.16 -30.36
N LEU D 76 -19.34 24.55 -29.49
CA LEU D 76 -19.07 23.19 -29.03
C LEU D 76 -19.76 22.23 -29.99
N ARG D 77 -19.00 21.60 -30.88
CA ARG D 77 -19.55 20.58 -31.76
C ARG D 77 -20.09 19.37 -30.98
N VAL D 78 -21.40 19.14 -31.20
CA VAL D 78 -22.23 18.12 -30.61
C VAL D 78 -23.27 17.80 -31.70
N LEU D 79 -23.41 16.53 -32.08
CA LEU D 79 -24.51 16.08 -32.96
C LEU D 79 -25.75 15.72 -32.13
N MET D 80 -26.92 15.73 -32.78
CA MET D 80 -28.20 15.43 -32.10
C MET D 80 -28.84 14.03 -32.30
N PHE D 81 -29.09 13.38 -31.16
CA PHE D 81 -29.70 12.06 -31.13
C PHE D 81 -31.06 12.04 -30.45
N ILE D 82 -32.09 11.71 -31.23
CA ILE D 82 -33.44 11.65 -30.69
C ILE D 82 -34.17 10.33 -30.84
N VAL D 83 -34.43 9.72 -29.68
CA VAL D 83 -34.95 8.35 -29.62
C VAL D 83 -36.05 8.20 -28.57
N ILE D 84 -37.13 7.52 -28.97
CA ILE D 84 -38.14 7.00 -28.04
C ILE D 84 -37.51 5.76 -27.40
N ASN D 85 -37.84 5.51 -26.13
CA ASN D 85 -37.21 4.42 -25.38
C ASN D 85 -38.05 3.14 -25.14
N PRO D 86 -37.84 2.05 -25.90
CA PRO D 86 -38.55 0.80 -25.52
C PRO D 86 -37.97 0.19 -24.21
N VAL D 87 -37.31 1.07 -23.45
CA VAL D 87 -36.98 0.90 -22.04
C VAL D 87 -38.31 1.03 -21.28
N THR D 88 -39.12 2.04 -21.61
CA THR D 88 -40.37 2.45 -20.91
C THR D 88 -41.14 3.56 -21.69
N GLY D 89 -40.61 3.93 -22.86
CA GLY D 89 -41.29 4.79 -23.85
C GLY D 89 -41.38 6.29 -23.66
N GLU D 90 -40.35 6.97 -24.18
CA GLU D 90 -40.31 8.44 -24.29
C GLU D 90 -39.17 8.83 -25.27
N GLN D 91 -39.38 9.93 -25.98
CA GLN D 91 -38.35 10.63 -26.76
C GLN D 91 -37.41 11.29 -25.75
N GLY D 92 -36.17 10.87 -25.78
CA GLY D 92 -35.13 11.48 -24.97
C GLY D 92 -34.34 12.35 -25.90
N CYS D 93 -33.79 13.43 -25.34
CA CYS D 93 -32.86 14.29 -26.06
C CYS D 93 -31.44 13.87 -25.70
N PHE D 94 -30.52 13.96 -26.67
CA PHE D 94 -29.14 13.49 -26.49
C PHE D 94 -28.07 14.33 -27.20
N MET D 95 -26.95 14.48 -26.50
CA MET D 95 -25.85 15.33 -26.94
C MET D 95 -24.53 14.59 -27.12
N ILE D 96 -24.01 14.50 -28.35
CA ILE D 96 -22.87 13.60 -28.63
C ILE D 96 -21.55 14.32 -28.94
N ASP D 97 -20.84 14.72 -27.88
CA ASP D 97 -19.67 15.61 -27.96
C ASP D 97 -18.35 15.04 -28.53
N ARG D 98 -17.21 15.68 -28.28
CA ARG D 98 -15.98 15.47 -29.07
C ARG D 98 -15.35 14.09 -28.87
N GLU D 99 -15.35 13.63 -27.63
CA GLU D 99 -15.21 12.21 -27.33
C GLU D 99 -16.66 11.72 -27.28
N ASN D 100 -16.85 10.42 -27.48
CA ASN D 100 -18.17 9.78 -27.54
C ASN D 100 -18.83 9.76 -26.16
N ASN D 101 -19.39 10.90 -25.74
CA ASN D 101 -20.12 11.03 -24.47
C ASN D 101 -21.52 11.50 -24.84
N TYR D 102 -22.50 11.17 -23.99
CA TYR D 102 -23.92 11.36 -24.33
C TYR D 102 -24.78 12.19 -23.34
N TYR D 103 -25.19 13.38 -23.76
CA TYR D 103 -25.91 14.26 -22.83
C TYR D 103 -27.42 14.14 -23.01
N LEU D 104 -28.21 14.61 -22.05
CA LEU D 104 -29.65 14.46 -22.06
C LEU D 104 -30.49 15.69 -21.66
N VAL D 105 -31.01 16.38 -22.67
CA VAL D 105 -31.82 17.60 -22.46
C VAL D 105 -33.34 17.43 -22.24
N ASN D 106 -34.00 18.45 -21.66
CA ASN D 106 -35.43 18.37 -21.31
C ASN D 106 -36.32 18.30 -22.54
N GLY D 107 -37.33 19.17 -22.57
CA GLY D 107 -38.49 18.94 -23.44
C GLY D 107 -38.32 19.41 -24.87
N PHE D 108 -38.49 18.45 -25.77
CA PHE D 108 -38.55 18.75 -27.20
C PHE D 108 -39.70 17.99 -27.91
N ARG D 109 -40.40 18.69 -28.80
CA ARG D 109 -41.56 18.09 -29.45
C ARG D 109 -41.41 17.38 -30.84
N PHE D 110 -40.17 17.06 -31.22
CA PHE D 110 -39.83 16.50 -32.57
C PHE D 110 -40.78 15.44 -33.19
N PRO D 111 -41.53 15.76 -34.27
CA PRO D 111 -42.39 14.77 -34.95
C PRO D 111 -42.22 14.55 -36.47
N ARG D 112 -43.34 14.50 -37.18
CA ARG D 112 -43.40 14.51 -38.64
C ARG D 112 -44.58 15.43 -39.01
N LEU D 113 -45.39 14.96 -39.95
CA LEU D 113 -46.75 15.45 -40.23
C LEU D 113 -47.37 14.64 -41.38
N PRO D 114 -47.85 13.41 -41.08
CA PRO D 114 -48.35 12.52 -42.14
C PRO D 114 -49.62 12.99 -42.83
N GLN D 115 -50.47 13.74 -42.12
CA GLN D 115 -51.72 14.28 -42.69
C GLN D 115 -51.74 15.82 -42.82
N LYS D 116 -52.67 16.51 -42.13
CA LYS D 116 -52.99 17.92 -42.44
C LYS D 116 -53.19 18.82 -41.23
N LYS D 117 -54.16 18.50 -40.37
CA LYS D 117 -54.46 19.26 -39.16
C LYS D 117 -53.17 19.92 -38.67
N LYS D 118 -53.09 21.25 -38.79
CA LYS D 118 -51.96 22.04 -38.24
C LYS D 118 -51.62 21.47 -36.84
N GLU D 119 -52.64 20.83 -36.26
CA GLU D 119 -52.70 20.14 -34.97
C GLU D 119 -51.95 18.80 -34.90
N GLU D 120 -52.11 17.97 -35.94
CA GLU D 120 -51.45 16.65 -36.16
C GLU D 120 -50.18 16.35 -35.38
N LEU D 121 -49.31 17.36 -35.31
CA LEU D 121 -48.02 17.32 -34.64
C LEU D 121 -48.07 16.99 -33.16
N LEU D 122 -48.98 17.65 -32.43
CA LEU D 122 -49.07 17.54 -30.96
C LEU D 122 -49.10 16.13 -30.39
N GLU D 123 -49.44 15.16 -31.25
CA GLU D 123 -49.41 13.76 -30.90
C GLU D 123 -48.27 13.02 -31.56
N THR D 124 -47.87 13.42 -32.78
CA THR D 124 -46.79 12.71 -33.50
C THR D 124 -45.41 12.79 -32.83
N LEU D 125 -44.46 12.02 -33.37
CA LEU D 125 -43.18 11.78 -32.69
C LEU D 125 -42.08 11.23 -33.62
N GLN D 126 -40.85 11.70 -33.39
CA GLN D 126 -39.59 11.36 -34.09
C GLN D 126 -38.89 10.20 -33.40
N ASP D 127 -38.49 9.20 -34.17
CA ASP D 127 -37.79 8.06 -33.58
C ASP D 127 -36.56 7.66 -34.38
N GLY D 128 -35.41 7.68 -33.70
CA GLY D 128 -34.13 7.27 -34.27
C GLY D 128 -33.66 8.06 -35.48
N THR D 129 -33.72 9.39 -35.38
CA THR D 129 -33.16 10.34 -36.36
C THR D 129 -31.81 10.90 -35.87
N LEU D 130 -30.80 10.93 -36.77
CA LEU D 130 -29.50 11.55 -36.45
C LEU D 130 -29.05 12.75 -37.29
N LEU D 131 -29.14 13.93 -36.67
CA LEU D 131 -28.81 15.24 -37.24
C LEU D 131 -27.52 15.84 -36.64
N ASP D 132 -26.84 16.67 -37.42
CA ASP D 132 -25.60 17.32 -37.02
C ASP D 132 -25.69 18.83 -36.86
N GLY D 133 -25.42 19.27 -35.62
CA GLY D 133 -25.38 20.69 -35.24
C GLY D 133 -24.06 21.22 -34.69
N GLU D 134 -24.11 22.44 -34.17
CA GLU D 134 -23.02 23.02 -33.39
C GLU D 134 -23.57 24.04 -32.39
N LEU D 135 -23.14 23.94 -31.14
CA LEU D 135 -23.72 24.75 -30.04
C LEU D 135 -23.05 26.10 -29.70
N VAL D 136 -23.71 27.21 -30.07
CA VAL D 136 -23.21 28.60 -29.82
C VAL D 136 -23.86 29.41 -28.68
N ILE D 137 -23.11 30.40 -28.21
CA ILE D 137 -23.56 31.50 -27.35
C ILE D 137 -23.90 32.68 -28.30
N GLN D 138 -25.08 33.29 -28.14
CA GLN D 138 -25.58 34.25 -29.10
C GLN D 138 -26.02 35.62 -28.60
N THR D 139 -25.47 36.64 -29.28
CA THR D 139 -25.52 38.04 -28.91
C THR D 139 -26.52 38.71 -29.82
N ASN D 140 -27.64 39.13 -29.28
CA ASN D 140 -28.74 39.64 -30.10
C ASN D 140 -28.51 41.13 -30.41
N PRO D 141 -28.12 41.47 -31.68
CA PRO D 141 -27.56 42.80 -32.03
C PRO D 141 -28.35 44.06 -31.65
N MET D 142 -29.67 43.97 -31.60
CA MET D 142 -30.55 45.13 -31.35
C MET D 142 -30.66 45.44 -29.86
N THR D 143 -30.46 44.40 -29.05
CA THR D 143 -30.89 44.36 -27.63
C THR D 143 -29.76 43.92 -26.67
N LYS D 144 -28.85 43.12 -27.20
CA LYS D 144 -27.58 42.66 -26.60
C LYS D 144 -27.66 41.44 -25.65
N LEU D 145 -28.85 41.18 -25.10
CA LEU D 145 -29.13 40.02 -24.23
C LEU D 145 -28.65 38.75 -24.92
N GLN D 146 -28.03 37.87 -24.15
CA GLN D 146 -27.54 36.60 -24.70
C GLN D 146 -28.49 35.44 -24.45
N GLU D 147 -28.51 34.53 -25.43
CA GLU D 147 -29.18 33.23 -25.39
C GLU D 147 -28.17 32.20 -25.82
N LEU D 148 -28.39 30.97 -25.37
CA LEU D 148 -27.68 29.77 -25.84
C LEU D 148 -28.44 29.42 -27.12
N ARG D 149 -27.83 28.65 -28.04
CA ARG D 149 -28.41 28.32 -29.34
C ARG D 149 -27.81 27.03 -29.96
N TYR D 150 -28.48 26.46 -30.97
CA TYR D 150 -28.02 25.25 -31.70
C TYR D 150 -28.24 25.40 -33.24
N LEU D 151 -27.16 25.47 -34.01
CA LEU D 151 -27.21 25.68 -35.47
C LEU D 151 -26.68 24.44 -36.16
N MET D 152 -27.56 23.79 -36.94
CA MET D 152 -27.31 22.47 -37.49
C MET D 152 -26.95 22.59 -38.98
N PHE D 153 -25.90 21.87 -39.39
CA PHE D 153 -25.36 21.94 -40.77
C PHE D 153 -25.45 20.66 -41.61
N ASP D 154 -25.77 19.52 -41.01
CA ASP D 154 -25.99 18.29 -41.79
C ASP D 154 -26.81 17.26 -41.03
N CYS D 155 -27.36 16.28 -41.75
CA CYS D 155 -28.07 15.12 -41.18
C CYS D 155 -27.69 13.85 -41.92
N LEU D 156 -27.61 12.77 -41.16
CA LEU D 156 -27.24 11.44 -41.66
C LEU D 156 -28.20 10.29 -41.29
N ALA D 157 -29.40 10.62 -40.85
CA ALA D 157 -30.42 9.62 -40.50
C ALA D 157 -31.74 10.27 -40.15
N ILE D 158 -32.82 9.73 -40.73
CA ILE D 158 -34.19 10.19 -40.47
C ILE D 158 -35.14 9.04 -40.08
N ASN D 159 -35.83 9.22 -38.96
CA ASN D 159 -36.76 8.26 -38.34
C ASN D 159 -36.43 6.81 -38.64
N GLY D 160 -35.30 6.34 -38.11
CA GLY D 160 -34.81 4.97 -38.33
C GLY D 160 -34.13 4.68 -39.66
N ARG D 161 -34.39 5.53 -40.65
CA ARG D 161 -33.78 5.41 -42.00
C ARG D 161 -32.34 5.97 -42.01
N CYS D 162 -31.43 5.28 -42.68
CA CYS D 162 -30.02 5.66 -42.69
C CYS D 162 -29.68 6.59 -43.85
N LEU D 163 -29.67 7.88 -43.54
CA LEU D 163 -29.32 8.92 -44.51
C LEU D 163 -27.83 9.26 -44.60
N THR D 164 -26.95 8.29 -44.39
CA THR D 164 -25.52 8.48 -44.65
C THR D 164 -25.29 8.51 -46.18
N GLN D 165 -25.51 7.39 -46.85
CA GLN D 165 -25.13 7.22 -48.26
C GLN D 165 -25.82 8.16 -49.29
N SER D 166 -26.71 9.01 -48.78
CA SER D 166 -27.44 10.03 -49.54
C SER D 166 -26.55 11.21 -50.02
N PRO D 167 -26.88 11.87 -51.16
CA PRO D 167 -26.09 13.04 -51.56
C PRO D 167 -26.38 14.24 -50.68
N THR D 168 -25.33 14.80 -50.05
CA THR D 168 -25.41 15.93 -49.13
C THR D 168 -26.68 16.70 -49.30
N SER D 169 -26.84 17.28 -50.50
CA SER D 169 -28.04 17.97 -50.90
C SER D 169 -29.25 17.40 -50.17
N SER D 170 -29.74 16.24 -50.63
CA SER D 170 -30.92 15.58 -50.07
C SER D 170 -30.86 15.50 -48.54
N ARG D 171 -29.78 14.94 -47.98
CA ARG D 171 -29.56 14.84 -46.54
C ARG D 171 -29.95 16.13 -45.82
N LEU D 172 -29.74 17.27 -46.49
CA LEU D 172 -30.04 18.60 -45.94
C LEU D 172 -31.51 18.99 -46.04
N ALA D 173 -32.09 18.95 -47.23
CA ALA D 173 -33.54 19.17 -47.37
C ALA D 173 -34.35 18.13 -46.57
N HIS D 174 -33.81 16.92 -46.41
CA HIS D 174 -34.39 15.87 -45.55
C HIS D 174 -34.35 16.26 -44.07
N LEU D 175 -33.36 17.08 -43.72
CA LEU D 175 -33.22 17.62 -42.38
C LEU D 175 -34.08 18.87 -42.25
N GLY D 176 -34.33 19.49 -43.41
CA GLY D 176 -35.20 20.65 -43.56
C GLY D 176 -36.65 20.26 -43.33
N LYS D 177 -37.20 19.43 -44.22
CA LYS D 177 -38.64 19.06 -44.18
C LYS D 177 -39.05 18.25 -42.94
N GLU D 178 -38.30 17.19 -42.66
CA GLU D 178 -38.65 16.22 -41.64
C GLU D 178 -38.28 16.64 -40.22
N PHE D 179 -37.09 17.22 -40.02
CA PHE D 179 -36.72 17.68 -38.66
C PHE D 179 -37.02 19.14 -38.29
N PHE D 180 -36.84 20.08 -39.22
CA PHE D 180 -37.10 21.46 -38.82
C PHE D 180 -38.58 21.83 -38.84
N LYS D 181 -39.28 21.48 -39.93
CA LYS D 181 -40.67 21.88 -40.12
C LYS D 181 -41.43 21.66 -38.81
N PRO D 182 -41.51 20.40 -38.33
CA PRO D 182 -42.28 20.15 -37.11
C PRO D 182 -41.91 21.09 -35.98
N TYR D 183 -40.66 21.00 -35.49
CA TYR D 183 -40.14 21.87 -34.43
C TYR D 183 -40.69 23.28 -34.54
N PHE D 184 -40.33 23.97 -35.64
CA PHE D 184 -40.49 25.42 -35.74
C PHE D 184 -41.93 25.91 -35.64
N ASP D 185 -42.80 25.20 -36.36
CA ASP D 185 -44.20 25.56 -36.54
C ASP D 185 -44.94 25.23 -35.23
N LEU D 186 -44.68 24.04 -34.69
CA LEU D 186 -45.15 23.62 -33.37
C LEU D 186 -44.94 24.69 -32.29
N ARG D 187 -44.08 25.66 -32.60
CA ARG D 187 -43.65 26.76 -31.73
C ARG D 187 -44.20 28.11 -32.25
N ALA D 188 -44.63 28.13 -33.51
CA ALA D 188 -45.38 29.25 -34.06
C ALA D 188 -46.87 29.13 -33.65
N ALA D 189 -47.41 27.94 -33.80
CA ALA D 189 -48.82 27.62 -33.59
C ALA D 189 -49.24 27.05 -32.22
N TYR D 190 -48.29 26.88 -31.28
CA TYR D 190 -48.58 26.39 -29.94
C TYR D 190 -47.58 26.89 -28.89
N PRO D 191 -47.34 28.23 -28.85
CA PRO D 191 -46.16 28.82 -28.17
C PRO D 191 -46.13 28.61 -26.65
N ASN D 192 -47.05 27.78 -26.16
CA ASN D 192 -47.21 27.46 -24.74
C ASN D 192 -47.20 25.96 -24.39
N ARG D 193 -47.58 25.07 -25.31
CA ARG D 193 -47.48 23.61 -25.03
C ARG D 193 -46.01 23.16 -25.22
N CYS D 194 -45.13 24.04 -24.74
CA CYS D 194 -43.68 23.91 -24.79
C CYS D 194 -43.08 25.12 -24.08
N THR D 195 -42.77 24.89 -22.80
CA THR D 195 -42.00 25.82 -21.98
C THR D 195 -40.74 25.04 -21.58
N THR D 196 -40.91 23.71 -21.65
CA THR D 196 -39.86 22.71 -21.45
C THR D 196 -38.67 22.86 -22.41
N PHE D 197 -38.52 24.02 -23.05
CA PHE D 197 -37.64 24.23 -24.22
C PHE D 197 -36.26 24.80 -23.89
N PRO D 198 -35.31 23.91 -23.55
CA PRO D 198 -34.08 24.33 -22.89
C PRO D 198 -33.32 25.45 -23.60
N PHE D 199 -33.09 25.34 -24.90
CA PHE D 199 -32.43 26.37 -25.73
C PHE D 199 -33.20 26.65 -27.01
N LYS D 200 -32.51 27.18 -28.04
CA LYS D 200 -33.13 27.28 -29.37
C LYS D 200 -32.29 26.56 -30.41
N ILE D 201 -32.88 26.36 -31.59
CA ILE D 201 -32.32 25.58 -32.70
C ILE D 201 -32.66 26.31 -33.97
N SER D 202 -31.63 26.47 -34.80
CA SER D 202 -31.81 26.88 -36.17
C SER D 202 -30.86 26.11 -37.08
N MET D 203 -31.14 26.22 -38.37
CA MET D 203 -30.36 25.56 -39.39
C MET D 203 -29.26 26.52 -39.83
N LYS D 204 -28.13 25.91 -40.19
CA LYS D 204 -26.95 26.65 -40.63
C LYS D 204 -27.20 27.29 -41.99
N HIS D 205 -27.06 28.61 -41.95
CA HIS D 205 -27.20 29.47 -43.13
C HIS D 205 -26.16 29.09 -44.20
N MET D 206 -26.56 28.18 -45.08
CA MET D 206 -25.67 27.68 -46.13
C MET D 206 -25.40 28.72 -47.23
N ASP D 207 -24.49 28.37 -48.16
CA ASP D 207 -24.15 29.12 -49.37
C ASP D 207 -23.21 28.31 -50.29
N PHE D 208 -23.46 28.31 -51.61
CA PHE D 208 -22.58 27.67 -52.62
C PHE D 208 -21.16 28.31 -52.66
N SER D 209 -20.16 27.56 -53.13
CA SER D 209 -18.74 28.00 -53.11
C SER D 209 -18.45 29.37 -53.73
N TYR D 210 -18.78 29.55 -55.01
CA TYR D 210 -18.54 30.79 -55.78
C TYR D 210 -18.93 32.10 -55.07
N GLN D 211 -19.51 31.97 -53.89
CA GLN D 211 -19.84 33.08 -52.99
C GLN D 211 -18.87 33.15 -51.78
N LEU D 212 -17.59 32.81 -51.97
CA LEU D 212 -16.56 33.12 -50.95
C LEU D 212 -16.58 34.64 -50.63
N VAL D 213 -16.64 35.46 -51.70
CA VAL D 213 -16.87 36.89 -51.62
C VAL D 213 -18.01 37.22 -50.65
N LYS D 214 -19.17 36.62 -50.89
CA LYS D 214 -20.35 36.87 -50.04
C LYS D 214 -20.24 36.23 -48.65
N VAL D 215 -19.38 35.21 -48.51
CA VAL D 215 -19.10 34.53 -47.23
C VAL D 215 -18.18 35.45 -46.45
N ALA D 216 -16.88 35.38 -46.77
CA ALA D 216 -15.81 36.17 -46.18
C ALA D 216 -16.14 37.55 -45.59
N LYS D 217 -17.03 38.30 -46.24
CA LYS D 217 -17.49 39.60 -45.76
C LYS D 217 -18.24 39.55 -44.41
N SER D 218 -18.88 38.41 -44.13
CA SER D 218 -19.60 38.18 -42.88
C SER D 218 -18.63 37.92 -41.72
N LEU D 219 -18.16 36.68 -41.62
CA LEU D 219 -17.18 36.17 -40.64
C LEU D 219 -16.74 37.04 -39.42
N ASP D 220 -16.19 38.23 -39.69
CA ASP D 220 -15.79 39.21 -38.67
C ASP D 220 -16.93 39.78 -37.81
N LYS D 221 -18.11 39.91 -38.42
CA LYS D 221 -19.21 40.69 -37.85
C LYS D 221 -20.40 39.89 -37.31
N LEU D 222 -20.49 38.62 -37.70
CA LEU D 222 -21.60 37.73 -37.32
C LEU D 222 -21.82 37.69 -35.80
N PRO D 223 -23.08 37.45 -35.36
CA PRO D 223 -23.36 37.59 -33.93
C PRO D 223 -22.81 36.48 -33.01
N HIS D 224 -22.11 35.50 -33.59
CA HIS D 224 -21.52 34.39 -32.83
C HIS D 224 -19.98 34.42 -32.70
N LEU D 225 -19.33 33.25 -32.68
CA LEU D 225 -17.88 33.11 -32.44
C LEU D 225 -17.33 32.14 -33.49
N SER D 226 -16.31 32.59 -34.25
CA SER D 226 -15.98 32.00 -35.56
C SER D 226 -14.57 32.20 -36.11
N ASP D 227 -13.84 31.08 -36.29
CA ASP D 227 -12.55 31.11 -36.97
C ASP D 227 -12.49 30.23 -38.22
N GLY D 228 -12.81 30.84 -39.37
CA GLY D 228 -12.52 30.24 -40.68
C GLY D 228 -13.59 30.13 -41.73
N LEU D 229 -13.32 29.27 -42.71
CA LEU D 229 -14.24 29.00 -43.81
C LEU D 229 -14.40 27.49 -43.93
N ILE D 230 -15.61 27.02 -44.25
CA ILE D 230 -15.90 25.57 -44.34
C ILE D 230 -16.51 25.17 -45.68
N PHE D 231 -15.96 24.09 -46.24
CA PHE D 231 -16.38 23.57 -47.53
C PHE D 231 -17.00 22.19 -47.35
N THR D 232 -18.29 22.09 -47.75
CA THR D 232 -19.00 20.80 -47.73
C THR D 232 -19.49 20.49 -49.16
N PRO D 233 -19.30 19.23 -49.62
CA PRO D 233 -19.50 18.83 -51.04
C PRO D 233 -20.88 18.26 -51.41
N VAL D 234 -21.57 18.92 -52.35
CA VAL D 234 -22.97 18.61 -52.70
C VAL D 234 -23.25 17.13 -53.00
N LYS D 235 -22.75 16.61 -54.12
CA LYS D 235 -23.00 15.20 -54.50
C LYS D 235 -22.01 14.17 -53.92
N ALA D 236 -21.53 14.45 -52.71
CA ALA D 236 -20.67 13.52 -51.96
C ALA D 236 -21.36 12.99 -50.71
N PRO D 237 -21.05 11.73 -50.33
CA PRO D 237 -21.74 11.10 -49.19
C PRO D 237 -21.17 11.59 -47.86
N TYR D 238 -21.80 11.21 -46.75
CA TYR D 238 -21.41 11.72 -45.42
C TYR D 238 -20.27 10.89 -44.81
N THR D 239 -20.41 10.49 -43.54
CA THR D 239 -19.45 9.65 -42.76
C THR D 239 -19.99 9.36 -41.36
N ALA D 240 -19.62 8.19 -40.81
CA ALA D 240 -19.70 7.96 -39.37
C ALA D 240 -18.38 8.44 -38.78
N GLY D 241 -17.71 7.61 -37.95
CA GLY D 241 -16.39 7.92 -37.36
C GLY D 241 -15.28 8.38 -38.30
N GLY D 242 -14.30 9.08 -37.74
CA GLY D 242 -13.11 9.52 -38.48
C GLY D 242 -13.29 10.61 -39.55
N LYS D 243 -12.15 11.13 -40.01
CA LYS D 243 -12.05 12.23 -40.95
C LYS D 243 -12.44 11.83 -42.40
N ASP D 244 -12.36 12.79 -43.33
CA ASP D 244 -12.72 12.59 -44.74
C ASP D 244 -12.10 13.62 -45.68
N SER D 245 -11.42 13.09 -46.70
CA SER D 245 -10.70 13.81 -47.77
C SER D 245 -11.45 15.01 -48.39
N LEU D 246 -12.79 14.95 -48.32
CA LEU D 246 -13.67 15.84 -49.06
C LEU D 246 -14.30 16.98 -48.24
N LEU D 247 -14.23 16.90 -46.92
CA LEU D 247 -14.78 17.94 -46.08
C LEU D 247 -13.63 18.92 -45.81
N LEU D 248 -13.85 20.22 -46.06
CA LEU D 248 -12.71 21.14 -46.02
C LEU D 248 -12.71 22.37 -45.10
N LYS D 249 -11.83 22.28 -44.09
CA LYS D 249 -11.53 23.34 -43.12
C LYS D 249 -10.40 24.30 -43.51
N TRP D 250 -10.75 25.58 -43.60
CA TRP D 250 -9.82 26.63 -44.00
C TRP D 250 -9.37 27.36 -42.74
N LYS D 251 -8.08 27.65 -42.63
CA LYS D 251 -7.61 28.45 -41.49
C LYS D 251 -6.78 29.68 -41.87
N PRO D 252 -6.90 30.77 -41.10
CA PRO D 252 -5.94 31.83 -41.34
C PRO D 252 -4.50 31.30 -41.25
N GLU D 253 -3.79 31.39 -42.37
CA GLU D 253 -2.36 31.16 -42.45
C GLU D 253 -1.69 31.59 -41.14
N GLN D 254 -2.03 32.81 -40.69
CA GLN D 254 -1.88 33.27 -39.31
C GLN D 254 -2.18 32.22 -38.21
N GLU D 255 -3.45 31.92 -37.94
CA GLU D 255 -3.81 30.93 -36.88
C GLU D 255 -2.73 29.89 -36.59
N ASN D 256 -2.21 29.23 -37.62
CA ASN D 256 -1.12 28.24 -37.42
C ASN D 256 0.03 28.89 -36.70
N THR D 257 0.59 28.21 -35.69
CA THR D 257 1.70 28.75 -34.89
C THR D 257 2.26 27.83 -33.81
N VAL D 258 3.50 28.08 -33.36
CA VAL D 258 4.12 27.36 -32.23
C VAL D 258 5.02 28.17 -31.27
N ASP D 259 5.22 27.57 -30.11
CA ASP D 259 5.89 28.15 -28.98
C ASP D 259 7.38 27.90 -29.13
N PHE D 260 8.07 28.97 -29.50
CA PHE D 260 9.51 28.97 -29.62
C PHE D 260 10.12 29.53 -28.36
N LYS D 261 10.79 28.65 -27.62
CA LYS D 261 11.82 29.08 -26.67
C LYS D 261 12.76 29.90 -27.55
N LEU D 262 13.23 31.01 -27.01
CA LEU D 262 14.34 31.69 -27.66
C LEU D 262 15.54 31.75 -26.73
N ILE D 263 16.66 31.24 -27.20
CA ILE D 263 17.96 31.34 -26.53
C ILE D 263 18.72 32.36 -27.36
N LEU D 264 19.43 33.25 -26.67
CA LEU D 264 20.11 34.35 -27.31
C LEU D 264 21.58 34.01 -27.52
N ASP D 265 21.98 34.24 -28.78
CA ASP D 265 23.35 34.11 -29.27
C ASP D 265 23.83 35.53 -29.61
N ILE D 266 24.84 35.99 -28.87
CA ILE D 266 25.44 37.35 -28.97
C ILE D 266 26.84 37.24 -28.35
N PRO D 267 27.86 37.83 -29.02
CA PRO D 267 29.19 38.01 -28.44
C PRO D 267 29.15 38.78 -27.12
N TYR D 286 26.69 47.49 -26.22
CA TYR D 286 25.94 46.51 -25.47
C TYR D 286 24.46 46.89 -25.34
N ASP D 287 24.08 48.02 -25.92
CA ASP D 287 22.77 48.67 -25.67
C ASP D 287 21.59 48.61 -26.67
N VAL D 288 21.86 48.45 -27.98
CA VAL D 288 20.78 48.29 -29.00
C VAL D 288 20.67 46.81 -29.48
N LYS D 289 19.59 46.46 -30.19
CA LYS D 289 19.19 45.05 -30.50
C LYS D 289 20.24 44.03 -30.94
N PRO D 290 20.27 42.87 -30.27
CA PRO D 290 21.20 41.82 -30.65
C PRO D 290 20.45 40.61 -31.21
N VAL D 291 21.13 39.46 -31.40
CA VAL D 291 20.54 38.29 -32.09
C VAL D 291 19.59 37.43 -31.20
N PHE D 292 18.37 37.17 -31.69
CA PHE D 292 17.39 36.34 -30.98
C PHE D 292 17.00 35.00 -31.63
N SER D 293 17.77 33.96 -31.33
CA SER D 293 17.54 32.68 -32.03
C SER D 293 16.49 31.80 -31.36
N LEU D 294 15.75 31.04 -32.16
CA LEU D 294 14.59 30.31 -31.68
C LEU D 294 14.65 28.80 -31.94
N TYR D 295 14.51 28.04 -30.86
CA TYR D 295 14.87 26.62 -30.80
C TYR D 295 13.68 25.69 -30.49
N VAL D 296 13.92 24.39 -30.64
CA VAL D 296 12.90 23.35 -30.51
C VAL D 296 13.38 22.20 -29.63
N TRP D 297 12.70 21.99 -28.50
CA TRP D 297 13.16 21.01 -27.50
C TRP D 297 13.01 19.58 -28.01
N GLN D 298 14.03 18.75 -27.81
CA GLN D 298 13.94 17.34 -28.23
C GLN D 298 14.55 16.39 -27.20
N GLY D 299 13.92 15.23 -27.06
CA GLY D 299 14.33 14.18 -26.11
C GLY D 299 13.68 14.42 -24.77
N GLY D 300 14.51 14.67 -23.77
CA GLY D 300 14.06 15.03 -22.42
C GLY D 300 14.99 15.97 -21.66
N ALA D 301 15.83 16.72 -22.36
CA ALA D 301 16.92 17.47 -21.72
C ALA D 301 16.64 18.89 -21.22
N ASP D 302 15.40 19.37 -21.31
CA ASP D 302 15.06 20.73 -20.87
C ASP D 302 15.10 20.92 -19.35
N VAL D 303 14.25 20.17 -18.64
CA VAL D 303 14.21 20.17 -17.18
C VAL D 303 15.53 19.64 -16.64
N ASN D 304 16.09 18.62 -17.33
CA ASN D 304 17.42 18.12 -17.05
C ASN D 304 18.38 19.30 -16.92
N SER D 305 18.40 20.13 -17.96
CA SER D 305 19.16 21.38 -18.00
C SER D 305 18.74 22.37 -16.92
N ARG D 306 17.44 22.47 -16.65
CA ARG D 306 16.93 23.41 -15.64
C ARG D 306 17.54 23.22 -14.24
N LEU D 307 17.81 21.97 -13.88
CA LEU D 307 18.56 21.64 -12.66
C LEU D 307 19.96 22.25 -12.63
N LYS D 308 20.60 22.34 -13.80
CA LYS D 308 21.93 23.00 -13.94
C LYS D 308 21.87 24.32 -14.73
N HIS D 309 20.82 25.09 -14.47
CA HIS D 309 20.60 26.39 -15.10
C HIS D 309 20.55 27.55 -14.10
N PHE D 310 20.31 27.25 -12.82
CA PHE D 310 20.28 28.27 -11.77
C PHE D 310 21.70 28.70 -11.34
N ASP D 311 22.68 27.81 -11.52
CA ASP D 311 24.09 28.10 -11.23
C ASP D 311 24.74 29.06 -12.23
N GLN D 312 23.90 29.88 -12.86
CA GLN D 312 24.26 30.76 -13.97
C GLN D 312 25.11 32.01 -13.67
N PRO D 313 26.04 32.33 -14.60
CA PRO D 313 26.45 33.73 -14.78
C PRO D 313 25.77 34.31 -16.03
N PHE D 314 25.87 33.58 -17.15
CA PHE D 314 25.22 33.82 -18.44
C PHE D 314 25.54 32.62 -19.34
N ASP D 315 24.63 32.33 -20.29
CA ASP D 315 24.65 31.11 -21.12
C ASP D 315 25.96 30.69 -21.79
N ARG D 316 26.89 31.62 -22.00
CA ARG D 316 28.19 31.39 -22.66
C ARG D 316 28.78 29.97 -22.60
N LYS D 317 28.73 29.33 -21.43
CA LYS D 317 29.32 28.01 -21.20
C LYS D 317 28.30 26.88 -21.12
N GLU D 318 27.04 27.27 -20.93
CA GLU D 318 25.90 26.35 -20.81
C GLU D 318 25.56 25.64 -22.12
N PHE D 319 25.88 26.26 -23.26
CA PHE D 319 25.54 25.67 -24.58
C PHE D 319 26.06 24.23 -24.75
N GLU D 320 27.01 23.85 -23.89
CA GLU D 320 27.54 22.49 -23.81
C GLU D 320 26.50 21.47 -23.26
N ILE D 321 25.73 21.90 -22.25
CA ILE D 321 24.62 21.12 -21.68
C ILE D 321 23.23 21.49 -22.20
N LEU D 322 23.05 22.74 -22.62
CA LEU D 322 21.83 23.19 -23.30
C LEU D 322 21.55 22.43 -24.60
N GLU D 323 22.63 22.00 -25.26
CA GLU D 323 22.63 21.30 -26.56
C GLU D 323 21.65 20.14 -26.77
N ARG D 324 21.59 19.20 -25.82
CA ARG D 324 20.78 17.97 -25.95
C ARG D 324 19.26 18.19 -25.87
N THR D 325 18.84 19.44 -26.12
CA THR D 325 17.43 19.82 -26.21
C THR D 325 17.10 20.93 -27.22
N TYR D 326 18.07 21.76 -27.60
CA TYR D 326 17.78 22.96 -28.42
C TYR D 326 18.61 23.24 -29.68
N ARG D 327 17.90 23.39 -30.81
CA ARG D 327 18.51 23.54 -32.14
C ARG D 327 17.82 24.65 -32.92
N LYS D 328 18.45 25.82 -33.01
CA LYS D 328 17.81 26.99 -33.65
C LYS D 328 17.68 26.97 -35.17
N PHE D 329 16.49 26.59 -35.63
CA PHE D 329 16.10 26.93 -36.99
C PHE D 329 15.08 28.07 -36.90
N ALA D 330 15.64 29.26 -36.64
CA ALA D 330 14.91 30.51 -36.77
C ALA D 330 15.66 31.78 -36.34
N GLU D 331 15.01 32.91 -36.62
CA GLU D 331 15.49 34.27 -36.36
C GLU D 331 14.21 35.08 -36.43
N LEU D 332 13.89 35.84 -35.38
CA LEU D 332 12.70 36.67 -35.44
C LEU D 332 13.03 37.91 -36.26
N SER D 333 12.56 39.07 -35.82
CA SER D 333 12.80 40.37 -36.45
C SER D 333 12.18 41.33 -35.47
N VAL D 334 12.95 42.35 -35.09
CA VAL D 334 12.41 43.38 -34.21
C VAL D 334 12.57 44.75 -34.87
N SER D 335 11.44 45.37 -35.20
CA SER D 335 11.42 46.71 -35.80
C SER D 335 11.89 47.77 -34.78
N ASP D 336 12.05 49.02 -35.21
CA ASP D 336 12.54 50.08 -34.31
C ASP D 336 11.48 50.60 -33.32
N GLU D 337 10.22 50.56 -33.72
CA GLU D 337 9.06 50.74 -32.84
C GLU D 337 8.94 49.49 -31.95
N GLU D 338 8.90 48.32 -32.59
CA GLU D 338 8.87 47.01 -31.91
C GLU D 338 10.09 46.80 -31.01
N TRP D 339 11.05 47.72 -31.09
CA TRP D 339 12.12 47.73 -30.12
C TRP D 339 11.67 48.49 -28.89
N GLN D 340 11.15 49.71 -29.10
CA GLN D 340 10.72 50.61 -28.01
C GLN D 340 9.54 50.13 -27.16
N ASN D 341 9.13 48.88 -27.35
CA ASN D 341 8.15 48.23 -26.48
C ASN D 341 8.65 47.09 -25.59
N LEU D 342 9.73 46.43 -25.99
CA LEU D 342 10.46 45.47 -25.14
C LEU D 342 11.58 46.18 -24.35
N LYS D 343 11.68 47.50 -24.47
CA LYS D 343 12.78 48.24 -23.85
C LYS D 343 12.64 48.72 -22.40
N ASN D 344 11.46 49.19 -22.03
CA ASN D 344 11.18 49.64 -20.66
C ASN D 344 10.76 48.51 -19.68
N LEU D 345 9.91 47.60 -20.16
CA LEU D 345 9.47 46.42 -19.38
C LEU D 345 10.37 45.24 -19.72
N GLU D 346 10.63 44.38 -18.73
CA GLU D 346 11.45 43.19 -18.96
C GLU D 346 11.32 42.18 -17.84
N GLN D 347 11.91 41.01 -18.12
CA GLN D 347 12.29 39.99 -17.17
C GLN D 347 13.40 39.24 -17.93
N PRO D 348 14.29 38.54 -17.18
CA PRO D 348 15.35 37.73 -17.79
C PRO D 348 14.88 36.96 -19.02
N LEU D 349 15.64 37.09 -20.11
CA LEU D 349 15.24 36.62 -21.45
C LEU D 349 15.79 35.28 -21.93
N ASN D 350 17.12 35.19 -21.89
CA ASN D 350 17.89 33.99 -22.28
C ASN D 350 17.30 32.75 -21.56
N GLY D 351 16.20 32.25 -22.11
CA GLY D 351 15.41 31.17 -21.48
C GLY D 351 13.89 31.23 -21.66
N ARG D 352 13.37 32.29 -22.27
CA ARG D 352 11.93 32.54 -22.30
C ARG D 352 11.20 31.65 -23.33
N ILE D 353 9.88 31.86 -23.52
CA ILE D 353 9.04 31.14 -24.48
C ILE D 353 8.13 32.16 -25.21
N VAL D 354 7.98 31.99 -26.53
CA VAL D 354 7.35 32.98 -27.44
C VAL D 354 6.36 32.29 -28.39
N GLU D 355 5.33 32.99 -28.86
CA GLU D 355 4.44 32.41 -29.90
C GLU D 355 4.20 33.37 -31.05
N CYS D 356 4.31 32.83 -32.27
CA CYS D 356 4.37 33.62 -33.51
C CYS D 356 4.16 32.83 -34.79
N ALA D 357 3.49 33.47 -35.74
CA ALA D 357 3.23 32.89 -37.06
C ALA D 357 4.05 33.59 -38.12
N LYS D 358 4.63 32.80 -39.02
CA LYS D 358 5.21 33.33 -40.27
C LYS D 358 4.17 34.16 -41.05
N ASN D 359 4.23 35.49 -40.86
CA ASN D 359 3.41 36.48 -41.56
C ASN D 359 3.71 36.45 -43.07
N GLN D 360 2.67 36.24 -43.87
CA GLN D 360 2.80 35.89 -45.29
C GLN D 360 3.34 36.99 -46.20
N GLU D 361 2.82 38.21 -46.06
CA GLU D 361 3.36 39.35 -46.80
C GLU D 361 4.82 39.73 -46.39
N THR D 362 5.50 38.80 -45.71
CA THR D 362 6.95 38.90 -45.45
C THR D 362 7.67 37.56 -45.58
N GLY D 363 7.05 36.50 -45.05
CA GLY D 363 7.75 35.25 -44.85
C GLY D 363 8.48 35.27 -43.52
N ALA D 364 8.57 36.48 -42.97
CA ALA D 364 9.22 36.76 -41.69
C ALA D 364 8.22 36.58 -40.58
N TRP D 365 8.69 36.04 -39.44
CA TRP D 365 7.78 35.79 -38.34
C TRP D 365 7.93 36.56 -37.04
N GLU D 366 7.13 37.61 -36.95
CA GLU D 366 7.00 38.48 -35.79
C GLU D 366 6.03 37.77 -34.86
N MET D 367 6.37 37.84 -33.58
CA MET D 367 5.54 37.37 -32.48
C MET D 367 4.51 38.39 -32.03
N LEU D 368 3.45 37.88 -31.41
CA LEU D 368 2.29 38.63 -30.92
C LEU D 368 1.95 38.33 -29.46
N ARG D 369 2.67 37.38 -28.85
CA ARG D 369 2.46 36.85 -27.48
C ARG D 369 3.61 35.94 -27.05
N PHE D 370 3.99 36.02 -25.77
CA PHE D 370 4.98 35.15 -25.11
C PHE D 370 4.28 34.11 -24.19
N ARG D 371 4.62 32.82 -24.31
CA ARG D 371 3.94 31.80 -23.47
C ARG D 371 4.69 31.27 -22.22
N ASP D 372 5.05 32.22 -21.36
CA ASP D 372 5.36 31.97 -19.93
C ASP D 372 4.44 30.88 -19.38
N ASP D 373 3.16 30.95 -19.78
CA ASP D 373 2.11 30.00 -19.43
C ASP D 373 2.45 28.51 -19.68
N LYS D 374 3.62 28.27 -20.29
CA LYS D 374 4.16 26.93 -20.58
C LYS D 374 5.63 26.87 -20.22
N LEU D 375 6.11 25.65 -20.02
CA LEU D 375 7.50 25.39 -19.64
C LEU D 375 8.46 25.83 -20.72
N ASN D 376 8.30 25.27 -21.92
CA ASN D 376 9.33 25.32 -22.98
C ASN D 376 8.78 25.61 -24.39
N GLY D 377 9.07 24.74 -25.36
CA GLY D 377 8.71 24.98 -26.76
C GLY D 377 7.66 24.04 -27.32
N ASN D 378 8.15 23.01 -28.02
CA ASN D 378 7.38 21.86 -28.50
C ASN D 378 8.38 20.83 -29.04
N HIS D 379 8.01 19.54 -28.98
CA HIS D 379 8.79 18.43 -29.55
C HIS D 379 8.90 18.68 -31.08
N THR D 380 10.09 18.47 -31.65
CA THR D 380 10.38 18.85 -33.05
C THR D 380 9.39 18.28 -34.09
N SER D 381 9.04 17.01 -33.91
CA SER D 381 8.07 16.31 -34.74
C SER D 381 6.78 17.12 -34.75
N VAL D 382 6.22 17.31 -33.56
CA VAL D 382 5.02 18.12 -33.30
C VAL D 382 5.14 19.53 -33.91
N VAL D 383 6.36 20.01 -34.13
CA VAL D 383 6.58 21.29 -34.83
C VAL D 383 6.55 21.12 -36.35
N GLN D 384 7.24 20.12 -36.86
CA GLN D 384 7.34 19.88 -38.31
C GLN D 384 5.97 19.64 -38.95
N LYS D 385 5.05 19.04 -38.19
CA LYS D 385 3.64 18.88 -38.57
C LYS D 385 2.93 20.22 -38.78
N VAL D 386 3.33 21.25 -38.03
CA VAL D 386 2.76 22.60 -38.18
C VAL D 386 3.46 23.36 -39.30
N LEU D 387 4.77 23.14 -39.45
CA LEU D 387 5.55 23.60 -40.61
C LEU D 387 4.84 23.22 -41.88
N GLU D 388 4.35 21.98 -41.87
CA GLU D 388 3.62 21.34 -42.95
C GLU D 388 2.46 22.21 -43.42
N SER D 389 1.61 22.65 -42.49
CA SER D 389 0.34 23.32 -42.82
C SER D 389 0.49 24.76 -43.33
N ILE D 390 1.56 25.43 -42.92
CA ILE D 390 1.80 26.83 -43.24
C ILE D 390 2.05 27.12 -44.73
N ASN D 391 2.63 26.17 -45.46
CA ASN D 391 2.92 26.36 -46.89
C ASN D 391 1.64 26.06 -47.66
N ASP D 392 0.88 25.14 -47.07
CA ASP D 392 -0.41 24.65 -47.54
C ASP D 392 -1.53 25.65 -47.19
N SER D 393 -1.22 26.60 -46.33
CA SER D 393 -2.11 27.71 -46.06
C SER D 393 -2.25 28.46 -47.37
N VAL D 394 -3.49 28.71 -47.76
CA VAL D 394 -3.81 29.33 -49.03
C VAL D 394 -4.69 30.52 -48.62
N SER D 395 -4.13 31.73 -48.68
CA SER D 395 -4.78 32.97 -48.26
C SER D 395 -6.23 33.17 -48.71
N LEU D 396 -6.93 34.13 -48.08
CA LEU D 396 -8.27 34.55 -48.49
C LEU D 396 -8.16 35.14 -49.87
N GLU D 397 -7.08 35.89 -50.10
CA GLU D 397 -6.82 36.48 -51.42
C GLU D 397 -6.35 35.44 -52.45
N ASP D 398 -5.77 34.36 -51.92
CA ASP D 398 -5.51 33.14 -52.70
C ASP D 398 -6.80 32.38 -53.12
N LEU D 399 -7.98 32.78 -52.61
CA LEU D 399 -9.26 32.13 -52.98
C LEU D 399 -10.25 33.08 -53.62
N GLU D 400 -10.24 34.33 -53.20
CA GLU D 400 -11.11 35.35 -53.78
C GLU D 400 -10.68 35.66 -55.23
N GLU D 401 -9.70 34.89 -55.70
CA GLU D 401 -9.24 34.84 -57.10
C GLU D 401 -9.93 33.71 -57.87
N ILE D 402 -10.37 32.67 -57.16
CA ILE D 402 -10.99 31.49 -57.78
C ILE D 402 -12.49 31.71 -58.08
N VAL D 403 -13.08 32.71 -57.40
CA VAL D 403 -14.48 33.14 -57.56
C VAL D 403 -15.12 32.82 -58.92
N GLY D 404 -14.77 33.61 -59.94
CA GLY D 404 -15.33 33.49 -61.29
C GLY D 404 -14.95 32.23 -62.02
N ASP D 405 -13.98 31.49 -61.48
CA ASP D 405 -13.44 30.29 -62.12
C ASP D 405 -14.16 28.99 -61.75
N ILE D 406 -14.57 28.84 -60.49
CA ILE D 406 -15.49 27.74 -60.16
C ILE D 406 -16.85 28.09 -60.74
N LYS D 407 -17.16 29.38 -60.75
CA LYS D 407 -18.41 29.94 -61.28
C LYS D 407 -18.50 29.81 -62.81
N ARG D 408 -17.37 29.57 -63.47
CA ARG D 408 -17.29 29.30 -64.91
C ARG D 408 -17.37 27.79 -65.22
N CYS D 409 -16.60 26.98 -64.49
CA CYS D 409 -16.62 25.52 -64.68
C CYS D 409 -17.95 24.91 -64.27
N TRP D 410 -18.49 25.43 -63.17
CA TRP D 410 -19.64 24.82 -62.49
C TRP D 410 -20.95 24.93 -63.30
N ASP D 411 -21.09 26.02 -64.08
CA ASP D 411 -22.09 26.06 -65.13
C ASP D 411 -21.79 25.03 -66.23
N GLU D 412 -20.56 25.02 -66.76
CA GLU D 412 -20.08 24.07 -67.80
C GLU D 412 -20.52 22.63 -67.49
N ARG D 413 -20.45 22.24 -66.22
CA ARG D 413 -20.91 20.91 -65.76
C ARG D 413 -22.38 20.64 -66.13
N ARG D 414 -23.22 21.65 -65.85
CA ARG D 414 -24.67 21.64 -66.06
C ARG D 414 -25.05 21.41 -67.54
N ALA D 415 -24.13 21.80 -68.44
CA ALA D 415 -24.27 21.59 -69.89
C ALA D 415 -23.55 20.34 -70.38
N ASN D 416 -22.39 20.01 -69.78
CA ASN D 416 -21.56 18.84 -70.12
C ASN D 416 -21.99 17.50 -69.50
N MET D 417 -22.92 17.57 -68.55
CA MET D 417 -23.65 16.40 -68.05
C MET D 417 -25.10 16.49 -68.56
#